data_3IRH
#
_entry.id   3IRH
#
_cell.length_a   149.253
_cell.length_b   188.660
_cell.length_c   67.822
_cell.angle_alpha   90.00
_cell.angle_beta   90.00
_cell.angle_gamma   90.00
#
_symmetry.space_group_name_H-M   'P 21 21 2'
#
loop_
_entity.id
_entity.type
_entity.pdbx_description
1 polymer 'HD domain protein'
2 non-polymer 'CALCIUM ION'
3 non-polymer "2'-DEOXYGUANOSINE-5'-TRIPHOSPHATE"
4 non-polymer "2'-DEOXYADENOSINE 5'-TRIPHOSPHATE"
5 water water
#
_entity_poly.entity_id   1
_entity_poly.type   'polypeptide(L)'
_entity_poly.pdbx_seq_one_letter_code
;MHHHHHHSSGVDLGTENLYFQSNAMTIPYKEQRLPIEKVFRDPVHNYIHVQHQVILDLINSAEVQRLRRIKQLGTSSFTF
HGAEHSRFSHSLGVYEITRRICEIFQRNYSVERLGENGWNDDERLITLCAALLHDVGHGPYSHTFEHIFDTNHEAITVQI
ITSPETEVYQILNRVSADFPEKVASVITKQYPNPQVVQMISSQIDADRMDYLLRDAYFTGTEYGTFDLTRILRVIRPYKG
GIAFAMNGMHAVEDYIVSRYQMYVQVYFHPVSRGMEVILDHLLHRAKELFENPEFDYDLQASLLVPFFKGDFTLQEYLKL
DDGVLSTYFTQWMDVPDSILGDLAKRFLMRKPLKSATFTNEKESAATIAYLRELIEKVGFNPKYYTAINSSYDLPYDFYR
PNKDRHRTQIELMQKDGSLVELATVSPLVAALAGQSQGDERFYFPKEMLDQGNKKHYDLFDETYREFSSYIHNGALVLKK
;
_entity_poly.pdbx_strand_id   A,B,C,D
#
loop_
_chem_comp.id
_chem_comp.type
_chem_comp.name
_chem_comp.formula
CA non-polymer 'CALCIUM ION' 'Ca 2'
DGT non-polymer 2'-DEOXYGUANOSINE-5'-TRIPHOSPHATE 'C10 H16 N5 O13 P3'
DTP non-polymer '2'-DEOXYADENOSINE 5'-TRIPHOSPHATE' 'C10 H16 N5 O12 P3'
#
# COMPACT_ATOMS: atom_id res chain seq x y z
N THR A 26 -40.83 5.14 23.49
CA THR A 26 -39.65 4.83 24.35
C THR A 26 -38.98 3.48 24.03
N ILE A 27 -37.73 3.55 23.57
CA ILE A 27 -36.90 2.36 23.35
C ILE A 27 -36.09 2.11 24.62
N PRO A 28 -35.99 0.84 25.06
CA PRO A 28 -35.03 0.55 26.13
C PRO A 28 -33.61 0.93 25.69
N TYR A 29 -32.81 1.45 26.62
CA TYR A 29 -31.45 1.91 26.34
C TYR A 29 -30.63 0.82 25.66
N LYS A 30 -30.79 -0.41 26.15
CA LYS A 30 -30.19 -1.62 25.55
C LYS A 30 -30.24 -1.63 24.01
N GLU A 31 -31.40 -1.26 23.46
CA GLU A 31 -31.64 -1.43 22.03
C GLU A 31 -31.58 -0.14 21.23
N GLN A 32 -31.34 0.99 21.90
CA GLN A 32 -31.32 2.30 21.24
C GLN A 32 -30.25 2.43 20.18
N ARG A 33 -30.69 2.54 18.94
CA ARG A 33 -29.81 2.75 17.80
C ARG A 33 -29.78 4.23 17.44
N LEU A 34 -28.64 4.68 16.91
CA LEU A 34 -28.53 6.05 16.42
C LEU A 34 -29.43 6.20 15.18
N PRO A 35 -30.09 7.36 15.05
CA PRO A 35 -30.94 7.55 13.86
C PRO A 35 -30.13 7.29 12.58
N ILE A 36 -28.84 7.63 12.64
CA ILE A 36 -27.91 7.46 11.53
C ILE A 36 -26.58 6.93 12.09
N GLU A 37 -26.11 5.82 11.51
CA GLU A 37 -24.81 5.25 11.84
C GLU A 37 -23.70 6.31 11.82
N LYS A 38 -22.93 6.37 12.91
CA LYS A 38 -21.79 7.25 13.03
C LYS A 38 -20.51 6.53 12.58
N VAL A 39 -19.73 7.17 11.71
CA VAL A 39 -18.45 6.62 11.27
C VAL A 39 -17.26 7.45 11.76
N PHE A 40 -16.20 6.76 12.15
CA PHE A 40 -14.97 7.35 12.60
C PHE A 40 -13.91 6.88 11.60
N ARG A 41 -13.35 7.79 10.81
CA ARG A 41 -12.21 7.47 9.93
C ARG A 41 -11.07 6.92 10.78
N ASP A 42 -10.54 5.78 10.35
CA ASP A 42 -9.45 5.07 11.02
C ASP A 42 -8.53 4.65 9.89
N PRO A 43 -7.24 5.03 9.95
CA PRO A 43 -6.33 4.64 8.88
C PRO A 43 -6.08 3.12 8.76
N VAL A 44 -6.41 2.36 9.79
CA VAL A 44 -6.18 0.92 9.78
C VAL A 44 -7.39 0.14 9.23
N HIS A 45 -8.60 0.47 9.70
CA HIS A 45 -9.78 -0.27 9.32
C HIS A 45 -10.66 0.51 8.35
N ASN A 46 -10.15 1.66 7.87
CA ASN A 46 -10.90 2.63 7.05
C ASN A 46 -11.92 3.40 7.90
N TYR A 47 -12.88 2.66 8.48
CA TYR A 47 -13.97 3.22 9.26
C TYR A 47 -14.23 2.42 10.51
N ILE A 48 -14.52 3.12 11.60
CA ILE A 48 -15.13 2.50 12.78
C ILE A 48 -16.63 2.84 12.72
N HIS A 49 -17.47 1.82 12.81
CA HIS A 49 -18.92 1.98 12.69
C HIS A 49 -19.57 1.88 14.07
N VAL A 50 -20.44 2.82 14.39
CA VAL A 50 -21.14 2.86 15.68
C VAL A 50 -22.65 3.01 15.42
N GLN A 51 -23.39 2.01 15.91
CA GLN A 51 -24.83 1.93 15.71
C GLN A 51 -25.63 2.06 17.01
N HIS A 52 -25.11 1.46 18.08
CA HIS A 52 -25.74 1.53 19.40
C HIS A 52 -25.43 2.84 20.10
N GLN A 53 -26.46 3.40 20.74
CA GLN A 53 -26.32 4.61 21.56
C GLN A 53 -25.41 4.40 22.77
N VAL A 54 -25.47 3.23 23.38
CA VAL A 54 -24.58 2.85 24.51
C VAL A 54 -23.11 3.07 24.16
N ILE A 55 -22.71 2.52 23.01
CA ILE A 55 -21.35 2.55 22.53
C ILE A 55 -20.85 3.98 22.28
N LEU A 56 -21.67 4.78 21.62
CA LEU A 56 -21.32 6.18 21.41
C LEU A 56 -21.14 6.89 22.75
N ASP A 57 -22.06 6.64 23.68
CA ASP A 57 -22.00 7.24 25.00
C ASP A 57 -20.71 6.83 25.72
N LEU A 58 -20.33 5.56 25.59
CA LEU A 58 -19.08 5.06 26.16
C LEU A 58 -17.83 5.67 25.53
N ILE A 59 -17.85 5.84 24.21
CA ILE A 59 -16.76 6.50 23.50
C ILE A 59 -16.54 7.92 24.03
N ASN A 60 -17.65 8.64 24.25
CA ASN A 60 -17.63 10.01 24.73
C ASN A 60 -17.39 10.16 26.24
N SER A 61 -17.34 9.05 26.97
CA SER A 61 -17.14 9.11 28.43
C SER A 61 -15.75 9.61 28.79
N ALA A 62 -15.71 10.45 29.81
CA ALA A 62 -14.45 10.97 30.36
C ALA A 62 -13.32 9.95 30.42
N GLU A 63 -13.64 8.73 30.88
CA GLU A 63 -12.63 7.68 31.11
C GLU A 63 -12.07 7.10 29.82
N VAL A 64 -12.88 7.08 28.76
CA VAL A 64 -12.38 6.63 27.45
C VAL A 64 -11.63 7.78 26.75
N GLN A 65 -12.19 9.00 26.76
CA GLN A 65 -11.52 10.17 26.19
C GLN A 65 -10.11 10.40 26.75
N ARG A 66 -9.92 9.99 28.01
N ARG A 66 -9.93 9.95 27.99
CA ARG A 66 -8.63 10.01 28.69
CA ARG A 66 -8.66 10.02 28.71
C ARG A 66 -7.56 9.31 27.85
C ARG A 66 -7.55 9.20 28.01
N LEU A 67 -7.96 8.19 27.24
CA LEU A 67 -7.01 7.32 26.50
C LEU A 67 -6.41 7.95 25.27
N ARG A 68 -6.98 9.06 24.83
CA ARG A 68 -6.42 9.92 23.81
C ARG A 68 -5.06 10.48 24.17
N ARG A 69 -4.82 10.61 25.48
CA ARG A 69 -3.60 11.26 25.96
C ARG A 69 -2.60 10.24 26.53
N ILE A 70 -2.75 9.00 26.10
CA ILE A 70 -1.88 7.91 26.55
C ILE A 70 -1.42 7.13 25.32
N LYS A 71 -0.10 7.07 25.12
CA LYS A 71 0.45 6.37 23.96
C LYS A 71 0.39 4.87 24.10
N GLN A 72 -0.03 4.23 23.02
CA GLN A 72 -0.16 2.78 22.97
C GLN A 72 1.17 2.06 23.19
N LEU A 73 2.23 2.58 22.57
CA LEU A 73 3.53 1.92 22.52
C LEU A 73 4.63 2.56 23.37
N GLY A 74 4.32 3.68 24.03
CA GLY A 74 5.22 4.23 25.05
C GLY A 74 6.55 4.75 24.55
N THR A 75 7.60 3.97 24.76
CA THR A 75 8.95 4.35 24.36
C THR A 75 9.39 3.87 22.96
N SER A 76 8.52 3.17 22.25
CA SER A 76 8.83 2.72 20.88
C SER A 76 9.00 3.88 19.90
N SER A 77 8.26 4.95 20.11
CA SER A 77 8.37 6.17 19.32
C SER A 77 9.80 6.72 19.23
N PHE A 78 10.63 6.44 20.24
CA PHE A 78 12.06 6.82 20.21
C PHE A 78 12.87 6.03 19.18
N THR A 79 12.34 4.88 18.76
CA THR A 79 12.98 4.06 17.72
C THR A 79 12.24 4.18 16.40
N PHE A 80 10.93 4.07 16.46
CA PHE A 80 10.05 4.23 15.30
C PHE A 80 9.21 5.50 15.53
N HIS A 81 9.66 6.63 15.00
CA HIS A 81 9.04 7.92 15.33
C HIS A 81 7.58 8.11 14.87
N GLY A 82 7.09 7.21 14.00
CA GLY A 82 5.69 7.23 13.58
C GLY A 82 4.75 6.67 14.65
N ALA A 83 5.29 5.89 15.60
CA ALA A 83 4.52 5.18 16.62
C ALA A 83 3.99 6.10 17.71
N GLU A 84 3.20 7.11 17.31
CA GLU A 84 2.68 8.10 18.23
C GLU A 84 1.18 7.92 18.53
N HIS A 85 0.63 6.79 18.06
CA HIS A 85 -0.80 6.50 18.19
C HIS A 85 -1.22 6.23 19.66
N SER A 86 -2.47 6.57 19.95
CA SER A 86 -3.02 6.55 21.30
C SER A 86 -3.70 5.23 21.63
N ARG A 87 -3.94 5.00 22.93
CA ARG A 87 -4.70 3.85 23.38
C ARG A 87 -6.17 3.94 22.98
N PHE A 88 -6.68 5.17 22.87
CA PHE A 88 -8.06 5.42 22.45
C PHE A 88 -8.33 4.84 21.06
N SER A 89 -7.39 5.08 20.15
CA SER A 89 -7.55 4.63 18.80
C SER A 89 -7.44 3.12 18.71
N HIS A 90 -6.56 2.52 19.50
CA HIS A 90 -6.53 1.06 19.66
C HIS A 90 -7.86 0.47 20.17
N SER A 91 -8.42 1.05 21.21
CA SER A 91 -9.70 0.59 21.78
C SER A 91 -10.89 0.65 20.80
N LEU A 92 -10.94 1.69 19.98
CA LEU A 92 -11.94 1.78 18.91
C LEU A 92 -11.75 0.68 17.88
N GLY A 93 -10.49 0.38 17.55
CA GLY A 93 -10.15 -0.69 16.61
C GLY A 93 -10.51 -2.08 17.13
N VAL A 94 -10.21 -2.35 18.41
CA VAL A 94 -10.64 -3.62 18.99
C VAL A 94 -12.17 -3.75 18.94
N TYR A 95 -12.88 -2.66 19.26
CA TYR A 95 -14.33 -2.63 19.11
C TYR A 95 -14.80 -2.90 17.65
N GLU A 96 -14.13 -2.28 16.68
CA GLU A 96 -14.55 -2.45 15.28
C GLU A 96 -14.34 -3.88 14.76
N ILE A 97 -13.20 -4.50 15.06
CA ILE A 97 -12.99 -5.91 14.68
C ILE A 97 -14.06 -6.79 15.34
N THR A 98 -14.27 -6.60 16.64
CA THR A 98 -15.29 -7.32 17.38
C THR A 98 -16.66 -7.23 16.71
N ARG A 99 -17.08 -6.00 16.40
CA ARG A 99 -18.30 -5.74 15.64
C ARG A 99 -18.39 -6.53 14.32
N ARG A 100 -17.29 -6.53 13.57
CA ARG A 100 -17.21 -7.32 12.32
C ARG A 100 -17.42 -8.83 12.57
N ILE A 101 -16.77 -9.36 13.61
CA ILE A 101 -16.99 -10.76 14.00
C ILE A 101 -18.44 -11.05 14.41
N CYS A 102 -19.01 -10.22 15.28
CA CYS A 102 -20.43 -10.35 15.66
C CYS A 102 -21.40 -10.32 14.46
N GLU A 103 -21.17 -9.39 13.52
CA GLU A 103 -21.98 -9.35 12.28
C GLU A 103 -21.89 -10.65 11.50
N ILE A 104 -20.67 -11.14 11.32
CA ILE A 104 -20.41 -12.39 10.56
C ILE A 104 -21.05 -13.58 11.25
N PHE A 105 -20.94 -13.63 12.58
CA PHE A 105 -21.52 -14.71 13.39
C PHE A 105 -23.04 -14.72 13.27
N GLN A 106 -23.68 -13.56 13.40
CA GLN A 106 -25.13 -13.50 13.31
C GLN A 106 -25.64 -13.85 11.92
N ARG A 107 -24.87 -13.47 10.91
CA ARG A 107 -25.26 -13.64 9.53
C ARG A 107 -25.13 -15.09 9.05
N ASN A 108 -24.14 -15.81 9.58
CA ASN A 108 -23.75 -17.11 9.08
C ASN A 108 -23.84 -18.26 10.07
N TYR A 109 -23.82 -17.94 11.36
CA TYR A 109 -23.58 -18.96 12.37
C TYR A 109 -24.42 -18.72 13.61
N SER A 110 -25.70 -18.43 13.42
CA SER A 110 -26.59 -18.16 14.54
C SER A 110 -27.04 -19.45 15.21
N VAL A 111 -27.44 -19.33 16.47
CA VAL A 111 -28.03 -20.42 17.23
C VAL A 111 -29.25 -20.96 16.49
N GLU A 112 -30.02 -20.04 15.88
CA GLU A 112 -31.21 -20.44 15.11
C GLU A 112 -30.90 -21.58 14.15
N ARG A 113 -29.70 -21.56 13.54
CA ARG A 113 -29.33 -22.60 12.60
C ARG A 113 -28.36 -23.67 13.14
N LEU A 114 -27.42 -23.27 13.99
CA LEU A 114 -26.37 -24.20 14.44
C LEU A 114 -26.58 -24.80 15.84
N GLY A 115 -27.55 -24.25 16.58
CA GLY A 115 -27.80 -24.67 17.95
C GLY A 115 -26.72 -24.23 18.92
N GLU A 116 -26.23 -25.20 19.70
CA GLU A 116 -25.22 -24.94 20.74
C GLU A 116 -23.87 -24.53 20.16
N ASN A 117 -23.63 -24.85 18.89
CA ASN A 117 -22.41 -24.40 18.22
C ASN A 117 -22.56 -23.04 17.53
N GLY A 118 -23.71 -22.41 17.72
CA GLY A 118 -24.02 -21.13 17.11
C GLY A 118 -23.78 -19.96 18.03
N TRP A 119 -23.99 -18.76 17.50
CA TRP A 119 -23.81 -17.52 18.22
C TRP A 119 -25.17 -16.96 18.63
N ASN A 120 -25.27 -16.55 19.88
CA ASN A 120 -26.47 -15.89 20.37
C ASN A 120 -26.27 -14.38 20.32
N ASP A 121 -27.00 -13.73 19.43
CA ASP A 121 -26.79 -12.30 19.16
C ASP A 121 -27.29 -11.38 20.26
N ASP A 122 -27.98 -11.95 21.26
CA ASP A 122 -28.24 -11.27 22.52
C ASP A 122 -26.96 -10.92 23.30
N GLU A 123 -25.85 -11.56 22.92
CA GLU A 123 -24.55 -11.33 23.54
C GLU A 123 -23.80 -10.16 22.91
N ARG A 124 -24.31 -9.64 21.80
CA ARG A 124 -23.60 -8.63 21.02
C ARG A 124 -23.16 -7.43 21.86
N LEU A 125 -24.11 -6.84 22.58
CA LEU A 125 -23.84 -5.60 23.30
C LEU A 125 -22.78 -5.78 24.38
N ILE A 126 -22.86 -6.87 25.13
CA ILE A 126 -21.86 -7.14 26.16
C ILE A 126 -20.46 -7.30 25.57
N THR A 127 -20.37 -8.02 24.46
CA THR A 127 -19.10 -8.25 23.77
C THR A 127 -18.49 -6.91 23.28
N LEU A 128 -19.32 -6.07 22.66
CA LEU A 128 -18.89 -4.77 22.15
C LEU A 128 -18.42 -3.80 23.23
N CYS A 129 -19.13 -3.78 24.37
CA CYS A 129 -18.79 -2.90 25.50
C CYS A 129 -17.47 -3.32 26.14
N ALA A 130 -17.27 -4.64 26.26
CA ALA A 130 -16.03 -5.22 26.81
C ALA A 130 -14.81 -5.01 25.91
N ALA A 131 -15.01 -5.15 24.61
CA ALA A 131 -13.97 -4.85 23.64
C ALA A 131 -13.55 -3.38 23.71
N LEU A 132 -14.52 -2.46 23.72
CA LEU A 132 -14.22 -1.03 23.87
C LEU A 132 -13.52 -0.66 25.22
N LEU A 133 -13.82 -1.42 26.28
CA LEU A 133 -13.38 -1.04 27.62
C LEU A 133 -12.18 -1.81 28.15
N HIS A 134 -11.71 -2.80 27.38
CA HIS A 134 -10.69 -3.73 27.88
C HIS A 134 -9.42 -3.03 28.37
N ASP A 135 -9.04 -1.94 27.73
CA ASP A 135 -7.80 -1.23 28.08
C ASP A 135 -8.00 0.05 28.86
N VAL A 136 -9.20 0.25 29.41
CA VAL A 136 -9.52 1.52 30.08
C VAL A 136 -8.68 1.79 31.33
N GLY A 137 -8.21 0.74 32.00
CA GLY A 137 -7.43 0.91 33.22
C GLY A 137 -5.98 1.27 33.00
N HIS A 138 -5.52 1.27 31.75
CA HIS A 138 -4.13 1.60 31.46
C HIS A 138 -3.83 3.04 31.79
N GLY A 139 -2.70 3.26 32.45
CA GLY A 139 -2.17 4.60 32.67
C GLY A 139 -0.99 4.85 31.74
N PRO A 140 -0.28 5.99 31.91
CA PRO A 140 0.88 6.31 31.08
C PRO A 140 2.04 5.34 31.32
N TYR A 141 2.71 4.94 30.23
CA TYR A 141 3.86 4.03 30.29
C TYR A 141 3.60 2.93 31.32
N SER A 142 2.52 2.17 31.11
CA SER A 142 1.97 1.36 32.19
C SER A 142 2.88 0.25 32.73
N HIS A 143 3.70 -0.35 31.86
CA HIS A 143 4.65 -1.39 32.31
C HIS A 143 5.67 -0.86 33.30
N THR A 144 6.23 0.31 33.00
CA THR A 144 7.19 0.95 33.89
C THR A 144 6.48 1.45 35.16
N PHE A 145 5.29 2.01 34.95
CA PHE A 145 4.51 2.60 36.03
C PHE A 145 4.09 1.54 37.06
N GLU A 146 3.66 0.38 36.57
CA GLU A 146 3.27 -0.74 37.43
C GLU A 146 4.45 -1.27 38.23
N HIS A 147 5.65 -1.18 37.65
CA HIS A 147 6.87 -1.61 38.32
C HIS A 147 7.30 -0.67 39.47
N ILE A 148 7.16 0.63 39.25
CA ILE A 148 7.61 1.62 40.23
C ILE A 148 6.54 1.90 41.28
N PHE A 149 5.27 1.83 40.89
CA PHE A 149 4.18 2.26 41.76
C PHE A 149 3.21 1.13 42.12
N ASP A 150 3.52 -0.09 41.67
CA ASP A 150 2.72 -1.31 41.92
C ASP A 150 1.24 -1.23 41.52
N THR A 151 0.98 -0.45 40.49
CA THR A 151 -0.32 -0.37 39.83
C THR A 151 -0.65 -1.72 39.16
N ASN A 152 -1.94 -1.96 38.93
CA ASN A 152 -2.38 -3.12 38.14
C ASN A 152 -3.51 -2.68 37.23
N HIS A 153 -3.24 -2.59 35.94
CA HIS A 153 -4.19 -1.99 35.01
C HIS A 153 -5.48 -2.81 34.86
N GLU A 154 -5.38 -4.13 35.05
CA GLU A 154 -6.55 -4.99 34.95
C GLU A 154 -7.52 -4.73 36.10
N ALA A 155 -6.99 -4.62 37.32
CA ALA A 155 -7.79 -4.34 38.50
C ALA A 155 -8.47 -2.99 38.38
N ILE A 156 -7.74 -2.02 37.83
CA ILE A 156 -8.25 -0.67 37.64
C ILE A 156 -9.30 -0.59 36.55
N THR A 157 -9.12 -1.35 35.46
CA THR A 157 -10.18 -1.54 34.46
C THR A 157 -11.48 -2.03 35.14
N VAL A 158 -11.36 -3.04 35.98
CA VAL A 158 -12.51 -3.58 36.70
C VAL A 158 -13.08 -2.57 37.68
N GLN A 159 -12.21 -1.74 38.25
CA GLN A 159 -12.62 -0.66 39.13
C GLN A 159 -13.39 0.44 38.39
N ILE A 160 -12.90 0.87 37.23
CA ILE A 160 -13.57 1.89 36.41
C ILE A 160 -14.96 1.44 35.97
N ILE A 161 -15.06 0.17 35.55
CA ILE A 161 -16.31 -0.42 35.08
C ILE A 161 -17.38 -0.58 36.20
N THR A 162 -16.95 -0.83 37.43
CA THR A 162 -17.87 -1.18 38.52
C THR A 162 -18.03 -0.13 39.66
N SER A 163 -17.37 1.01 39.55
CA SER A 163 -17.46 2.04 40.58
C SER A 163 -18.38 3.16 40.13
N PRO A 164 -19.44 3.43 40.93
CA PRO A 164 -20.47 4.44 40.63
C PRO A 164 -19.99 5.87 40.27
N GLU A 165 -18.84 6.28 40.80
CA GLU A 165 -18.27 7.62 40.55
C GLU A 165 -17.85 7.83 39.07
N THR A 166 -17.83 6.75 38.32
CA THR A 166 -17.33 6.74 36.96
C THR A 166 -18.48 6.90 35.94
N GLU A 167 -18.21 7.65 34.86
CA GLU A 167 -19.17 7.81 33.76
C GLU A 167 -19.43 6.50 33.03
N VAL A 168 -18.37 5.71 32.87
CA VAL A 168 -18.45 4.35 32.33
C VAL A 168 -19.51 3.55 33.11
N TYR A 169 -19.36 3.50 34.44
CA TYR A 169 -20.34 2.79 35.26
C TYR A 169 -21.75 3.32 35.08
N GLN A 170 -21.91 4.64 35.13
CA GLN A 170 -23.22 5.26 34.94
C GLN A 170 -23.87 4.84 33.61
N ILE A 171 -23.08 4.81 32.54
CA ILE A 171 -23.60 4.36 31.26
C ILE A 171 -24.02 2.89 31.27
N LEU A 172 -23.19 2.03 31.87
CA LEU A 172 -23.46 0.60 31.87
C LEU A 172 -24.64 0.24 32.77
N ASN A 173 -24.75 0.94 33.90
CA ASN A 173 -25.84 0.73 34.85
C ASN A 173 -27.24 1.05 34.27
N ARG A 174 -27.28 1.91 33.26
N ARG A 174 -27.27 1.89 33.25
CA ARG A 174 -28.55 2.22 32.57
CA ARG A 174 -28.50 2.26 32.56
C ARG A 174 -29.04 1.05 31.71
C ARG A 174 -28.99 1.15 31.61
N VAL A 175 -28.10 0.23 31.23
CA VAL A 175 -28.43 -0.89 30.34
C VAL A 175 -29.33 -1.93 31.05
N SER A 176 -28.82 -2.50 32.13
CA SER A 176 -29.59 -3.38 33.01
C SER A 176 -28.90 -3.40 34.36
N ALA A 177 -29.55 -4.01 35.35
CA ALA A 177 -29.10 -3.97 36.75
C ALA A 177 -27.68 -4.51 36.93
N ASP A 178 -27.46 -5.73 36.45
CA ASP A 178 -26.21 -6.44 36.67
C ASP A 178 -25.15 -6.22 35.58
N PHE A 179 -25.44 -5.32 34.64
CA PHE A 179 -24.62 -5.14 33.43
C PHE A 179 -23.16 -4.72 33.65
N PRO A 180 -22.91 -3.73 34.54
CA PRO A 180 -21.52 -3.37 34.83
C PRO A 180 -20.67 -4.57 35.25
N GLU A 181 -21.13 -5.32 36.24
CA GLU A 181 -20.40 -6.48 36.74
C GLU A 181 -20.36 -7.61 35.71
N LYS A 182 -21.37 -7.69 34.86
CA LYS A 182 -21.36 -8.64 33.76
C LYS A 182 -20.23 -8.33 32.78
N VAL A 183 -20.19 -7.07 32.32
CA VAL A 183 -19.12 -6.55 31.47
C VAL A 183 -17.72 -6.78 32.05
N ALA A 184 -17.53 -6.49 33.34
CA ALA A 184 -16.25 -6.71 33.99
C ALA A 184 -15.88 -8.18 34.02
N SER A 185 -16.89 -9.05 34.16
CA SER A 185 -16.66 -10.50 34.23
C SER A 185 -16.17 -11.09 32.91
N VAL A 186 -16.48 -10.40 31.80
CA VAL A 186 -15.95 -10.76 30.49
C VAL A 186 -14.45 -10.52 30.48
N ILE A 187 -14.06 -9.33 30.96
CA ILE A 187 -12.66 -8.91 31.02
C ILE A 187 -11.83 -9.80 31.94
N THR A 188 -12.41 -10.23 33.05
CA THR A 188 -11.73 -11.13 33.98
C THR A 188 -11.84 -12.58 33.51
N LYS A 189 -12.60 -12.82 32.43
CA LYS A 189 -12.79 -14.15 31.81
C LYS A 189 -13.67 -15.10 32.63
N GLN A 190 -14.50 -14.55 33.50
CA GLN A 190 -15.37 -15.36 34.35
C GLN A 190 -16.76 -15.47 33.74
N TYR A 191 -17.00 -14.68 32.70
CA TYR A 191 -18.26 -14.69 32.01
C TYR A 191 -18.54 -16.11 31.46
N PRO A 192 -19.72 -16.66 31.72
CA PRO A 192 -19.97 -18.06 31.34
C PRO A 192 -20.32 -18.30 29.86
N ASN A 193 -19.79 -17.51 28.95
CA ASN A 193 -19.95 -17.77 27.53
C ASN A 193 -18.57 -17.69 26.87
N PRO A 194 -17.98 -18.84 26.50
CA PRO A 194 -16.62 -18.86 25.94
C PRO A 194 -16.48 -18.13 24.61
N GLN A 195 -17.55 -18.08 23.83
CA GLN A 195 -17.58 -17.34 22.57
C GLN A 195 -17.36 -15.85 22.82
N VAL A 196 -17.92 -15.35 23.92
CA VAL A 196 -17.77 -13.95 24.31
C VAL A 196 -16.37 -13.71 24.90
N VAL A 197 -15.97 -14.56 25.84
CA VAL A 197 -14.64 -14.46 26.47
C VAL A 197 -13.48 -14.55 25.47
N GLN A 198 -13.52 -15.50 24.55
CA GLN A 198 -12.41 -15.69 23.59
C GLN A 198 -12.36 -14.67 22.46
N MET A 199 -13.43 -13.89 22.31
CA MET A 199 -13.44 -12.85 21.31
C MET A 199 -12.65 -11.67 21.83
N ILE A 200 -12.64 -11.50 23.15
CA ILE A 200 -11.98 -10.38 23.79
C ILE A 200 -10.55 -10.79 24.14
N SER A 201 -10.40 -12.04 24.59
CA SER A 201 -9.13 -12.50 25.14
C SER A 201 -8.89 -13.96 24.83
N SER A 202 -7.95 -14.21 23.93
CA SER A 202 -7.49 -15.55 23.60
C SER A 202 -6.11 -15.43 22.96
N GLN A 203 -5.65 -16.49 22.30
CA GLN A 203 -4.42 -16.41 21.53
C GLN A 203 -4.62 -15.71 20.19
N ILE A 204 -5.86 -15.41 19.81
CA ILE A 204 -6.17 -14.80 18.52
C ILE A 204 -7.43 -13.92 18.58
N ASP A 205 -7.44 -13.01 19.55
CA ASP A 205 -8.58 -12.18 19.84
C ASP A 205 -8.50 -10.85 19.06
N ALA A 206 -9.59 -10.09 19.06
CA ALA A 206 -9.66 -8.80 18.38
C ALA A 206 -8.58 -7.85 18.87
N ASP A 207 -8.23 -7.98 20.15
CA ASP A 207 -7.23 -7.16 20.79
C ASP A 207 -5.85 -7.30 20.16
N ARG A 208 -5.37 -8.53 20.06
CA ARG A 208 -4.09 -8.84 19.41
C ARG A 208 -4.11 -8.42 17.97
N MET A 209 -5.20 -8.74 17.29
CA MET A 209 -5.34 -8.43 15.88
C MET A 209 -5.28 -6.93 15.62
N ASP A 210 -5.87 -6.11 16.48
CA ASP A 210 -5.85 -4.68 16.19
C ASP A 210 -4.48 -4.10 16.42
N TYR A 211 -3.85 -4.44 17.55
CA TYR A 211 -2.57 -3.83 17.86
C TYR A 211 -1.44 -4.30 16.93
N LEU A 212 -1.41 -5.58 16.54
CA LEU A 212 -0.46 -6.00 15.50
C LEU A 212 -0.64 -5.13 14.25
N LEU A 213 -1.88 -4.96 13.78
CA LEU A 213 -2.14 -4.16 12.57
C LEU A 213 -1.83 -2.69 12.77
N ARG A 214 -2.27 -2.15 13.91
CA ARG A 214 -2.14 -0.73 14.18
C ARG A 214 -0.68 -0.38 14.41
N ASP A 215 0.01 -1.17 15.24
CA ASP A 215 1.44 -0.98 15.51
C ASP A 215 2.29 -1.05 14.22
N ALA A 216 2.08 -2.09 13.39
CA ALA A 216 2.74 -2.15 12.08
C ALA A 216 2.50 -0.92 11.20
N TYR A 217 1.27 -0.40 11.20
CA TYR A 217 0.86 0.72 10.35
C TYR A 217 1.56 2.03 10.77
N PHE A 218 1.65 2.24 12.07
CA PHE A 218 2.21 3.48 12.59
C PHE A 218 3.74 3.48 12.70
N THR A 219 4.34 2.32 13.03
CA THR A 219 5.80 2.19 12.98
C THR A 219 6.35 2.20 11.55
N GLY A 220 5.50 1.84 10.58
CA GLY A 220 5.92 1.78 9.18
C GLY A 220 6.65 0.50 8.85
N THR A 221 6.55 -0.50 9.72
CA THR A 221 7.13 -1.83 9.46
C THR A 221 6.10 -2.69 8.76
N GLU A 222 6.53 -3.42 7.74
CA GLU A 222 5.59 -4.27 7.00
C GLU A 222 5.18 -5.53 7.76
N TYR A 223 5.99 -5.92 8.74
CA TYR A 223 5.92 -7.27 9.34
C TYR A 223 4.54 -7.64 9.90
N GLY A 224 4.01 -6.80 10.79
CA GLY A 224 2.74 -7.07 11.46
C GLY A 224 1.49 -6.89 10.63
N THR A 225 1.63 -6.90 9.30
CA THR A 225 0.50 -6.86 8.36
C THR A 225 0.15 -8.27 7.84
N PHE A 226 -0.92 -8.83 8.41
CA PHE A 226 -1.53 -10.08 7.95
C PHE A 226 -2.91 -9.67 7.40
N ASP A 227 -3.62 -10.56 6.72
CA ASP A 227 -4.89 -10.18 6.12
C ASP A 227 -6.09 -10.47 7.02
N LEU A 228 -6.57 -9.42 7.67
CA LEU A 228 -7.69 -9.51 8.58
C LEU A 228 -8.92 -10.06 7.89
N THR A 229 -9.18 -9.58 6.67
CA THR A 229 -10.29 -10.03 5.83
C THR A 229 -10.35 -11.56 5.65
N ARG A 230 -9.19 -12.18 5.46
CA ARG A 230 -9.09 -13.63 5.26
C ARG A 230 -9.42 -14.40 6.53
N ILE A 231 -9.00 -13.86 7.66
CA ILE A 231 -9.28 -14.45 8.97
C ILE A 231 -10.77 -14.35 9.30
N LEU A 232 -11.35 -13.18 9.04
CA LEU A 232 -12.77 -12.98 9.27
C LEU A 232 -13.67 -13.86 8.38
N ARG A 233 -13.13 -14.24 7.22
CA ARG A 233 -13.80 -15.16 6.29
C ARG A 233 -13.93 -16.57 6.87
N VAL A 234 -13.01 -16.95 7.76
CA VAL A 234 -12.97 -18.32 8.29
C VAL A 234 -13.28 -18.44 9.79
N ILE A 235 -13.32 -17.33 10.50
CA ILE A 235 -13.64 -17.32 11.93
C ILE A 235 -15.03 -17.89 12.16
N ARG A 236 -15.23 -18.56 13.29
CA ARG A 236 -16.40 -19.35 13.51
C ARG A 236 -16.60 -19.58 15.01
N PRO A 237 -17.87 -19.56 15.50
CA PRO A 237 -18.11 -20.02 16.87
C PRO A 237 -18.34 -21.52 16.94
N TYR A 238 -18.19 -22.10 18.12
CA TYR A 238 -18.62 -23.47 18.41
C TYR A 238 -18.92 -23.55 19.90
N LYS A 239 -19.34 -24.73 20.36
CA LYS A 239 -19.74 -24.92 21.76
C LYS A 239 -18.69 -24.38 22.77
N GLY A 240 -17.41 -24.58 22.47
CA GLY A 240 -16.34 -24.22 23.38
C GLY A 240 -15.57 -22.94 23.11
N GLY A 241 -16.09 -22.11 22.20
CA GLY A 241 -15.50 -20.81 21.93
C GLY A 241 -15.42 -20.49 20.46
N ILE A 242 -14.23 -20.06 20.04
CA ILE A 242 -14.01 -19.58 18.67
C ILE A 242 -13.01 -20.46 17.92
N ALA A 243 -13.38 -20.83 16.70
CA ALA A 243 -12.57 -21.68 15.85
C ALA A 243 -12.42 -21.06 14.46
N PHE A 244 -11.56 -21.67 13.65
CA PHE A 244 -11.23 -21.15 12.33
C PHE A 244 -11.30 -22.28 11.34
N ALA A 245 -12.09 -22.11 10.29
CA ALA A 245 -12.24 -23.18 9.29
C ALA A 245 -10.89 -23.63 8.76
N MET A 246 -10.73 -24.93 8.59
CA MET A 246 -9.48 -25.52 8.09
C MET A 246 -9.01 -24.90 6.76
N ASN A 247 -9.94 -24.63 5.86
CA ASN A 247 -9.59 -24.03 4.55
C ASN A 247 -9.01 -22.62 4.66
N GLY A 248 -8.90 -22.11 5.88
CA GLY A 248 -8.30 -20.80 6.11
C GLY A 248 -7.07 -20.84 6.99
N MET A 249 -6.47 -22.02 7.12
CA MET A 249 -5.28 -22.21 7.95
C MET A 249 -4.12 -21.25 7.65
N HIS A 250 -3.93 -20.94 6.37
CA HIS A 250 -2.80 -20.16 5.93
C HIS A 250 -2.90 -18.71 6.34
N ALA A 251 -4.13 -18.21 6.42
CA ALA A 251 -4.37 -16.86 6.92
C ALA A 251 -4.09 -16.80 8.42
N VAL A 252 -4.41 -17.88 9.13
CA VAL A 252 -4.09 -17.99 10.56
C VAL A 252 -2.59 -18.09 10.76
N GLU A 253 -1.94 -18.97 9.99
CA GLU A 253 -0.50 -19.06 9.93
C GLU A 253 0.18 -17.70 9.85
N ASP A 254 -0.26 -16.87 8.89
CA ASP A 254 0.33 -15.54 8.72
C ASP A 254 0.07 -14.55 9.87
N TYR A 255 -1.00 -14.76 10.64
CA TYR A 255 -1.21 -13.96 11.85
C TYR A 255 -0.08 -14.26 12.84
N ILE A 256 0.21 -15.55 13.04
CA ILE A 256 1.32 -15.99 13.88
C ILE A 256 2.66 -15.42 13.40
N VAL A 257 2.86 -15.44 12.07
CA VAL A 257 4.06 -14.90 11.45
C VAL A 257 4.23 -13.41 11.76
N SER A 258 3.18 -12.63 11.53
CA SER A 258 3.16 -11.22 11.90
C SER A 258 3.44 -11.01 13.39
N ARG A 259 2.77 -11.79 14.24
CA ARG A 259 2.95 -11.71 15.69
C ARG A 259 4.41 -11.91 16.11
N TYR A 260 4.99 -13.03 15.68
CA TYR A 260 6.42 -13.28 15.84
C TYR A 260 7.29 -12.12 15.33
N GLN A 261 7.07 -11.69 14.09
CA GLN A 261 7.83 -10.59 13.48
C GLN A 261 7.77 -9.26 14.27
N MET A 262 6.59 -8.89 14.78
CA MET A 262 6.45 -7.67 15.61
C MET A 262 7.11 -7.74 16.99
N TYR A 263 7.04 -8.92 17.61
CA TYR A 263 7.75 -9.17 18.87
C TYR A 263 9.24 -8.93 18.71
N VAL A 264 9.86 -9.69 17.80
CA VAL A 264 11.33 -9.64 17.69
C VAL A 264 11.86 -8.34 17.07
N GLN A 265 11.06 -7.66 16.26
CA GLN A 265 11.61 -6.52 15.53
C GLN A 265 11.17 -5.17 16.07
N VAL A 266 10.07 -5.15 16.82
CA VAL A 266 9.52 -3.89 17.33
C VAL A 266 9.49 -3.86 18.85
N TYR A 267 8.72 -4.76 19.46
CA TYR A 267 8.47 -4.70 20.89
C TYR A 267 9.73 -4.96 21.70
N PHE A 268 10.60 -5.83 21.19
CA PHE A 268 11.84 -6.21 21.89
C PHE A 268 13.07 -5.39 21.49
N HIS A 269 12.86 -4.31 20.71
CA HIS A 269 13.97 -3.48 20.25
C HIS A 269 14.76 -2.90 21.44
N PRO A 270 16.10 -3.12 21.44
CA PRO A 270 16.99 -2.70 22.53
C PRO A 270 17.07 -1.18 22.71
N VAL A 271 16.88 -0.43 21.63
CA VAL A 271 16.94 1.02 21.73
C VAL A 271 15.71 1.61 22.44
N SER A 272 14.51 1.12 22.11
CA SER A 272 13.30 1.48 22.84
C SER A 272 13.45 1.07 24.32
N ARG A 273 13.98 -0.12 24.54
CA ARG A 273 14.20 -0.65 25.88
C ARG A 273 15.24 0.17 26.69
N GLY A 274 16.32 0.62 26.04
CA GLY A 274 17.27 1.57 26.62
C GLY A 274 16.59 2.81 27.19
N MET A 275 15.62 3.35 26.45
CA MET A 275 14.79 4.47 26.92
C MET A 275 13.86 4.10 28.08
N GLU A 276 13.31 2.88 28.04
N GLU A 276 13.32 2.86 28.01
CA GLU A 276 12.45 2.40 29.12
CA GLU A 276 12.46 2.28 29.08
C GLU A 276 13.25 2.33 30.43
C GLU A 276 13.20 2.21 30.40
N VAL A 277 14.48 1.84 30.34
CA VAL A 277 15.34 1.68 31.52
C VAL A 277 15.62 3.03 32.22
N ILE A 278 15.87 4.06 31.42
CA ILE A 278 16.03 5.44 31.90
C ILE A 278 14.79 5.93 32.63
N LEU A 279 13.63 5.70 32.02
CA LEU A 279 12.35 6.14 32.54
C LEU A 279 12.03 5.50 33.89
N ASP A 280 12.24 4.19 33.95
CA ASP A 280 12.11 3.40 35.16
C ASP A 280 12.94 4.01 36.29
N HIS A 281 14.19 4.36 36.00
CA HIS A 281 15.11 4.86 37.02
C HIS A 281 14.84 6.31 37.39
N LEU A 282 14.27 7.07 36.46
CA LEU A 282 13.95 8.47 36.72
C LEU A 282 12.82 8.56 37.74
N LEU A 283 11.78 7.76 37.54
CA LEU A 283 10.66 7.68 38.44
C LEU A 283 11.07 7.07 39.79
N HIS A 284 11.95 6.08 39.73
CA HIS A 284 12.46 5.45 40.93
C HIS A 284 13.21 6.47 41.81
N ARG A 285 14.15 7.20 41.21
CA ARG A 285 14.89 8.26 41.89
C ARG A 285 13.97 9.31 42.52
N ALA A 286 12.91 9.67 41.80
CA ALA A 286 11.93 10.65 42.28
C ALA A 286 11.15 10.17 43.51
N LYS A 287 10.74 8.89 43.48
CA LYS A 287 10.06 8.26 44.59
C LYS A 287 10.98 8.26 45.78
N GLU A 288 12.23 7.84 45.56
CA GLU A 288 13.26 7.81 46.61
C GLU A 288 13.53 9.17 47.23
N LEU A 289 13.62 10.20 46.40
CA LEU A 289 13.83 11.55 46.89
C LEU A 289 12.67 12.01 47.75
N PHE A 290 11.45 11.73 47.29
CA PHE A 290 10.24 12.06 48.03
C PHE A 290 10.10 11.36 49.39
N GLU A 291 10.52 10.08 49.45
CA GLU A 291 10.39 9.28 50.68
C GLU A 291 11.31 9.80 51.78
N ASN A 292 12.53 10.13 51.35
CA ASN A 292 13.58 10.59 52.24
C ASN A 292 13.30 11.99 52.79
N PRO A 293 13.10 12.11 54.12
CA PRO A 293 12.86 13.41 54.78
C PRO A 293 14.06 14.36 54.76
N GLU A 294 15.26 13.82 54.52
CA GLU A 294 16.48 14.61 54.46
C GLU A 294 16.55 15.43 53.17
N PHE A 295 15.92 14.94 52.11
CA PHE A 295 15.86 15.70 50.86
C PHE A 295 14.77 16.78 50.94
N ASP A 296 15.21 18.03 51.04
CA ASP A 296 14.32 19.16 51.31
C ASP A 296 13.45 19.57 50.12
N TYR A 297 14.06 19.62 48.94
CA TYR A 297 13.48 20.31 47.79
C TYR A 297 12.15 19.72 47.31
N ASP A 298 11.28 20.59 46.80
CA ASP A 298 9.98 20.18 46.31
C ASP A 298 10.07 19.72 44.85
N LEU A 299 9.65 18.49 44.61
CA LEU A 299 9.66 17.90 43.26
C LEU A 299 8.55 18.47 42.38
N GLN A 300 7.70 19.31 42.98
CA GLN A 300 6.55 19.96 42.33
C GLN A 300 5.84 19.07 41.30
N ALA A 301 5.47 17.88 41.78
CA ALA A 301 4.82 16.87 40.94
C ALA A 301 3.63 16.33 41.71
N SER A 302 2.63 17.18 41.89
CA SER A 302 1.55 16.94 42.85
C SER A 302 0.64 15.77 42.51
N LEU A 303 0.47 15.50 41.21
CA LEU A 303 -0.36 14.38 40.75
C LEU A 303 0.33 13.02 40.93
N LEU A 304 1.63 13.04 41.21
CA LEU A 304 2.37 11.81 41.43
C LEU A 304 2.59 11.51 42.90
N VAL A 305 2.27 12.49 43.73
CA VAL A 305 2.42 12.41 45.19
C VAL A 305 1.68 11.24 45.84
N PRO A 306 0.39 11.03 45.50
CA PRO A 306 -0.31 9.86 46.07
C PRO A 306 0.32 8.54 45.68
N PHE A 307 1.04 8.52 44.57
CA PHE A 307 1.76 7.33 44.11
C PHE A 307 3.14 7.18 44.78
N PHE A 308 3.85 8.30 44.92
CA PHE A 308 5.06 8.37 45.74
C PHE A 308 4.82 7.80 47.14
N LYS A 309 3.73 8.27 47.79
CA LYS A 309 3.31 7.82 49.12
C LYS A 309 2.73 6.39 49.16
N GLY A 310 2.44 5.80 48.00
CA GLY A 310 1.85 4.46 47.93
C GLY A 310 0.33 4.39 48.09
N ASP A 311 -0.28 5.49 48.52
CA ASP A 311 -1.71 5.56 48.83
C ASP A 311 -2.43 6.51 47.87
N PHE A 312 -3.22 5.95 46.96
CA PHE A 312 -3.92 6.72 45.94
C PHE A 312 -5.34 6.27 45.70
N THR A 313 -6.18 7.20 45.24
CA THR A 313 -7.58 6.92 44.88
C THR A 313 -7.70 6.74 43.37
N LEU A 314 -8.87 6.27 42.92
CA LEU A 314 -9.13 6.07 41.49
C LEU A 314 -9.09 7.39 40.72
N GLN A 315 -9.68 8.43 41.30
CA GLN A 315 -9.75 9.73 40.64
C GLN A 315 -8.34 10.28 40.40
N GLU A 316 -7.48 10.14 41.40
CA GLU A 316 -6.07 10.51 41.29
C GLU A 316 -5.34 9.79 40.14
N TYR A 317 -5.61 8.49 40.00
CA TYR A 317 -5.11 7.71 38.89
C TYR A 317 -5.63 8.22 37.55
N LEU A 318 -6.93 8.55 37.50
CA LEU A 318 -7.56 8.99 36.26
C LEU A 318 -7.03 10.33 35.74
N LYS A 319 -6.40 11.08 36.63
CA LYS A 319 -5.79 12.36 36.25
C LYS A 319 -4.47 12.20 35.45
N LEU A 320 -3.88 11.02 35.47
CA LEU A 320 -2.55 10.81 34.91
C LEU A 320 -2.53 10.49 33.43
N ASP A 321 -1.57 11.07 32.73
CA ASP A 321 -1.31 10.70 31.35
C ASP A 321 0.13 11.02 30.98
N ASP A 322 0.51 10.69 29.74
CA ASP A 322 1.87 10.88 29.25
C ASP A 322 2.37 12.33 29.45
N GLY A 323 1.55 13.29 29.00
CA GLY A 323 1.86 14.70 29.12
C GLY A 323 2.16 15.16 30.53
N VAL A 324 1.53 14.51 31.52
CA VAL A 324 1.78 14.84 32.92
C VAL A 324 3.20 14.45 33.31
N LEU A 325 3.62 13.27 32.90
CA LEU A 325 4.96 12.82 33.20
C LEU A 325 6.00 13.73 32.57
N SER A 326 5.89 13.96 31.27
CA SER A 326 6.90 14.79 30.60
C SER A 326 6.95 16.20 31.17
N THR A 327 5.80 16.72 31.60
CA THR A 327 5.73 18.06 32.20
C THR A 327 6.56 18.11 33.49
N TYR A 328 6.43 17.06 34.29
CA TYR A 328 7.24 16.90 35.50
C TYR A 328 8.71 16.67 35.22
N PHE A 329 9.04 15.92 34.17
CA PHE A 329 10.46 15.70 33.84
C PHE A 329 11.17 17.00 33.48
N THR A 330 10.49 17.88 32.75
CA THR A 330 11.02 19.20 32.43
C THR A 330 11.37 19.98 33.69
N GLN A 331 10.46 19.97 34.67
CA GLN A 331 10.73 20.58 35.96
C GLN A 331 11.91 19.91 36.66
N TRP A 332 11.92 18.57 36.68
CA TRP A 332 12.99 17.83 37.35
C TRP A 332 14.39 18.07 36.83
N MET A 333 14.50 18.53 35.57
CA MET A 333 15.78 18.89 34.97
C MET A 333 16.52 19.97 35.76
N ASP A 334 15.77 20.79 36.48
CA ASP A 334 16.33 21.87 37.29
C ASP A 334 16.21 21.64 38.81
N VAL A 335 15.76 20.45 39.21
CA VAL A 335 15.76 20.05 40.63
C VAL A 335 17.20 19.74 41.07
N PRO A 336 17.67 20.39 42.16
CA PRO A 336 19.06 20.20 42.64
C PRO A 336 19.38 18.77 43.12
N ASP A 337 19.19 17.78 42.23
CA ASP A 337 19.69 16.43 42.41
C ASP A 337 20.35 16.00 41.12
N SER A 338 21.65 15.78 41.16
CA SER A 338 22.41 15.53 39.92
C SER A 338 21.87 14.33 39.14
N ILE A 339 21.53 13.25 39.85
CA ILE A 339 21.01 12.04 39.23
C ILE A 339 19.63 12.27 38.59
N LEU A 340 18.69 12.79 39.36
CA LEU A 340 17.34 13.07 38.88
C LEU A 340 17.33 14.04 37.70
N GLY A 341 18.08 15.14 37.81
CA GLY A 341 18.21 16.12 36.75
C GLY A 341 18.84 15.53 35.49
N ASP A 342 19.87 14.70 35.67
CA ASP A 342 20.53 14.06 34.54
C ASP A 342 19.63 13.06 33.83
N LEU A 343 18.91 12.23 34.58
CA LEU A 343 18.02 11.24 33.99
C LEU A 343 16.80 11.85 33.30
N ALA A 344 16.26 12.95 33.82
CA ALA A 344 15.19 13.70 33.17
C ALA A 344 15.67 14.26 31.82
N LYS A 345 16.89 14.83 31.84
CA LYS A 345 17.60 15.24 30.63
C LYS A 345 17.73 14.12 29.60
N ARG A 346 18.27 12.96 30.01
CA ARG A 346 18.41 11.81 29.10
C ARG A 346 17.09 11.32 28.48
N PHE A 347 16.01 11.36 29.25
CA PHE A 347 14.72 10.97 28.71
C PHE A 347 14.18 12.00 27.72
N LEU A 348 14.24 13.27 28.08
CA LEU A 348 13.68 14.33 27.26
C LEU A 348 14.49 14.59 26.02
N MET A 349 15.81 14.36 26.11
CA MET A 349 16.75 14.64 25.03
C MET A 349 17.09 13.40 24.22
N ARG A 350 16.56 12.25 24.63
CA ARG A 350 16.80 10.96 23.96
C ARG A 350 18.29 10.57 24.06
N LYS A 351 18.69 10.12 25.24
CA LYS A 351 20.03 9.60 25.45
C LYS A 351 19.91 8.18 26.02
N PRO A 352 19.54 7.21 25.16
CA PRO A 352 19.30 5.86 25.69
C PRO A 352 20.56 5.18 26.18
N LEU A 353 20.41 4.30 27.16
CA LEU A 353 21.52 3.45 27.59
C LEU A 353 21.82 2.43 26.49
N LYS A 354 23.09 2.03 26.38
CA LYS A 354 23.46 0.95 25.47
C LYS A 354 23.26 -0.35 26.21
N SER A 355 23.43 -1.48 25.53
CA SER A 355 23.20 -2.78 26.17
C SER A 355 24.00 -3.90 25.51
N ALA A 356 24.17 -4.99 26.24
CA ALA A 356 24.80 -6.19 25.72
C ALA A 356 24.03 -7.39 26.21
N THR A 357 23.97 -8.44 25.38
CA THR A 357 23.32 -9.68 25.79
C THR A 357 24.23 -10.56 26.64
N PHE A 358 23.59 -11.39 27.46
CA PHE A 358 24.27 -12.47 28.15
C PHE A 358 23.27 -13.62 28.27
N THR A 359 23.75 -14.82 28.60
CA THR A 359 22.90 -16.00 28.66
C THR A 359 22.10 -16.07 29.97
N ASN A 360 22.78 -16.28 31.10
CA ASN A 360 22.11 -16.38 32.39
C ASN A 360 22.77 -15.61 33.53
N GLU A 361 21.94 -15.08 34.43
CA GLU A 361 22.37 -14.25 35.57
C GLU A 361 23.42 -14.92 36.46
N LYS A 362 23.31 -16.24 36.60
CA LYS A 362 24.20 -17.03 37.44
C LYS A 362 25.64 -17.01 36.91
N GLU A 363 25.83 -17.46 35.67
CA GLU A 363 27.15 -17.51 35.05
C GLU A 363 27.77 -16.11 34.83
N SER A 364 26.93 -15.14 34.45
CA SER A 364 27.37 -13.77 34.17
C SER A 364 27.53 -12.84 35.37
N ALA A 365 27.37 -13.37 36.58
CA ALA A 365 27.23 -12.54 37.79
C ALA A 365 28.43 -11.64 38.12
N ALA A 366 29.63 -12.22 38.09
CA ALA A 366 30.85 -11.51 38.48
C ALA A 366 31.28 -10.46 37.46
N THR A 367 31.08 -10.76 36.18
CA THR A 367 31.36 -9.84 35.09
C THR A 367 30.54 -8.54 35.26
N ILE A 368 29.24 -8.68 35.56
CA ILE A 368 28.34 -7.55 35.82
C ILE A 368 28.85 -6.71 36.99
N ALA A 369 29.26 -7.38 38.06
CA ALA A 369 29.79 -6.73 39.26
C ALA A 369 30.99 -5.86 38.93
N TYR A 370 31.93 -6.44 38.17
CA TYR A 370 33.14 -5.75 37.73
C TYR A 370 32.84 -4.57 36.81
N LEU A 371 31.90 -4.76 35.89
CA LEU A 371 31.53 -3.69 34.96
C LEU A 371 30.92 -2.51 35.71
N ARG A 372 30.08 -2.81 36.69
CA ARG A 372 29.48 -1.78 37.55
C ARG A 372 30.56 -0.99 38.31
N GLU A 373 31.59 -1.70 38.78
CA GLU A 373 32.78 -1.09 39.39
C GLU A 373 33.47 -0.08 38.48
N LEU A 374 33.58 -0.41 37.20
CA LEU A 374 34.26 0.46 36.24
C LEU A 374 33.38 1.65 35.87
N ILE A 375 32.09 1.38 35.68
CA ILE A 375 31.09 2.42 35.42
C ILE A 375 31.08 3.42 36.58
N GLU A 376 31.21 2.89 37.79
CA GLU A 376 31.31 3.71 38.99
C GLU A 376 32.63 4.48 39.02
N LYS A 377 33.72 3.82 38.67
CA LYS A 377 35.05 4.43 38.69
C LYS A 377 35.10 5.67 37.83
N VAL A 378 34.36 5.64 36.73
CA VAL A 378 34.25 6.74 35.79
C VAL A 378 33.24 7.80 36.25
N GLY A 379 32.49 7.49 37.31
CA GLY A 379 31.59 8.46 37.93
C GLY A 379 30.11 8.36 37.58
N PHE A 380 29.64 7.15 37.29
CA PHE A 380 28.20 6.87 37.15
C PHE A 380 27.80 5.97 38.31
N ASN A 381 26.82 6.40 39.09
CA ASN A 381 26.23 5.54 40.10
C ASN A 381 25.57 4.36 39.38
N PRO A 382 26.09 3.13 39.61
CA PRO A 382 25.66 1.90 38.93
C PRO A 382 24.18 1.59 39.12
N LYS A 383 23.63 1.96 40.27
CA LYS A 383 22.23 1.74 40.61
C LYS A 383 21.27 2.39 39.62
N TYR A 384 21.62 3.56 39.10
CA TYR A 384 20.74 4.33 38.19
C TYR A 384 21.19 4.37 36.75
N TYR A 385 22.45 4.03 36.50
CA TYR A 385 23.03 4.05 35.14
C TYR A 385 23.27 2.68 34.49
N THR A 386 23.06 1.62 35.26
CA THR A 386 23.05 0.24 34.73
C THR A 386 21.72 -0.45 35.10
N ALA A 387 21.54 -1.66 34.58
CA ALA A 387 20.28 -2.40 34.70
C ALA A 387 20.38 -3.74 33.98
N ILE A 388 19.61 -4.70 34.47
CA ILE A 388 19.47 -5.99 33.82
C ILE A 388 18.01 -6.14 33.36
N ASN A 389 17.81 -6.69 32.17
CA ASN A 389 16.49 -6.69 31.54
C ASN A 389 16.20 -7.95 30.75
N SER A 390 14.99 -8.47 30.88
CA SER A 390 14.53 -9.52 30.00
C SER A 390 13.36 -9.07 29.12
N SER A 391 13.27 -9.63 27.92
CA SER A 391 12.13 -9.35 27.04
C SER A 391 10.88 -10.08 27.56
N TYR A 392 11.13 -11.09 28.36
CA TYR A 392 10.11 -11.89 29.00
C TYR A 392 9.29 -11.07 30.01
N ASP A 393 9.94 -10.10 30.65
CA ASP A 393 9.28 -9.23 31.63
C ASP A 393 8.23 -8.32 30.99
N LEU A 394 8.24 -8.24 29.65
CA LEU A 394 7.33 -7.38 28.90
C LEU A 394 5.96 -8.02 28.69
N PRO A 395 4.90 -7.20 28.59
CA PRO A 395 3.53 -7.72 28.42
C PRO A 395 3.26 -8.29 27.03
N TYR A 396 4.14 -9.20 26.60
CA TYR A 396 4.01 -9.86 25.30
C TYR A 396 4.28 -11.35 25.48
N ASP A 397 3.22 -12.14 25.30
CA ASP A 397 3.31 -13.58 25.48
C ASP A 397 3.46 -14.28 24.14
N PHE A 398 4.31 -15.30 24.09
CA PHE A 398 4.50 -16.11 22.90
C PHE A 398 3.46 -17.22 22.80
N TYR A 399 3.10 -17.60 21.57
CA TYR A 399 2.17 -18.73 21.36
C TYR A 399 2.82 -20.04 21.81
N ARG A 400 2.22 -20.66 22.80
CA ARG A 400 2.81 -21.81 23.48
C ARG A 400 1.72 -22.81 23.83
N PRO A 401 1.08 -23.42 22.80
CA PRO A 401 -0.14 -24.21 22.99
C PRO A 401 0.05 -25.44 23.88
N ASN A 402 -0.81 -25.56 24.87
CA ASN A 402 -0.79 -26.69 25.79
C ASN A 402 -2.01 -27.56 25.53
N LYS A 403 -1.76 -28.85 25.33
CA LYS A 403 -2.78 -29.82 24.95
C LYS A 403 -3.84 -30.03 26.04
N ASP A 404 -3.46 -29.77 27.29
CA ASP A 404 -4.39 -29.83 28.42
C ASP A 404 -5.17 -28.53 28.56
N ARG A 405 -4.55 -27.42 28.14
CA ARG A 405 -5.08 -26.09 28.42
C ARG A 405 -5.76 -25.43 27.20
N HIS A 406 -7.04 -25.74 27.03
CA HIS A 406 -7.89 -25.17 25.98
C HIS A 406 -7.54 -23.71 25.65
N ARG A 407 -7.38 -22.90 26.70
CA ARG A 407 -7.11 -21.45 26.62
C ARG A 407 -5.91 -21.06 25.75
N THR A 408 -4.90 -21.90 25.78
CA THR A 408 -3.61 -21.64 25.15
C THR A 408 -3.64 -21.94 23.65
N GLN A 409 -4.79 -22.37 23.15
CA GLN A 409 -4.87 -22.98 21.82
C GLN A 409 -5.67 -22.25 20.76
N ILE A 410 -5.15 -22.26 19.54
CA ILE A 410 -5.86 -21.82 18.35
C ILE A 410 -6.41 -23.07 17.69
N GLU A 411 -7.72 -23.20 17.67
CA GLU A 411 -8.38 -24.38 17.08
C GLU A 411 -8.83 -24.16 15.64
N LEU A 412 -8.58 -25.18 14.82
CA LEU A 412 -9.05 -25.22 13.45
C LEU A 412 -10.12 -26.28 13.28
N MET A 413 -11.26 -25.89 12.72
CA MET A 413 -12.38 -26.78 12.49
C MET A 413 -12.28 -27.47 11.15
N GLN A 414 -12.33 -28.79 11.18
CA GLN A 414 -12.41 -29.59 9.96
C GLN A 414 -13.84 -29.71 9.45
N LYS A 415 -14.00 -30.16 8.21
CA LYS A 415 -15.31 -30.41 7.60
C LYS A 415 -16.25 -31.25 8.48
N ASP A 416 -15.73 -32.29 9.11
CA ASP A 416 -16.56 -33.18 9.93
C ASP A 416 -16.95 -32.56 11.28
N GLY A 417 -16.42 -31.38 11.55
CA GLY A 417 -16.74 -30.63 12.77
C GLY A 417 -15.69 -30.74 13.85
N SER A 418 -14.82 -31.75 13.74
CA SER A 418 -13.76 -31.98 14.72
C SER A 418 -12.75 -30.85 14.73
N LEU A 419 -12.05 -30.73 15.85
CA LEU A 419 -11.06 -29.68 16.03
C LEU A 419 -9.65 -30.24 16.03
N VAL A 420 -8.73 -29.39 15.59
CA VAL A 420 -7.30 -29.71 15.59
C VAL A 420 -6.55 -28.41 15.92
N GLU A 421 -5.61 -28.50 16.85
CA GLU A 421 -4.83 -27.35 17.27
C GLU A 421 -3.82 -26.96 16.18
N LEU A 422 -3.68 -25.64 15.97
CA LEU A 422 -2.86 -25.07 14.90
C LEU A 422 -1.44 -25.64 14.71
N ALA A 423 -0.63 -25.65 15.77
CA ALA A 423 0.76 -26.13 15.65
C ALA A 423 0.84 -27.57 15.14
N THR A 424 -0.21 -28.33 15.41
CA THR A 424 -0.36 -29.72 14.97
C THR A 424 -0.35 -29.88 13.44
N VAL A 425 -1.03 -28.99 12.73
CA VAL A 425 -1.12 -29.10 11.27
C VAL A 425 -0.16 -28.19 10.52
N SER A 426 0.55 -27.33 11.24
CA SER A 426 1.42 -26.36 10.58
C SER A 426 2.85 -26.36 11.09
N PRO A 427 3.79 -26.90 10.27
CA PRO A 427 5.22 -26.94 10.54
C PRO A 427 5.79 -25.55 10.71
N LEU A 428 5.26 -24.61 9.94
CA LEU A 428 5.63 -23.20 10.03
C LEU A 428 5.34 -22.63 11.42
N VAL A 429 4.10 -22.77 11.88
CA VAL A 429 3.74 -22.35 13.24
C VAL A 429 4.53 -23.12 14.32
N ALA A 430 4.68 -24.43 14.14
CA ALA A 430 5.48 -25.23 15.07
C ALA A 430 6.93 -24.77 15.11
N ALA A 431 7.45 -24.31 13.96
CA ALA A 431 8.82 -23.78 13.89
C ALA A 431 8.96 -22.47 14.66
N LEU A 432 7.99 -21.58 14.51
CA LEU A 432 8.03 -20.27 15.16
C LEU A 432 7.80 -20.38 16.66
N ALA A 433 6.85 -21.22 17.06
CA ALA A 433 6.58 -21.52 18.47
C ALA A 433 7.77 -22.21 19.09
N GLY A 434 8.52 -22.93 18.25
CA GLY A 434 9.70 -23.68 18.69
C GLY A 434 10.85 -22.81 19.16
N GLN A 435 11.16 -21.78 18.39
CA GLN A 435 12.19 -20.82 18.79
C GLN A 435 11.62 -19.51 19.31
N SER A 436 10.56 -19.62 20.12
CA SER A 436 9.94 -18.49 20.78
C SER A 436 10.63 -18.21 22.11
N GLN A 437 11.82 -17.60 22.04
CA GLN A 437 12.68 -17.41 23.21
C GLN A 437 12.73 -15.94 23.62
N GLY A 438 12.98 -15.69 24.91
CA GLY A 438 13.24 -14.35 25.42
C GLY A 438 14.74 -14.05 25.38
N ASP A 439 15.14 -12.92 25.95
CA ASP A 439 16.54 -12.55 26.00
C ASP A 439 16.96 -11.99 27.37
N GLU A 440 18.23 -11.64 27.50
CA GLU A 440 18.78 -10.98 28.70
C GLU A 440 19.75 -9.90 28.27
N ARG A 441 19.60 -8.69 28.81
CA ARG A 441 20.48 -7.57 28.49
C ARG A 441 21.02 -6.86 29.72
N PHE A 442 22.23 -6.33 29.58
CA PHE A 442 22.87 -5.49 30.58
C PHE A 442 23.03 -4.08 30.02
N TYR A 443 22.53 -3.09 30.74
CA TYR A 443 22.53 -1.72 30.25
C TYR A 443 23.60 -0.86 30.89
N PHE A 444 24.10 0.10 30.12
CA PHE A 444 25.19 0.97 30.58
C PHE A 444 25.21 2.23 29.73
N PRO A 445 25.84 3.32 30.22
CA PRO A 445 25.94 4.54 29.40
C PRO A 445 26.77 4.37 28.13
N LYS A 446 26.36 5.05 27.06
CA LYS A 446 27.10 5.08 25.80
C LYS A 446 28.52 5.57 26.03
N GLU A 447 28.67 6.45 27.03
CA GLU A 447 29.93 7.06 27.44
C GLU A 447 31.04 6.04 27.73
N MET A 448 30.65 4.82 28.11
CA MET A 448 31.61 3.75 28.38
C MET A 448 32.32 3.25 27.12
N LEU A 449 31.79 3.61 25.95
CA LEU A 449 32.42 3.31 24.66
C LEU A 449 32.67 4.60 23.86
N ASP A 450 33.94 4.98 23.69
CA ASP A 450 34.30 6.22 22.98
C ASP A 450 34.51 5.98 21.48
N HIS A 456 39.19 11.35 23.42
CA HIS A 456 40.24 12.14 22.80
C HIS A 456 41.13 12.89 23.81
N TYR A 457 40.59 13.18 24.99
CA TYR A 457 41.34 13.91 26.02
C TYR A 457 41.20 13.34 27.43
N ASP A 458 40.32 12.36 27.59
CA ASP A 458 40.01 11.74 28.88
C ASP A 458 41.20 11.15 29.64
N LEU A 459 41.17 11.28 30.96
CA LEU A 459 42.14 10.61 31.84
C LEU A 459 41.64 9.21 32.19
N PHE A 460 40.33 9.00 32.01
CA PHE A 460 39.70 7.70 32.24
C PHE A 460 39.76 6.77 31.02
N ASP A 461 40.52 7.15 30.00
CA ASP A 461 40.61 6.39 28.75
C ASP A 461 41.04 4.93 28.95
N GLU A 462 41.90 4.68 29.94
CA GLU A 462 42.30 3.33 30.34
C GLU A 462 41.11 2.46 30.74
N THR A 463 40.18 3.06 31.49
CA THR A 463 39.01 2.35 32.00
C THR A 463 37.99 2.04 30.90
N TYR A 464 37.78 3.00 30.00
CA TYR A 464 36.90 2.81 28.84
C TYR A 464 37.39 1.66 27.97
N ARG A 465 38.70 1.62 27.74
CA ARG A 465 39.34 0.57 26.95
C ARG A 465 39.13 -0.81 27.57
N GLU A 466 39.29 -0.90 28.89
CA GLU A 466 39.10 -2.15 29.63
C GLU A 466 37.65 -2.62 29.60
N PHE A 467 36.72 -1.68 29.86
CA PHE A 467 35.30 -1.95 29.83
C PHE A 467 34.84 -2.59 28.53
N SER A 468 35.19 -1.97 27.41
CA SER A 468 34.70 -2.45 26.13
C SER A 468 35.40 -3.72 25.66
N SER A 469 36.43 -4.16 26.36
CA SER A 469 37.05 -5.45 26.06
C SER A 469 36.15 -6.61 26.50
N TYR A 470 35.19 -6.30 27.39
CA TYR A 470 34.20 -7.26 27.85
C TYR A 470 32.94 -7.25 26.96
N ILE A 471 32.94 -6.42 25.93
CA ILE A 471 31.81 -6.34 25.01
C ILE A 471 32.23 -6.73 23.60
N HIS A 472 31.90 -7.96 23.21
CA HIS A 472 32.24 -8.47 21.89
C HIS A 472 31.01 -9.03 21.17
N ASN A 473 30.82 -8.60 19.93
CA ASN A 473 29.68 -8.98 19.10
C ASN A 473 28.35 -8.69 19.78
N GLY A 474 28.31 -7.53 20.43
CA GLY A 474 27.12 -7.08 21.14
C GLY A 474 26.75 -7.95 22.33
N ALA A 475 27.71 -8.72 22.83
CA ALA A 475 27.46 -9.62 23.95
C ALA A 475 28.52 -9.51 25.05
N LEU A 476 28.10 -9.77 26.29
CA LEU A 476 29.04 -9.83 27.41
C LEU A 476 30.07 -10.94 27.28
N VAL A 477 31.34 -10.58 27.39
CA VAL A 477 32.44 -11.54 27.37
C VAL A 477 32.74 -11.93 28.80
N LEU A 478 32.51 -13.20 29.11
CA LEU A 478 32.76 -13.71 30.45
C LEU A 478 34.25 -13.87 30.66
N LYS A 479 34.91 -12.75 30.95
CA LYS A 479 36.33 -12.75 31.28
C LYS A 479 36.42 -13.08 32.76
N LYS A 480 35.73 -12.28 33.57
CA LYS A 480 35.61 -12.52 35.00
C LYS A 480 34.31 -13.26 35.29
N MET B 25 44.80 15.72 6.93
CA MET B 25 44.03 14.45 7.13
C MET B 25 42.65 14.69 7.75
N THR B 26 42.60 15.52 8.79
CA THR B 26 41.38 15.71 9.57
C THR B 26 40.25 16.37 8.76
N ILE B 27 39.07 15.75 8.79
CA ILE B 27 37.94 16.12 7.94
C ILE B 27 37.09 17.25 8.53
N PRO B 28 36.84 18.31 7.75
CA PRO B 28 35.98 19.40 8.21
C PRO B 28 34.57 18.91 8.51
N TYR B 29 33.95 19.47 9.54
CA TYR B 29 32.62 19.10 9.99
C TYR B 29 31.61 19.08 8.84
N LYS B 30 31.67 20.09 7.98
CA LYS B 30 30.74 20.21 6.86
C LYS B 30 30.78 18.98 5.94
N GLU B 31 31.96 18.36 5.82
CA GLU B 31 32.15 17.21 4.93
C GLU B 31 31.97 15.84 5.57
N GLN B 32 32.10 15.78 6.90
CA GLN B 32 31.99 14.50 7.65
C GLN B 32 30.81 13.62 7.26
N ARG B 33 31.12 12.59 6.49
CA ARG B 33 30.14 11.58 6.08
C ARG B 33 30.13 10.42 7.07
N LEU B 34 28.93 9.93 7.34
CA LEU B 34 28.80 8.69 8.08
C LEU B 34 29.36 7.56 7.21
N PRO B 35 30.17 6.65 7.80
CA PRO B 35 30.73 5.55 7.02
C PRO B 35 29.62 4.61 6.52
N ILE B 36 28.59 4.45 7.36
CA ILE B 36 27.38 3.75 6.98
C ILE B 36 26.17 4.71 7.05
N GLU B 37 25.38 4.71 5.98
CA GLU B 37 24.13 5.46 5.93
C GLU B 37 23.24 5.07 7.11
N LYS B 38 22.77 6.06 7.85
CA LYS B 38 21.80 5.86 8.91
C LYS B 38 20.40 6.01 8.33
N VAL B 39 19.52 5.07 8.64
CA VAL B 39 18.12 5.12 8.21
C VAL B 39 17.16 5.11 9.40
N PHE B 40 16.08 5.87 9.28
CA PHE B 40 15.04 5.94 10.29
C PHE B 40 13.80 5.46 9.56
N ARG B 41 13.16 4.42 10.11
CA ARG B 41 11.91 3.93 9.55
C ARG B 41 10.79 4.99 9.68
N ASP B 42 10.07 5.21 8.58
CA ASP B 42 9.03 6.23 8.49
C ASP B 42 7.86 5.62 7.73
N PRO B 43 6.64 5.69 8.28
CA PRO B 43 5.52 5.07 7.57
C PRO B 43 5.17 5.75 6.22
N VAL B 44 5.42 7.04 6.09
CA VAL B 44 5.11 7.77 4.86
C VAL B 44 6.17 7.51 3.77
N HIS B 45 7.43 7.79 4.08
CA HIS B 45 8.51 7.67 3.09
C HIS B 45 9.30 6.36 3.14
N ASN B 46 8.89 5.46 4.03
CA ASN B 46 9.56 4.17 4.27
C ASN B 46 10.85 4.33 5.07
N TYR B 47 11.78 5.12 4.53
CA TYR B 47 13.04 5.40 5.23
C TYR B 47 13.45 6.84 5.10
N ILE B 48 14.00 7.37 6.18
CA ILE B 48 14.66 8.68 6.18
C ILE B 48 16.15 8.34 6.10
N HIS B 49 16.89 8.92 5.15
CA HIS B 49 18.30 8.59 4.98
C HIS B 49 19.22 9.76 5.39
N VAL B 50 20.21 9.45 6.23
CA VAL B 50 21.12 10.47 6.72
C VAL B 50 22.57 10.10 6.39
N GLN B 51 23.23 11.00 5.63
CA GLN B 51 24.65 10.81 5.23
C GLN B 51 25.63 11.64 6.09
N HIS B 52 25.19 12.83 6.52
CA HIS B 52 26.08 13.80 7.16
C HIS B 52 26.06 13.68 8.67
N GLN B 53 27.22 13.76 9.29
CA GLN B 53 27.29 13.96 10.74
C GLN B 53 26.52 15.20 11.21
N VAL B 54 26.65 16.31 10.48
CA VAL B 54 25.88 17.54 10.80
C VAL B 54 24.37 17.31 10.88
N ILE B 55 23.81 16.56 9.93
CA ILE B 55 22.37 16.31 9.95
C ILE B 55 21.98 15.43 11.15
N LEU B 56 22.73 14.36 11.38
CA LEU B 56 22.47 13.50 12.53
C LEU B 56 22.54 14.30 13.82
N ASP B 57 23.59 15.09 14.00
CA ASP B 57 23.71 15.94 15.16
C ASP B 57 22.51 16.89 15.33
N LEU B 58 22.01 17.46 14.23
CA LEU B 58 20.83 18.32 14.27
C LEU B 58 19.56 17.59 14.70
N ILE B 59 19.39 16.37 14.18
CA ILE B 59 18.25 15.51 14.55
C ILE B 59 18.25 15.22 16.07
N ASN B 60 19.42 14.90 16.60
CA ASN B 60 19.59 14.59 18.01
C ASN B 60 19.56 15.82 18.91
N SER B 61 19.55 17.02 18.32
CA SER B 61 19.66 18.25 19.11
C SER B 61 18.41 18.48 19.94
N ALA B 62 18.57 19.17 21.06
CA ALA B 62 17.51 19.38 22.04
C ALA B 62 16.26 20.01 21.44
N GLU B 63 16.43 20.99 20.56
CA GLU B 63 15.27 21.76 20.13
C GLU B 63 14.51 21.11 19.01
N VAL B 64 15.16 20.16 18.32
CA VAL B 64 14.49 19.34 17.32
C VAL B 64 13.81 18.13 17.97
N GLN B 65 14.43 17.54 18.99
CA GLN B 65 13.83 16.43 19.75
C GLN B 65 12.56 16.88 20.45
N ARG B 66 12.51 18.16 20.80
CA ARG B 66 11.37 18.70 21.50
C ARG B 66 10.09 18.66 20.64
N LEU B 67 10.26 18.52 19.33
CA LEU B 67 9.13 18.47 18.39
C LEU B 67 8.39 17.13 18.39
N ARG B 68 8.96 16.12 19.07
CA ARG B 68 8.28 14.87 19.34
C ARG B 68 7.05 15.08 20.24
N ARG B 69 7.04 16.18 20.96
CA ARG B 69 6.02 16.39 21.96
C ARG B 69 5.06 17.49 21.53
N ILE B 70 5.05 17.77 20.22
CA ILE B 70 4.12 18.73 19.62
C ILE B 70 3.43 18.09 18.42
N LYS B 71 2.12 17.91 18.55
CA LYS B 71 1.27 17.39 17.46
C LYS B 71 1.32 18.27 16.26
N GLN B 72 1.47 17.66 15.08
CA GLN B 72 1.49 18.41 13.83
C GLN B 72 0.18 19.17 13.59
N LEU B 73 -0.94 18.55 13.97
CA LEU B 73 -2.27 19.05 13.60
C LEU B 73 -3.14 19.57 14.72
N GLY B 74 -2.63 19.51 15.95
CA GLY B 74 -3.29 20.15 17.09
C GLY B 74 -4.62 19.50 17.42
N THR B 75 -5.71 20.19 17.10
CA THR B 75 -7.05 19.72 17.46
C THR B 75 -7.72 18.80 16.43
N SER B 76 -7.06 18.56 15.30
CA SER B 76 -7.64 17.67 14.26
C SER B 76 -7.89 16.25 14.78
N SER B 77 -7.01 15.78 15.66
CA SER B 77 -7.12 14.46 16.26
C SER B 77 -8.47 14.24 16.96
N PHE B 78 -9.14 15.32 17.38
CA PHE B 78 -10.49 15.20 17.93
C PHE B 78 -11.52 14.73 16.90
N THR B 79 -11.19 14.91 15.62
CA THR B 79 -12.05 14.50 14.50
C THR B 79 -11.49 13.26 13.80
N PHE B 80 -10.19 13.28 13.57
CA PHE B 80 -9.48 12.17 12.93
C PHE B 80 -8.51 11.65 13.98
N HIS B 81 -8.94 10.63 14.73
CA HIS B 81 -8.19 10.13 15.88
C HIS B 81 -6.83 9.48 15.55
N GLY B 82 -6.57 9.25 14.25
CA GLY B 82 -5.27 8.75 13.82
C GLY B 82 -4.22 9.85 13.67
N ALA B 83 -4.67 11.11 13.65
CA ALA B 83 -3.78 12.25 13.41
C ALA B 83 -3.00 12.67 14.65
N GLU B 84 -2.23 11.74 15.21
CA GLU B 84 -1.45 12.02 16.43
C GLU B 84 0.04 12.21 16.14
N HIS B 85 0.38 12.35 14.85
CA HIS B 85 1.78 12.49 14.43
C HIS B 85 2.41 13.81 14.88
N SER B 86 3.70 13.75 15.19
CA SER B 86 4.40 14.89 15.75
C SER B 86 4.99 15.81 14.70
N ARG B 87 5.42 17.00 15.13
CA ARG B 87 6.17 17.88 14.25
C ARG B 87 7.54 17.31 13.93
N PHE B 88 8.09 16.50 14.84
CA PHE B 88 9.37 15.84 14.61
C PHE B 88 9.32 15.05 13.30
N SER B 89 8.33 14.17 13.16
CA SER B 89 8.28 13.29 12.00
C SER B 89 8.01 14.08 10.70
N HIS B 90 7.20 15.14 10.77
CA HIS B 90 7.09 16.06 9.65
C HIS B 90 8.42 16.68 9.24
N SER B 91 9.19 17.20 10.20
CA SER B 91 10.52 17.77 9.90
C SER B 91 11.49 16.78 9.21
N LEU B 92 11.55 15.55 9.71
CA LEU B 92 12.38 14.53 9.09
C LEU B 92 11.84 14.21 7.67
N GLY B 93 10.52 14.26 7.53
CA GLY B 93 9.90 14.03 6.25
C GLY B 93 10.23 15.10 5.23
N VAL B 94 10.17 16.38 5.63
CA VAL B 94 10.52 17.48 4.73
C VAL B 94 11.98 17.40 4.30
N TYR B 95 12.85 17.10 5.29
CA TYR B 95 14.26 16.82 5.06
C TYR B 95 14.49 15.68 4.05
N GLU B 96 13.75 14.58 4.19
CA GLU B 96 13.90 13.43 3.29
C GLU B 96 13.45 13.72 1.86
N ILE B 97 12.35 14.46 1.69
CA ILE B 97 11.89 14.85 0.35
C ILE B 97 12.94 15.73 -0.33
N THR B 98 13.43 16.71 0.43
CA THR B 98 14.47 17.61 -0.02
C THR B 98 15.72 16.90 -0.52
N ARG B 99 16.24 15.93 0.22
CA ARG B 99 17.43 15.25 -0.28
C ARG B 99 17.16 14.39 -1.48
N ARG B 100 15.96 13.82 -1.58
CA ARG B 100 15.56 13.11 -2.82
C ARG B 100 15.57 14.06 -4.00
N ILE B 101 15.07 15.27 -3.81
CA ILE B 101 15.15 16.30 -4.86
C ILE B 101 16.61 16.62 -5.21
N CYS B 102 17.46 16.79 -4.20
CA CYS B 102 18.87 17.12 -4.42
C CYS B 102 19.63 16.04 -5.19
N GLU B 103 19.31 14.78 -4.91
CA GLU B 103 19.92 13.63 -5.58
C GLU B 103 19.52 13.60 -7.05
N ILE B 104 18.24 13.88 -7.34
CA ILE B 104 17.73 13.87 -8.70
C ILE B 104 18.31 15.06 -9.49
N PHE B 105 18.41 16.20 -8.81
CA PHE B 105 19.02 17.40 -9.35
C PHE B 105 20.51 17.19 -9.68
N GLN B 106 21.23 16.47 -8.82
CA GLN B 106 22.65 16.26 -9.05
C GLN B 106 22.88 15.26 -10.21
N ARG B 107 22.13 14.16 -10.16
CA ARG B 107 22.17 13.12 -11.19
C ARG B 107 21.79 13.65 -12.57
N ASN B 108 20.72 14.45 -12.65
CA ASN B 108 20.14 14.81 -13.94
C ASN B 108 20.37 16.26 -14.41
N TYR B 109 20.50 17.20 -13.48
CA TYR B 109 20.43 18.62 -13.82
C TYR B 109 21.52 19.48 -13.19
N SER B 110 22.74 18.95 -13.17
CA SER B 110 23.85 19.63 -12.51
C SER B 110 24.31 20.83 -13.32
N VAL B 111 24.97 21.76 -12.63
CA VAL B 111 25.64 22.89 -13.28
C VAL B 111 26.63 22.40 -14.33
N GLU B 112 27.35 21.33 -13.99
CA GLU B 112 28.27 20.65 -14.91
C GLU B 112 27.66 20.44 -16.30
N ARG B 113 26.39 20.05 -16.33
CA ARG B 113 25.69 19.73 -17.56
C ARG B 113 24.94 20.94 -18.14
N LEU B 114 24.30 21.73 -17.27
CA LEU B 114 23.37 22.79 -17.72
C LEU B 114 23.78 24.24 -17.40
N GLY B 115 24.94 24.39 -16.75
CA GLY B 115 25.45 25.72 -16.40
C GLY B 115 24.52 26.48 -15.47
N GLU B 116 24.14 27.67 -15.90
CA GLU B 116 23.37 28.62 -15.10
C GLU B 116 21.98 28.09 -14.69
N ASN B 117 21.40 27.23 -15.52
CA ASN B 117 20.11 26.60 -15.22
C ASN B 117 20.19 25.29 -14.42
N GLY B 118 21.35 25.04 -13.82
CA GLY B 118 21.59 23.75 -13.18
C GLY B 118 21.67 23.83 -11.68
N TRP B 119 21.77 22.66 -11.06
CA TRP B 119 21.88 22.57 -9.62
C TRP B 119 23.34 22.54 -9.20
N ASN B 120 23.69 23.44 -8.30
CA ASN B 120 24.99 23.43 -7.65
C ASN B 120 24.90 22.58 -6.36
N ASP B 121 25.51 21.40 -6.37
CA ASP B 121 25.43 20.52 -5.21
C ASP B 121 26.25 20.92 -3.95
N ASP B 122 27.05 21.98 -4.04
CA ASP B 122 27.62 22.60 -2.83
C ASP B 122 26.51 23.22 -1.95
N GLU B 123 25.34 23.51 -2.53
CA GLU B 123 24.20 24.08 -1.80
C GLU B 123 23.42 23.05 -0.97
N ARG B 124 23.83 21.80 -1.04
CA ARG B 124 23.09 20.70 -0.44
C ARG B 124 22.95 20.73 1.07
N LEU B 125 24.06 20.86 1.80
CA LEU B 125 23.99 20.84 3.24
C LEU B 125 23.07 21.98 3.75
N ILE B 126 23.21 23.16 3.19
CA ILE B 126 22.38 24.27 3.64
C ILE B 126 20.88 24.05 3.32
N THR B 127 20.60 23.52 2.14
CA THR B 127 19.24 23.17 1.75
C THR B 127 18.71 22.11 2.70
N LEU B 128 19.53 21.12 3.04
CA LEU B 128 19.13 20.05 3.99
C LEU B 128 18.86 20.55 5.42
N CYS B 129 19.76 21.39 5.94
CA CYS B 129 19.60 22.00 7.25
C CYS B 129 18.37 22.88 7.35
N ALA B 130 18.16 23.75 6.35
CA ALA B 130 16.99 24.60 6.30
C ALA B 130 15.70 23.76 6.27
N ALA B 131 15.68 22.69 5.47
CA ALA B 131 14.52 21.79 5.39
C ALA B 131 14.23 21.15 6.76
N LEU B 132 15.27 20.65 7.43
CA LEU B 132 15.08 20.00 8.72
C LEU B 132 14.61 20.97 9.81
N LEU B 133 15.08 22.20 9.73
CA LEU B 133 14.90 23.16 10.81
C LEU B 133 13.75 24.14 10.57
N HIS B 134 13.10 24.05 9.39
CA HIS B 134 12.10 25.07 9.01
C HIS B 134 10.98 25.27 10.05
N ASP B 135 10.63 24.22 10.79
CA ASP B 135 9.50 24.30 11.73
C ASP B 135 9.90 24.29 13.18
N VAL B 136 11.18 24.42 13.46
CA VAL B 136 11.70 24.29 14.81
C VAL B 136 11.07 25.29 15.79
N GLY B 137 10.72 26.48 15.32
CA GLY B 137 10.08 27.49 16.15
C GLY B 137 8.61 27.31 16.50
N HIS B 138 8.01 26.25 15.99
CA HIS B 138 6.61 25.93 16.32
C HIS B 138 6.50 25.50 17.77
N GLY B 139 5.53 26.06 18.48
CA GLY B 139 5.20 25.60 19.83
C GLY B 139 3.91 24.80 19.78
N PRO B 140 3.37 24.42 20.95
CA PRO B 140 2.12 23.66 21.00
C PRO B 140 0.91 24.47 20.51
N TYR B 141 -0.02 23.78 19.83
CA TYR B 141 -1.27 24.39 19.32
C TYR B 141 -0.99 25.78 18.76
N SER B 142 -0.17 25.82 17.71
CA SER B 142 0.42 27.07 17.20
C SER B 142 -0.54 28.21 16.86
N HIS B 143 -1.60 27.94 16.11
CA HIS B 143 -2.55 28.99 15.70
C HIS B 143 -3.19 29.69 16.89
N THR B 144 -3.61 28.89 17.86
CA THR B 144 -4.34 29.37 19.03
C THR B 144 -3.41 30.15 19.95
N PHE B 145 -2.26 29.54 20.22
CA PHE B 145 -1.26 30.12 21.08
C PHE B 145 -0.85 31.52 20.61
N GLU B 146 -0.58 31.64 19.31
CA GLU B 146 -0.16 32.90 18.70
C GLU B 146 -1.27 33.94 18.64
N HIS B 147 -2.51 33.48 18.62
CA HIS B 147 -3.63 34.40 18.67
C HIS B 147 -3.74 35.08 20.03
N ILE B 148 -3.56 34.30 21.09
CA ILE B 148 -3.78 34.74 22.46
C ILE B 148 -2.52 35.36 23.03
N PHE B 149 -1.36 34.80 22.66
CA PHE B 149 -0.09 35.22 23.25
C PHE B 149 0.82 36.04 22.33
N ASP B 150 0.44 36.16 21.06
CA ASP B 150 1.15 37.02 20.09
C ASP B 150 2.61 36.57 19.84
N THR B 151 2.82 35.27 19.81
CA THR B 151 4.13 34.71 19.45
C THR B 151 4.18 34.53 17.93
N ASN B 152 5.37 34.39 17.38
CA ASN B 152 5.53 34.21 15.93
C ASN B 152 6.58 33.14 15.65
N HIS B 153 6.12 31.96 15.25
CA HIS B 153 6.97 30.78 15.11
C HIS B 153 8.06 30.89 14.04
N GLU B 154 7.82 31.72 13.04
CA GLU B 154 8.82 32.01 12.02
C GLU B 154 10.00 32.79 12.62
N ALA B 155 9.70 33.84 13.36
CA ALA B 155 10.75 34.62 14.03
C ALA B 155 11.49 33.83 15.12
N ILE B 156 10.78 32.92 15.78
CA ILE B 156 11.37 32.02 16.76
C ILE B 156 12.25 30.94 16.10
N THR B 157 11.83 30.44 14.93
CA THR B 157 12.64 29.52 14.11
C THR B 157 14.01 30.18 13.83
N VAL B 158 13.97 31.44 13.38
CA VAL B 158 15.16 32.23 13.09
C VAL B 158 15.98 32.50 14.36
N GLN B 159 15.29 32.79 15.47
CA GLN B 159 15.90 32.94 16.80
C GLN B 159 16.66 31.68 17.24
N ILE B 160 16.03 30.52 17.06
CA ILE B 160 16.62 29.22 17.44
C ILE B 160 17.90 28.90 16.64
N ILE B 161 17.86 29.16 15.34
CA ILE B 161 18.98 28.93 14.45
C ILE B 161 20.18 29.86 14.73
N THR B 162 19.90 31.10 15.14
CA THR B 162 20.94 32.10 15.29
C THR B 162 21.31 32.48 16.74
N SER B 163 20.69 31.83 17.73
CA SER B 163 21.02 32.13 19.13
C SER B 163 21.96 31.12 19.74
N PRO B 164 23.14 31.58 20.21
CA PRO B 164 24.19 30.74 20.79
C PRO B 164 23.75 29.82 21.92
N GLU B 165 22.62 30.12 22.54
CA GLU B 165 22.08 29.31 23.63
C GLU B 165 21.50 27.97 23.18
N THR B 166 21.05 27.88 21.93
CA THR B 166 20.49 26.62 21.39
C THR B 166 21.56 25.66 20.93
N GLU B 167 21.28 24.38 21.04
CA GLU B 167 22.19 23.33 20.61
C GLU B 167 22.26 23.35 19.06
N VAL B 168 21.15 23.73 18.43
CA VAL B 168 21.07 23.91 16.99
C VAL B 168 22.12 24.90 16.48
N TYR B 169 22.21 26.06 17.13
CA TYR B 169 23.21 27.06 16.75
C TYR B 169 24.63 26.57 16.95
N GLN B 170 24.93 26.05 18.14
CA GLN B 170 26.22 25.46 18.44
C GLN B 170 26.66 24.50 17.32
N ILE B 171 25.72 23.71 16.82
CA ILE B 171 25.98 22.78 15.71
C ILE B 171 26.29 23.48 14.39
N LEU B 172 25.49 24.49 14.03
CA LEU B 172 25.67 25.16 12.74
C LEU B 172 26.92 26.05 12.72
N ASN B 173 27.19 26.71 13.85
CA ASN B 173 28.41 27.51 14.03
C ASN B 173 29.72 26.72 13.80
N ARG B 174 29.68 25.43 14.12
N ARG B 174 29.68 25.43 14.10
CA ARG B 174 30.80 24.51 13.88
CA ARG B 174 30.81 24.53 13.89
C ARG B 174 31.03 24.19 12.40
C ARG B 174 31.02 24.17 12.42
N VAL B 175 29.97 24.30 11.59
CA VAL B 175 30.07 24.13 10.13
C VAL B 175 30.92 25.29 9.57
N SER B 176 30.56 26.51 9.98
CA SER B 176 31.36 27.72 9.83
C SER B 176 30.65 28.83 10.59
N ALA B 177 31.40 29.83 11.05
CA ALA B 177 30.85 30.91 11.89
C ALA B 177 29.68 31.66 11.24
N ASP B 178 29.72 31.81 9.92
N ASP B 178 29.72 31.82 9.93
CA ASP B 178 28.67 32.49 9.16
CA ASP B 178 28.66 32.52 9.19
C ASP B 178 27.48 31.59 8.79
C ASP B 178 27.56 31.56 8.68
N PHE B 179 27.56 30.31 9.15
CA PHE B 179 26.59 29.31 8.69
C PHE B 179 25.16 29.41 9.30
N PRO B 180 25.03 29.69 10.61
CA PRO B 180 23.70 29.93 11.19
C PRO B 180 22.90 31.03 10.48
N GLU B 181 23.54 32.16 10.18
CA GLU B 181 22.86 33.25 9.47
C GLU B 181 22.47 32.88 8.04
N LYS B 182 23.33 32.12 7.36
CA LYS B 182 23.01 31.66 6.02
C LYS B 182 21.78 30.75 6.03
N VAL B 183 21.75 29.80 6.97
CA VAL B 183 20.60 28.89 7.13
C VAL B 183 19.32 29.69 7.45
N ALA B 184 19.42 30.67 8.34
CA ALA B 184 18.29 31.56 8.63
C ALA B 184 17.84 32.34 7.39
N SER B 185 18.79 32.80 6.58
CA SER B 185 18.45 33.59 5.39
C SER B 185 17.69 32.77 4.32
N VAL B 186 17.79 31.45 4.41
CA VAL B 186 17.03 30.56 3.52
C VAL B 186 15.57 30.59 3.90
N ILE B 187 15.31 30.44 5.20
CA ILE B 187 13.97 30.48 5.76
C ILE B 187 13.30 31.86 5.58
N THR B 188 14.07 32.93 5.79
CA THR B 188 13.55 34.26 5.55
C THR B 188 13.53 34.63 4.06
N LYS B 189 13.95 33.68 3.23
CA LYS B 189 13.94 33.83 1.75
C LYS B 189 14.84 34.95 1.24
N GLN B 190 15.90 35.26 1.98
CA GLN B 190 16.83 36.30 1.57
C GLN B 190 18.13 35.73 1.04
N TYR B 191 18.27 34.41 1.09
CA TYR B 191 19.44 33.71 0.58
C TYR B 191 19.48 33.87 -0.95
N PRO B 192 20.65 34.27 -1.49
CA PRO B 192 20.76 34.62 -2.92
C PRO B 192 20.54 33.50 -3.96
N ASN B 193 20.34 32.26 -3.53
CA ASN B 193 20.04 31.20 -4.50
C ASN B 193 18.53 30.86 -4.52
N PRO B 194 17.86 31.19 -5.65
CA PRO B 194 16.41 30.98 -5.72
C PRO B 194 16.04 29.52 -5.73
N GLN B 195 16.88 28.67 -6.30
CA GLN B 195 16.61 27.23 -6.31
C GLN B 195 16.53 26.68 -4.89
N VAL B 196 17.40 27.18 -4.01
CA VAL B 196 17.45 26.76 -2.62
C VAL B 196 16.25 27.32 -1.86
N VAL B 197 15.97 28.61 -2.04
CA VAL B 197 14.84 29.26 -1.41
C VAL B 197 13.51 28.58 -1.80
N GLN B 198 13.34 28.24 -3.08
CA GLN B 198 12.06 27.69 -3.55
C GLN B 198 11.87 26.20 -3.24
N MET B 199 12.96 25.48 -3.06
CA MET B 199 12.90 24.08 -2.62
C MET B 199 12.30 24.01 -1.22
N ILE B 200 12.65 25.00 -0.41
CA ILE B 200 12.21 25.09 0.95
C ILE B 200 10.83 25.73 1.04
N SER B 201 10.60 26.80 0.27
CA SER B 201 9.35 27.55 0.40
C SER B 201 8.84 28.13 -0.90
N SER B 202 7.83 27.46 -1.45
CA SER B 202 7.09 27.93 -2.62
C SER B 202 5.80 27.09 -2.71
N GLN B 203 5.05 27.24 -3.80
CA GLN B 203 3.74 26.60 -3.93
C GLN B 203 3.77 25.07 -3.92
N ILE B 204 4.82 24.48 -4.49
CA ILE B 204 4.98 23.04 -4.49
C ILE B 204 6.37 22.71 -3.94
N ASP B 205 6.48 22.63 -2.63
CA ASP B 205 7.77 22.48 -2.01
C ASP B 205 7.76 21.23 -1.16
N ALA B 206 8.93 20.84 -0.66
CA ALA B 206 9.06 19.63 0.16
C ALA B 206 8.17 19.68 1.40
N ASP B 207 8.03 20.89 1.95
CA ASP B 207 7.24 21.19 3.15
C ASP B 207 5.79 20.77 2.97
N ARG B 208 5.15 21.30 1.93
CA ARG B 208 3.75 21.04 1.63
C ARG B 208 3.54 19.63 1.16
N MET B 209 4.50 19.08 0.43
CA MET B 209 4.36 17.74 -0.10
C MET B 209 4.39 16.76 1.04
N ASP B 210 5.23 17.02 2.04
CA ASP B 210 5.26 16.13 3.20
C ASP B 210 4.01 16.20 4.04
N TYR B 211 3.55 17.40 4.39
CA TYR B 211 2.41 17.44 5.29
C TYR B 211 1.14 16.95 4.64
N LEU B 212 0.96 17.19 3.34
CA LEU B 212 -0.16 16.62 2.64
C LEU B 212 -0.10 15.08 2.64
N LEU B 213 1.08 14.50 2.41
CA LEU B 213 1.23 13.05 2.45
C LEU B 213 1.11 12.45 3.86
N ARG B 214 1.78 13.09 4.82
CA ARG B 214 1.74 12.65 6.22
C ARG B 214 0.34 12.82 6.80
N ASP B 215 -0.28 13.97 6.60
CA ASP B 215 -1.61 14.19 7.16
C ASP B 215 -2.64 13.22 6.54
N ALA B 216 -2.56 12.97 5.24
CA ALA B 216 -3.40 11.92 4.60
C ALA B 216 -3.25 10.54 5.24
N TYR B 217 -2.00 10.09 5.40
CA TYR B 217 -1.66 8.77 5.96
C TYR B 217 -2.16 8.57 7.41
N PHE B 218 -2.01 9.59 8.24
CA PHE B 218 -2.40 9.51 9.64
C PHE B 218 -3.89 9.76 9.87
N THR B 219 -4.50 10.68 9.11
CA THR B 219 -5.95 10.85 9.15
C THR B 219 -6.71 9.66 8.56
N GLY B 220 -6.11 8.96 7.60
CA GLY B 220 -6.80 7.94 6.83
C GLY B 220 -7.64 8.57 5.71
N THR B 221 -7.57 9.89 5.56
CA THR B 221 -8.21 10.61 4.45
C THR B 221 -7.23 10.62 3.30
N GLU B 222 -7.10 9.48 2.63
CA GLU B 222 -6.08 9.34 1.61
C GLU B 222 -6.66 9.72 0.26
N TYR B 223 -7.17 10.95 0.22
CA TYR B 223 -7.58 11.62 -1.01
C TYR B 223 -6.37 12.51 -1.36
N GLY B 224 -5.79 13.09 -0.31
CA GLY B 224 -4.60 13.93 -0.42
C GLY B 224 -3.30 13.17 -0.63
N THR B 225 -3.41 12.01 -1.31
CA THR B 225 -2.26 11.29 -1.83
C THR B 225 -2.21 11.43 -3.35
N PHE B 226 -1.42 12.42 -3.77
CA PHE B 226 -0.89 12.51 -5.12
C PHE B 226 0.30 11.54 -5.13
N ASP B 227 0.99 11.41 -6.24
CA ASP B 227 2.14 10.51 -6.27
C ASP B 227 3.42 11.34 -6.23
N LEU B 228 4.13 11.21 -5.11
CA LEU B 228 5.39 11.92 -4.88
C LEU B 228 6.45 11.56 -5.92
N THR B 229 6.63 10.26 -6.17
CA THR B 229 7.66 9.83 -7.12
C THR B 229 7.44 10.42 -8.51
N ARG B 230 6.19 10.65 -8.89
CA ARG B 230 5.92 11.24 -10.18
C ARG B 230 6.34 12.70 -10.24
N ILE B 231 6.02 13.47 -9.21
CA ILE B 231 6.46 14.86 -9.08
C ILE B 231 7.99 14.94 -9.07
N LEU B 232 8.63 13.99 -8.40
CA LEU B 232 10.09 14.01 -8.31
C LEU B 232 10.74 13.72 -9.65
N ARG B 233 9.98 13.16 -10.59
CA ARG B 233 10.49 12.92 -11.92
C ARG B 233 10.26 14.11 -12.87
N VAL B 234 9.54 15.13 -12.43
CA VAL B 234 9.30 16.28 -13.32
C VAL B 234 9.91 17.57 -12.79
N ILE B 235 10.21 17.58 -11.50
CA ILE B 235 10.81 18.74 -10.86
C ILE B 235 12.19 19.04 -11.45
N ARG B 236 12.52 20.32 -11.57
N ARG B 236 12.47 20.33 -11.61
CA ARG B 236 13.68 20.73 -12.32
CA ARG B 236 13.59 20.85 -12.40
C ARG B 236 14.16 22.10 -11.82
C ARG B 236 14.16 22.11 -11.71
N PRO B 237 15.49 22.30 -11.75
CA PRO B 237 16.00 23.63 -11.43
C PRO B 237 16.02 24.47 -12.70
N TYR B 238 16.14 25.78 -12.53
CA TYR B 238 16.55 26.67 -13.61
C TYR B 238 17.16 27.87 -12.92
N LYS B 239 17.64 28.84 -13.70
CA LYS B 239 18.34 29.99 -13.13
C LYS B 239 17.49 30.74 -12.10
N GLY B 240 16.18 30.80 -12.31
CA GLY B 240 15.31 31.64 -11.51
C GLY B 240 14.61 30.93 -10.36
N GLY B 241 14.85 29.62 -10.22
CA GLY B 241 14.31 28.89 -9.10
C GLY B 241 13.97 27.46 -9.43
N ILE B 242 12.74 27.06 -9.14
CA ILE B 242 12.31 25.68 -9.44
C ILE B 242 11.12 25.62 -10.40
N ALA B 243 11.14 24.62 -11.27
CA ALA B 243 10.13 24.49 -12.33
C ALA B 243 9.76 23.03 -12.49
N PHE B 244 8.75 22.78 -13.34
CA PHE B 244 8.26 21.42 -13.55
C PHE B 244 8.15 21.20 -15.03
N ALA B 245 8.72 20.10 -15.53
CA ALA B 245 8.68 19.76 -16.96
C ALA B 245 7.25 19.81 -17.49
N MET B 246 7.10 20.24 -18.74
CA MET B 246 5.79 20.37 -19.35
C MET B 246 5.08 19.02 -19.48
N ASN B 247 5.83 17.98 -19.84
CA ASN B 247 5.25 16.63 -19.93
C ASN B 247 4.83 16.08 -18.56
N GLY B 248 5.12 16.80 -17.49
CA GLY B 248 4.66 16.41 -16.15
C GLY B 248 3.54 17.25 -15.58
N MET B 249 2.86 18.03 -16.43
CA MET B 249 1.88 18.99 -15.95
C MET B 249 0.68 18.34 -15.23
N HIS B 250 0.29 17.15 -15.67
CA HIS B 250 -0.77 16.41 -15.02
C HIS B 250 -0.41 15.96 -13.60
N ALA B 251 0.88 15.73 -13.33
CA ALA B 251 1.34 15.44 -11.96
C ALA B 251 1.23 16.68 -11.06
N VAL B 252 1.42 17.85 -11.64
CA VAL B 252 1.22 19.12 -10.93
C VAL B 252 -0.28 19.30 -10.62
N GLU B 253 -1.14 19.01 -11.59
CA GLU B 253 -2.59 19.00 -11.38
C GLU B 253 -3.02 18.12 -10.21
N ASP B 254 -2.47 16.90 -10.15
CA ASP B 254 -2.73 15.96 -9.07
C ASP B 254 -2.44 16.52 -7.70
N TYR B 255 -1.29 17.19 -7.56
CA TYR B 255 -0.93 17.81 -6.31
C TYR B 255 -1.92 18.94 -5.96
N ILE B 256 -2.28 19.76 -6.93
CA ILE B 256 -3.22 20.86 -6.68
C ILE B 256 -4.54 20.28 -6.19
N VAL B 257 -4.96 19.18 -6.82
CA VAL B 257 -6.22 18.53 -6.49
C VAL B 257 -6.21 17.92 -5.07
N SER B 258 -5.10 17.25 -4.72
CA SER B 258 -4.92 16.70 -3.37
C SER B 258 -4.89 17.75 -2.27
N ARG B 259 -4.20 18.87 -2.54
N ARG B 259 -4.18 18.86 -2.51
CA ARG B 259 -4.11 19.95 -1.57
CA ARG B 259 -4.13 19.95 -1.54
C ARG B 259 -5.51 20.51 -1.30
C ARG B 259 -5.55 20.45 -1.28
N TYR B 260 -6.30 20.67 -2.36
CA TYR B 260 -7.68 21.13 -2.28
C TYR B 260 -8.58 20.17 -1.47
N GLN B 261 -8.48 18.87 -1.74
CA GLN B 261 -9.25 17.88 -0.96
C GLN B 261 -8.88 17.89 0.54
N MET B 262 -7.58 17.93 0.85
CA MET B 262 -7.12 18.07 2.22
C MET B 262 -7.64 19.34 2.92
N TYR B 263 -7.63 20.47 2.21
CA TYR B 263 -8.11 21.71 2.83
C TYR B 263 -9.59 21.65 3.15
N VAL B 264 -10.37 21.19 2.17
CA VAL B 264 -11.80 21.07 2.33
C VAL B 264 -12.21 20.01 3.34
N GLN B 265 -11.57 18.83 3.30
CA GLN B 265 -12.04 17.71 4.11
C GLN B 265 -11.41 17.59 5.49
N VAL B 266 -10.18 18.07 5.64
CA VAL B 266 -9.47 17.94 6.91
C VAL B 266 -9.23 19.28 7.61
N TYR B 267 -8.42 20.13 6.98
CA TYR B 267 -7.96 21.36 7.64
C TYR B 267 -9.09 22.32 8.05
N PHE B 268 -10.15 22.39 7.25
CA PHE B 268 -11.28 23.27 7.52
C PHE B 268 -12.43 22.59 8.26
N HIS B 269 -12.20 21.42 8.85
CA HIS B 269 -13.28 20.66 9.48
C HIS B 269 -13.98 21.44 10.60
N PRO B 270 -15.32 21.57 10.52
CA PRO B 270 -16.04 22.37 11.53
C PRO B 270 -15.83 21.87 12.97
N VAL B 271 -15.57 20.59 13.15
CA VAL B 271 -15.49 20.04 14.51
C VAL B 271 -14.11 20.25 15.18
N SER B 272 -13.04 20.14 14.41
CA SER B 272 -11.71 20.46 14.93
C SER B 272 -11.63 21.95 15.28
N ARG B 273 -12.23 22.77 14.43
CA ARG B 273 -12.34 24.21 14.71
C ARG B 273 -13.18 24.45 15.96
N GLY B 274 -14.24 23.66 16.14
CA GLY B 274 -15.04 23.72 17.37
C GLY B 274 -14.18 23.59 18.61
N MET B 275 -13.22 22.63 18.57
CA MET B 275 -12.31 22.40 19.68
C MET B 275 -11.30 23.53 19.81
N GLU B 276 -10.90 24.09 18.68
CA GLU B 276 -9.94 25.18 18.61
C GLU B 276 -10.48 26.43 19.32
N VAL B 277 -11.77 26.70 19.12
CA VAL B 277 -12.44 27.83 19.75
C VAL B 277 -12.43 27.69 21.28
N ILE B 278 -12.75 26.49 21.75
CA ILE B 278 -12.70 26.19 23.18
C ILE B 278 -11.33 26.47 23.75
N LEU B 279 -10.29 26.02 23.03
CA LEU B 279 -8.92 26.15 23.49
C LEU B 279 -8.47 27.60 23.51
N ASP B 280 -8.85 28.33 22.48
CA ASP B 280 -8.60 29.77 22.39
C ASP B 280 -9.23 30.50 23.56
N HIS B 281 -10.49 30.19 23.84
CA HIS B 281 -11.23 30.87 24.88
C HIS B 281 -10.73 30.47 26.26
N LEU B 282 -10.27 29.22 26.39
CA LEU B 282 -9.71 28.73 27.64
C LEU B 282 -8.39 29.44 27.99
N LEU B 283 -7.50 29.56 27.02
CA LEU B 283 -6.25 30.25 27.22
C LEU B 283 -6.47 31.74 27.51
N HIS B 284 -7.44 32.34 26.84
CA HIS B 284 -7.74 33.76 27.03
C HIS B 284 -8.31 34.02 28.42
N ARG B 285 -9.18 33.11 28.88
CA ARG B 285 -9.76 33.18 30.22
C ARG B 285 -8.67 33.09 31.30
N ALA B 286 -7.77 32.12 31.15
CA ALA B 286 -6.65 31.95 32.08
C ALA B 286 -5.77 33.20 32.15
N LYS B 287 -5.41 33.73 30.99
CA LYS B 287 -4.63 34.96 30.90
C LYS B 287 -5.33 36.08 31.64
N GLU B 288 -6.62 36.26 31.33
CA GLU B 288 -7.46 37.28 32.00
C GLU B 288 -7.55 37.09 33.51
N LEU B 289 -7.61 35.84 33.97
CA LEU B 289 -7.70 35.58 35.41
C LEU B 289 -6.41 36.00 36.10
N PHE B 290 -5.29 35.58 35.51
CA PHE B 290 -3.96 35.98 35.94
C PHE B 290 -3.74 37.50 35.97
N GLU B 291 -4.23 38.17 34.92
N GLU B 291 -4.24 38.21 34.95
CA GLU B 291 -4.18 39.64 34.79
CA GLU B 291 -4.09 39.67 34.88
C GLU B 291 -5.00 40.37 35.86
C GLU B 291 -5.13 40.46 35.71
N ASN B 292 -6.10 39.75 36.29
CA ASN B 292 -7.07 40.39 37.22
C ASN B 292 -6.62 40.31 38.68
N PRO B 293 -6.37 41.47 39.33
CA PRO B 293 -5.94 41.48 40.73
C PRO B 293 -7.01 40.91 41.69
N GLU B 294 -8.26 40.95 41.27
CA GLU B 294 -9.39 40.40 42.04
C GLU B 294 -9.26 38.89 42.24
N PHE B 295 -8.93 38.19 41.16
CA PHE B 295 -8.72 36.76 41.22
C PHE B 295 -7.34 36.46 41.80
N ASP B 296 -7.33 35.94 43.03
CA ASP B 296 -6.08 35.72 43.76
C ASP B 296 -5.66 34.25 43.80
N TYR B 297 -6.55 33.38 43.34
CA TYR B 297 -6.29 31.95 43.30
C TYR B 297 -5.11 31.61 42.35
N ASP B 298 -4.27 30.65 42.76
CA ASP B 298 -3.11 30.22 41.98
C ASP B 298 -3.45 29.23 40.87
N LEU B 299 -3.12 29.62 39.63
CA LEU B 299 -3.41 28.81 38.45
C LEU B 299 -2.48 27.62 38.27
N GLN B 300 -1.40 27.57 39.06
CA GLN B 300 -0.42 26.47 39.04
C GLN B 300 0.22 26.24 37.66
N ALA B 301 0.38 27.30 36.89
CA ALA B 301 0.78 27.19 35.50
C ALA B 301 2.10 27.91 35.24
N SER B 302 3.15 27.52 35.97
CA SER B 302 4.38 28.29 36.05
C SER B 302 5.04 28.57 34.69
N LEU B 303 5.01 27.59 33.80
CA LEU B 303 5.58 27.75 32.46
C LEU B 303 4.78 28.68 31.54
N LEU B 304 3.54 29.00 31.91
CA LEU B 304 2.71 29.94 31.14
C LEU B 304 2.77 31.37 31.65
N VAL B 305 3.29 31.54 32.87
CA VAL B 305 3.37 32.83 33.51
C VAL B 305 4.10 33.92 32.68
N PRO B 306 5.25 33.57 32.04
CA PRO B 306 5.86 34.62 31.22
C PRO B 306 4.96 35.00 30.03
N PHE B 307 4.07 34.10 29.65
CA PHE B 307 3.19 34.33 28.51
C PHE B 307 1.90 35.09 28.87
N PHE B 308 1.40 34.86 30.07
CA PHE B 308 0.32 35.69 30.64
C PHE B 308 0.72 37.16 30.64
N LYS B 309 1.99 37.41 30.92
CA LYS B 309 2.54 38.76 31.09
C LYS B 309 3.01 39.46 29.80
N GLY B 310 3.11 38.70 28.71
CA GLY B 310 3.58 39.24 27.42
C GLY B 310 5.05 39.60 27.42
N ASP B 311 5.86 38.84 28.14
CA ASP B 311 7.27 39.12 28.32
C ASP B 311 8.02 37.82 28.57
N PHE B 312 8.48 37.19 27.50
CA PHE B 312 9.05 35.85 27.60
C PHE B 312 10.38 35.72 26.87
N THR B 313 11.19 34.75 27.28
CA THR B 313 12.44 34.44 26.62
C THR B 313 12.29 33.21 25.73
N LEU B 314 13.25 33.01 24.83
CA LEU B 314 13.38 31.79 24.06
C LEU B 314 13.45 30.56 24.96
N GLN B 315 14.28 30.61 26.01
CA GLN B 315 14.42 29.48 26.93
C GLN B 315 13.07 29.04 27.52
N GLU B 316 12.28 30.03 27.97
CA GLU B 316 10.96 29.76 28.53
C GLU B 316 10.02 29.13 27.49
N TYR B 317 10.11 29.60 26.26
CA TYR B 317 9.29 29.10 25.16
C TYR B 317 9.64 27.66 24.79
N LEU B 318 10.92 27.30 24.84
CA LEU B 318 11.36 25.95 24.48
C LEU B 318 10.93 24.87 25.46
N LYS B 319 10.48 25.28 26.65
CA LYS B 319 9.96 24.35 27.65
C LYS B 319 8.53 23.91 27.35
N LEU B 320 7.84 24.67 26.50
CA LEU B 320 6.44 24.43 26.21
C LEU B 320 6.22 23.35 25.18
N ASP B 321 5.32 22.41 25.50
CA ASP B 321 4.81 21.43 24.52
C ASP B 321 3.35 21.07 24.85
N ASP B 322 2.74 20.16 24.09
CA ASP B 322 1.31 19.88 24.27
C ASP B 322 0.96 19.39 25.67
N GLY B 323 1.81 18.49 26.20
CA GLY B 323 1.63 17.92 27.53
C GLY B 323 1.57 18.98 28.62
N VAL B 324 2.40 20.01 28.51
CA VAL B 324 2.43 21.09 29.49
C VAL B 324 1.03 21.69 29.60
N LEU B 325 0.43 21.99 28.46
CA LEU B 325 -0.87 22.62 28.42
C LEU B 325 -1.97 21.69 28.94
N SER B 326 -1.97 20.44 28.50
CA SER B 326 -3.01 19.51 28.97
C SER B 326 -2.93 19.23 30.47
N THR B 327 -1.71 19.22 31.02
CA THR B 327 -1.47 19.12 32.47
C THR B 327 -2.08 20.31 33.22
N TYR B 328 -1.91 21.50 32.67
CA TYR B 328 -2.44 22.71 33.29
C TYR B 328 -3.95 22.73 33.24
N PHE B 329 -4.51 22.39 32.07
CA PHE B 329 -5.95 22.24 31.91
C PHE B 329 -6.57 21.27 32.92
N THR B 330 -5.89 20.15 33.20
CA THR B 330 -6.34 19.17 34.21
C THR B 330 -6.49 19.86 35.56
N GLN B 331 -5.45 20.59 35.96
CA GLN B 331 -5.47 21.34 37.21
C GLN B 331 -6.62 22.34 37.21
N TRP B 332 -6.81 23.03 36.08
CA TRP B 332 -7.81 24.12 35.97
C TRP B 332 -9.25 23.67 36.10
N MET B 333 -9.50 22.38 35.90
CA MET B 333 -10.82 21.80 36.12
C MET B 333 -11.33 21.97 37.56
N ASP B 334 -10.42 22.26 38.48
CA ASP B 334 -10.74 22.38 39.91
C ASP B 334 -10.63 23.80 40.44
N VAL B 335 -10.42 24.75 39.53
CA VAL B 335 -10.19 26.15 39.88
C VAL B 335 -11.53 26.89 40.03
N PRO B 336 -11.72 27.60 41.15
CA PRO B 336 -12.95 28.38 41.41
C PRO B 336 -13.20 29.56 40.46
N ASP B 337 -13.33 29.24 39.17
CA ASP B 337 -13.90 30.14 38.18
C ASP B 337 -14.66 29.21 37.25
N SER B 338 -15.98 29.36 37.20
CA SER B 338 -16.81 28.40 36.50
C SER B 338 -16.59 28.39 34.98
N ILE B 339 -16.21 29.53 34.40
CA ILE B 339 -15.90 29.59 32.98
C ILE B 339 -14.58 28.85 32.66
N LEU B 340 -13.57 29.02 33.52
CA LEU B 340 -12.30 28.34 33.32
C LEU B 340 -12.42 26.84 33.54
N GLY B 341 -13.01 26.46 34.68
CA GLY B 341 -13.26 25.07 35.03
C GLY B 341 -14.03 24.32 33.95
N ASP B 342 -15.10 24.94 33.45
CA ASP B 342 -15.94 24.32 32.44
C ASP B 342 -15.23 24.20 31.10
N LEU B 343 -14.61 25.28 30.63
CA LEU B 343 -13.83 25.27 29.39
C LEU B 343 -12.69 24.24 29.38
N ALA B 344 -12.00 24.08 30.51
CA ALA B 344 -10.95 23.08 30.66
C ALA B 344 -11.52 21.67 30.51
N LYS B 345 -12.65 21.44 31.18
CA LYS B 345 -13.42 20.20 31.10
C LYS B 345 -13.82 19.91 29.66
N ARG B 346 -14.39 20.90 28.98
CA ARG B 346 -14.79 20.76 27.59
C ARG B 346 -13.62 20.37 26.68
N PHE B 347 -12.42 20.89 26.98
CA PHE B 347 -11.27 20.55 26.16
C PHE B 347 -10.77 19.13 26.41
N LEU B 348 -10.69 18.71 27.66
CA LEU B 348 -10.22 17.36 27.98
C LEU B 348 -11.24 16.26 27.72
N MET B 349 -12.53 16.58 27.89
CA MET B 349 -13.63 15.62 27.74
C MET B 349 -14.20 15.60 26.32
N ARG B 350 -13.70 16.49 25.44
CA ARG B 350 -14.15 16.61 24.05
C ARG B 350 -15.63 17.02 23.96
N LYS B 351 -15.90 18.27 24.36
CA LYS B 351 -17.24 18.85 24.25
C LYS B 351 -17.18 20.11 23.36
N PRO B 352 -17.05 19.92 22.03
CA PRO B 352 -16.87 21.06 21.14
C PRO B 352 -18.11 21.96 21.04
N LEU B 353 -17.90 23.26 20.85
CA LEU B 353 -19.01 24.14 20.50
C LEU B 353 -19.60 23.61 19.22
N LYS B 354 -20.92 23.71 19.06
CA LYS B 354 -21.56 23.41 17.78
C LYS B 354 -21.53 24.65 16.89
N SER B 355 -21.75 24.47 15.60
CA SER B 355 -21.73 25.62 14.69
C SER B 355 -22.84 25.61 13.65
N ALA B 356 -23.12 26.80 13.11
CA ALA B 356 -24.05 26.98 12.00
C ALA B 356 -23.39 27.83 10.92
N THR B 357 -23.64 27.52 9.66
CA THR B 357 -23.07 28.27 8.55
C THR B 357 -23.89 29.52 8.26
N PHE B 358 -23.21 30.62 7.97
CA PHE B 358 -23.84 31.78 7.36
C PHE B 358 -22.92 32.25 6.23
N THR B 359 -23.39 33.20 5.43
CA THR B 359 -22.67 33.56 4.21
C THR B 359 -21.94 34.89 4.35
N ASN B 360 -22.65 36.01 4.27
CA ASN B 360 -22.01 37.30 4.49
C ASN B 360 -22.27 37.85 5.89
N GLU B 361 -21.18 38.27 6.53
CA GLU B 361 -21.17 38.80 7.88
C GLU B 361 -22.13 39.96 8.12
N LYS B 362 -22.32 40.80 7.09
CA LYS B 362 -23.11 42.04 7.20
C LYS B 362 -24.63 41.81 7.29
N GLU B 363 -25.14 40.87 6.49
CA GLU B 363 -26.56 40.50 6.55
C GLU B 363 -26.87 39.69 7.81
N SER B 364 -25.89 38.92 8.27
CA SER B 364 -26.07 38.01 9.39
C SER B 364 -25.82 38.65 10.76
N ALA B 365 -25.31 39.88 10.75
CA ALA B 365 -24.84 40.56 11.98
C ALA B 365 -25.90 40.75 13.08
N ALA B 366 -27.11 41.16 12.67
CA ALA B 366 -28.21 41.45 13.62
C ALA B 366 -28.81 40.18 14.22
N THR B 367 -28.90 39.14 13.39
CA THR B 367 -29.35 37.84 13.84
C THR B 367 -28.35 37.26 14.85
N ILE B 368 -27.07 37.32 14.52
CA ILE B 368 -26.04 36.79 15.41
C ILE B 368 -26.04 37.51 16.77
N ALA B 369 -26.13 38.84 16.74
CA ALA B 369 -26.25 39.64 17.95
C ALA B 369 -27.44 39.20 18.83
N TYR B 370 -28.57 38.92 18.19
CA TYR B 370 -29.75 38.40 18.88
C TYR B 370 -29.51 37.03 19.53
N LEU B 371 -28.83 36.14 18.80
CA LEU B 371 -28.57 34.79 19.30
C LEU B 371 -27.62 34.82 20.48
N ARG B 372 -26.71 35.79 20.51
CA ARG B 372 -25.83 35.98 21.66
C ARG B 372 -26.60 36.43 22.90
N GLU B 373 -27.69 37.17 22.71
CA GLU B 373 -28.57 37.57 23.82
C GLU B 373 -29.28 36.37 24.40
N LEU B 374 -29.82 35.52 23.54
CA LEU B 374 -30.51 34.32 23.97
C LEU B 374 -29.53 33.43 24.74
N ILE B 375 -28.34 33.28 24.19
CA ILE B 375 -27.28 32.51 24.82
C ILE B 375 -26.92 33.07 26.19
N GLU B 376 -26.71 34.38 26.29
CA GLU B 376 -26.50 35.05 27.58
C GLU B 376 -27.65 34.87 28.57
N LYS B 377 -28.87 34.90 28.03
CA LYS B 377 -30.12 34.75 28.78
C LYS B 377 -30.25 33.39 29.51
N VAL B 378 -29.69 32.33 28.94
CA VAL B 378 -29.71 31.00 29.59
C VAL B 378 -28.46 30.69 30.44
N GLY B 379 -27.61 31.69 30.65
CA GLY B 379 -26.48 31.53 31.55
C GLY B 379 -25.09 31.41 30.95
N PHE B 380 -25.00 31.28 29.63
CA PHE B 380 -23.70 31.19 28.96
C PHE B 380 -23.18 32.60 28.64
N ASN B 381 -21.95 32.91 29.08
CA ASN B 381 -21.29 34.17 28.73
C ASN B 381 -20.82 34.09 27.27
N PRO B 382 -21.43 34.88 26.35
CA PRO B 382 -21.14 34.72 24.93
C PRO B 382 -19.73 35.12 24.50
N LYS B 383 -19.04 35.92 25.31
CA LYS B 383 -17.64 36.23 25.06
C LYS B 383 -16.81 34.95 25.05
N TYR B 384 -17.24 33.95 25.81
CA TYR B 384 -16.51 32.68 25.88
C TYR B 384 -17.22 31.51 25.23
N TYR B 385 -18.52 31.61 25.09
CA TYR B 385 -19.28 30.45 24.58
C TYR B 385 -19.79 30.59 23.14
N THR B 386 -19.43 31.69 22.48
CA THR B 386 -19.72 31.84 21.07
C THR B 386 -18.47 32.33 20.36
N ALA B 387 -18.42 32.11 19.05
CA ALA B 387 -17.40 32.74 18.22
C ALA B 387 -17.84 32.85 16.77
N ILE B 388 -17.28 33.84 16.09
CA ILE B 388 -17.33 33.88 14.64
C ILE B 388 -15.99 33.33 14.13
N ASN B 389 -16.06 32.26 13.34
CA ASN B 389 -14.88 31.56 12.87
C ASN B 389 -15.06 31.06 11.43
N SER B 390 -14.03 31.26 10.60
CA SER B 390 -14.10 30.88 9.17
C SER B 390 -12.88 30.09 8.64
N SER B 391 -11.93 29.78 9.53
CA SER B 391 -10.73 29.01 9.18
C SER B 391 -10.07 28.44 10.45
N TYR B 392 -9.04 27.64 10.25
CA TYR B 392 -8.11 27.25 11.31
C TYR B 392 -7.24 28.46 11.71
N ASP B 393 -7.11 29.42 10.79
CA ASP B 393 -6.50 30.72 11.07
C ASP B 393 -7.49 31.58 11.84
N LEU B 394 -7.11 31.97 13.06
CA LEU B 394 -7.95 32.85 13.89
C LEU B 394 -7.72 34.33 13.53
N PRO B 395 -8.77 35.17 13.60
CA PRO B 395 -8.74 36.58 13.19
C PRO B 395 -7.50 37.36 13.66
N ARG B 407 -4.18 32.91 -5.90
CA ARG B 407 -3.16 33.21 -6.90
C ARG B 407 -2.13 32.07 -7.08
N THR B 408 -1.86 31.73 -8.34
CA THR B 408 -0.93 30.63 -8.68
C THR B 408 0.42 31.13 -9.23
N GLN B 409 1.50 30.53 -8.75
CA GLN B 409 2.86 30.81 -9.24
C GLN B 409 3.72 29.54 -9.44
N ILE B 410 3.36 28.76 -10.44
CA ILE B 410 4.05 27.51 -10.75
C ILE B 410 4.54 27.55 -12.19
N GLU B 411 5.85 27.40 -12.37
CA GLU B 411 6.44 27.47 -13.69
C GLU B 411 6.58 26.09 -14.30
N LEU B 412 6.12 25.96 -15.54
CA LEU B 412 6.28 24.73 -16.30
C LEU B 412 7.29 24.97 -17.39
N MET B 413 8.20 24.00 -17.57
CA MET B 413 9.28 24.18 -18.53
C MET B 413 9.12 23.34 -19.79
N GLN B 414 9.23 24.00 -20.94
CA GLN B 414 9.21 23.30 -22.21
C GLN B 414 10.57 22.71 -22.55
N LYS B 415 10.61 21.82 -23.55
CA LYS B 415 11.88 21.20 -23.97
C LYS B 415 12.98 22.21 -24.33
N ASP B 416 12.59 23.35 -24.90
CA ASP B 416 13.56 24.37 -25.32
C ASP B 416 14.08 25.23 -24.16
N GLY B 417 13.48 25.04 -22.98
CA GLY B 417 13.87 25.75 -21.77
C GLY B 417 13.00 26.97 -21.44
N SER B 418 11.95 27.20 -22.23
CA SER B 418 11.08 28.35 -21.98
C SER B 418 10.01 28.01 -20.94
N LEU B 419 9.44 29.04 -20.33
CA LEU B 419 8.55 28.85 -19.20
C LEU B 419 7.12 29.23 -19.51
N VAL B 420 6.20 28.45 -18.98
CA VAL B 420 4.77 28.74 -19.07
C VAL B 420 4.25 28.58 -17.66
N GLU B 421 3.38 29.50 -17.23
CA GLU B 421 2.79 29.39 -15.91
C GLU B 421 1.66 28.39 -16.04
N LEU B 422 1.48 27.57 -15.00
CA LEU B 422 0.47 26.51 -14.97
C LEU B 422 -0.94 26.95 -15.37
N ALA B 423 -1.37 28.13 -14.90
CA ALA B 423 -2.69 28.65 -15.21
C ALA B 423 -2.91 28.89 -16.71
N THR B 424 -1.82 29.14 -17.44
CA THR B 424 -1.91 29.30 -18.87
C THR B 424 -2.28 28.00 -19.59
N VAL B 425 -1.77 26.86 -19.10
CA VAL B 425 -2.10 25.58 -19.74
C VAL B 425 -3.26 24.83 -19.07
N SER B 426 -3.49 25.09 -17.78
CA SER B 426 -4.59 24.46 -17.04
C SER B 426 -5.35 25.45 -16.12
N PRO B 427 -6.15 26.37 -16.71
CA PRO B 427 -6.84 27.46 -15.98
C PRO B 427 -7.83 27.08 -14.85
N LEU B 428 -8.68 26.08 -15.08
CA LEU B 428 -9.71 25.70 -14.12
C LEU B 428 -9.10 24.97 -12.92
N VAL B 429 -8.05 24.18 -13.16
CA VAL B 429 -7.32 23.59 -12.05
C VAL B 429 -6.56 24.70 -11.31
N ALA B 430 -6.01 25.66 -12.04
CA ALA B 430 -5.37 26.82 -11.41
C ALA B 430 -6.33 27.62 -10.53
N ALA B 431 -7.57 27.79 -11.00
CA ALA B 431 -8.60 28.53 -10.27
C ALA B 431 -8.87 27.90 -8.91
N LEU B 432 -8.92 26.58 -8.91
CA LEU B 432 -9.12 25.74 -7.75
C LEU B 432 -8.08 25.99 -6.64
N ALA B 433 -6.82 26.14 -7.02
CA ALA B 433 -5.72 26.42 -6.08
C ALA B 433 -5.85 27.81 -5.43
N GLY B 434 -6.15 28.81 -6.26
CA GLY B 434 -6.31 30.18 -5.81
C GLY B 434 -7.60 30.44 -5.03
N GLN B 435 -8.55 29.52 -5.17
CA GLN B 435 -9.82 29.62 -4.46
C GLN B 435 -9.61 29.41 -2.97
N SER B 436 -10.12 30.34 -2.16
CA SER B 436 -10.09 30.21 -0.71
C SER B 436 -11.42 29.68 -0.21
N GLN B 437 -11.38 28.57 0.51
CA GLN B 437 -12.60 27.93 1.01
C GLN B 437 -13.16 28.64 2.25
N GLY B 438 -13.89 29.73 1.98
CA GLY B 438 -14.48 30.56 3.03
C GLY B 438 -15.69 29.90 3.64
N ASP B 439 -15.46 29.23 4.78
CA ASP B 439 -16.52 28.55 5.51
C ASP B 439 -16.92 29.31 6.78
N GLU B 440 -17.66 30.42 6.61
CA GLU B 440 -18.10 31.26 7.72
C GLU B 440 -19.09 30.57 8.66
N ARG B 441 -18.72 30.48 9.93
CA ARG B 441 -19.51 29.78 10.92
C ARG B 441 -19.67 30.57 12.23
N PHE B 442 -20.83 30.37 12.86
CA PHE B 442 -21.11 30.90 14.18
C PHE B 442 -21.16 29.72 15.14
N TYR B 443 -20.28 29.76 16.14
CA TYR B 443 -20.13 28.70 17.11
C TYR B 443 -20.85 29.06 18.41
N PHE B 444 -21.38 28.04 19.08
CA PHE B 444 -22.27 28.21 20.22
C PHE B 444 -22.41 26.85 20.90
N PRO B 445 -22.82 26.81 22.19
CA PRO B 445 -22.91 25.53 22.92
C PRO B 445 -23.96 24.55 22.39
N LYS B 446 -23.58 23.28 22.29
CA LYS B 446 -24.51 22.22 21.95
C LYS B 446 -25.79 22.25 22.79
N GLU B 447 -25.66 22.62 24.07
CA GLU B 447 -26.81 22.73 24.98
C GLU B 447 -27.96 23.59 24.44
N MET B 448 -27.62 24.57 23.59
CA MET B 448 -28.61 25.46 22.98
C MET B 448 -29.65 24.74 22.12
N LEU B 449 -29.28 23.57 21.59
CA LEU B 449 -30.21 22.72 20.83
C LEU B 449 -30.21 21.27 21.36
N ASP B 450 -29.50 21.08 22.47
CA ASP B 450 -29.33 19.81 23.18
C ASP B 450 -30.67 19.28 23.69
N GLN B 451 -31.57 20.20 24.05
CA GLN B 451 -32.77 19.92 24.83
C GLN B 451 -33.65 18.77 24.31
N GLY B 452 -34.26 18.97 23.13
CA GLY B 452 -35.15 17.98 22.53
C GLY B 452 -36.60 18.16 22.96
N ASN B 453 -37.16 17.10 23.55
CA ASN B 453 -38.56 17.09 23.99
C ASN B 453 -38.74 17.18 25.50
N LYS B 454 -39.27 18.31 25.95
CA LYS B 454 -39.56 18.56 27.36
C LYS B 454 -41.02 18.25 27.65
N LYS B 455 -41.29 17.72 28.83
CA LYS B 455 -42.66 17.47 29.30
C LYS B 455 -43.43 18.79 29.41
N HIS B 456 -42.82 19.79 30.05
CA HIS B 456 -43.38 21.14 30.14
C HIS B 456 -42.35 22.16 29.67
N TYR B 457 -42.82 23.23 29.06
CA TYR B 457 -41.97 24.37 28.71
C TYR B 457 -42.34 25.55 29.59
N ASP B 458 -41.31 26.22 30.13
CA ASP B 458 -41.51 27.49 30.80
C ASP B 458 -40.83 28.58 29.97
N LEU B 459 -41.03 29.84 30.35
CA LEU B 459 -40.50 30.99 29.59
C LEU B 459 -38.96 31.05 29.55
N PHE B 460 -38.32 30.04 30.16
CA PHE B 460 -36.87 29.85 30.11
C PHE B 460 -36.50 28.76 29.10
N ASP B 461 -37.22 27.64 29.12
CA ASP B 461 -37.09 26.58 28.11
C ASP B 461 -37.49 27.11 26.73
N GLU B 462 -38.20 28.24 26.76
CA GLU B 462 -38.66 28.92 25.57
C GLU B 462 -37.50 29.52 24.77
N THR B 463 -36.46 29.92 25.49
CA THR B 463 -35.28 30.52 24.88
C THR B 463 -34.53 29.52 23.98
N TYR B 464 -34.48 28.25 24.40
CA TYR B 464 -33.80 27.21 23.62
C TYR B 464 -34.50 26.92 22.31
N ARG B 465 -35.82 26.87 22.39
CA ARG B 465 -36.69 26.53 21.28
C ARG B 465 -36.71 27.68 20.27
N GLU B 466 -36.67 28.90 20.79
CA GLU B 466 -36.59 30.11 19.97
C GLU B 466 -35.24 30.18 19.25
N PHE B 467 -34.17 29.86 19.97
CA PHE B 467 -32.82 29.76 19.42
C PHE B 467 -32.76 28.78 18.24
N SER B 468 -33.19 27.54 18.49
CA SER B 468 -33.21 26.50 17.48
C SER B 468 -33.93 26.86 16.18
N SER B 469 -34.96 27.68 16.26
CA SER B 469 -35.73 28.07 15.07
C SER B 469 -34.88 28.91 14.09
N TYR B 470 -33.73 29.37 14.57
CA TYR B 470 -32.82 30.15 13.76
C TYR B 470 -31.77 29.26 13.09
N ILE B 471 -31.90 27.94 13.23
CA ILE B 471 -30.94 27.04 12.65
C ILE B 471 -31.62 25.94 11.87
N HIS B 472 -31.48 25.99 10.55
CA HIS B 472 -32.06 24.98 9.69
C HIS B 472 -30.97 24.23 8.93
N ASN B 473 -30.87 22.93 9.21
CA ASN B 473 -29.90 22.03 8.56
C ASN B 473 -28.45 22.51 8.60
N GLY B 474 -28.03 23.00 9.76
CA GLY B 474 -26.66 23.47 9.94
C GLY B 474 -26.40 24.88 9.46
N ALA B 475 -27.45 25.63 9.17
CA ALA B 475 -27.30 27.00 8.68
C ALA B 475 -28.13 28.00 9.47
N LEU B 476 -27.58 29.20 9.70
CA LEU B 476 -28.35 30.31 10.24
C LEU B 476 -29.56 30.65 9.37
N VAL B 477 -30.68 30.93 10.01
CA VAL B 477 -31.85 31.47 9.34
C VAL B 477 -31.88 32.95 9.68
N LEU B 478 -31.85 33.78 8.66
CA LEU B 478 -31.74 35.23 8.85
C LEU B 478 -33.07 35.90 9.14
N LYS B 479 -33.51 35.79 10.39
CA LYS B 479 -34.68 36.54 10.86
C LYS B 479 -34.22 37.68 11.78
N LYS B 480 -35.06 38.71 11.88
CA LYS B 480 -34.85 39.84 12.82
C LYS B 480 -34.31 39.39 14.21
N MET C 25 -37.09 -32.02 -3.52
CA MET C 25 -36.75 -32.56 -4.87
C MET C 25 -35.58 -31.77 -5.47
N THR C 26 -35.42 -31.84 -6.79
CA THR C 26 -34.38 -31.07 -7.50
C THR C 26 -34.67 -29.59 -7.37
N ILE C 27 -33.61 -28.82 -7.12
CA ILE C 27 -33.70 -27.36 -7.04
C ILE C 27 -33.62 -26.82 -8.48
N PRO C 28 -34.40 -25.77 -8.79
CA PRO C 28 -34.28 -25.12 -10.11
C PRO C 28 -32.87 -24.58 -10.32
N TYR C 29 -32.37 -24.71 -11.54
CA TYR C 29 -31.05 -24.21 -11.92
C TYR C 29 -30.83 -22.77 -11.47
N LYS C 30 -31.86 -21.96 -11.66
CA LYS C 30 -31.89 -20.55 -11.26
C LYS C 30 -31.57 -20.34 -9.77
N GLU C 31 -32.04 -21.24 -8.91
CA GLU C 31 -31.87 -21.12 -7.46
C GLU C 31 -30.66 -21.89 -6.92
N GLN C 32 -30.07 -22.75 -7.75
CA GLN C 32 -28.98 -23.63 -7.31
C GLN C 32 -27.75 -22.91 -6.77
N ARG C 33 -27.24 -23.42 -5.66
CA ARG C 33 -26.09 -22.81 -4.99
C ARG C 33 -25.02 -23.85 -4.70
N LEU C 34 -23.78 -23.41 -4.68
CA LEU C 34 -22.65 -24.30 -4.44
C LEU C 34 -22.70 -24.75 -2.98
N PRO C 35 -22.30 -26.01 -2.69
CA PRO C 35 -22.33 -26.51 -1.32
C PRO C 35 -21.57 -25.58 -0.37
N ILE C 36 -20.36 -25.17 -0.75
CA ILE C 36 -19.67 -24.08 -0.07
C ILE C 36 -19.23 -23.03 -1.09
N GLU C 37 -19.17 -21.77 -0.63
CA GLU C 37 -18.70 -20.62 -1.41
C GLU C 37 -17.40 -20.95 -2.15
N LYS C 38 -17.32 -20.57 -3.41
CA LYS C 38 -16.05 -20.67 -4.13
C LYS C 38 -15.32 -19.33 -4.16
N VAL C 39 -14.03 -19.37 -3.83
CA VAL C 39 -13.22 -18.16 -3.77
C VAL C 39 -12.05 -18.19 -4.74
N PHE C 40 -11.92 -17.10 -5.50
CA PHE C 40 -10.85 -16.92 -6.47
C PHE C 40 -9.97 -15.81 -5.91
N ARG C 41 -8.72 -16.11 -5.61
CA ARG C 41 -7.76 -15.08 -5.21
C ARG C 41 -7.61 -14.00 -6.31
N ASP C 42 -7.82 -12.75 -5.91
CA ASP C 42 -7.73 -11.60 -6.85
C ASP C 42 -6.85 -10.53 -6.22
N PRO C 43 -5.79 -10.12 -6.91
CA PRO C 43 -4.89 -9.13 -6.31
C PRO C 43 -5.53 -7.76 -6.00
N VAL C 44 -6.55 -7.37 -6.76
CA VAL C 44 -7.23 -6.10 -6.60
C VAL C 44 -8.33 -6.17 -5.52
N HIS C 45 -9.19 -7.19 -5.59
CA HIS C 45 -10.32 -7.28 -4.68
C HIS C 45 -10.13 -8.30 -3.54
N ASN C 46 -8.92 -8.85 -3.45
CA ASN C 46 -8.56 -9.89 -2.47
C ASN C 46 -9.22 -11.23 -2.84
N TYR C 47 -10.55 -11.28 -2.82
CA TYR C 47 -11.26 -12.49 -3.27
C TYR C 47 -12.42 -12.18 -4.20
N ILE C 48 -12.61 -13.04 -5.20
CA ILE C 48 -13.85 -13.10 -5.98
C ILE C 48 -14.70 -14.22 -5.38
N HIS C 49 -15.93 -13.92 -4.99
CA HIS C 49 -16.78 -14.91 -4.33
C HIS C 49 -17.88 -15.45 -5.28
N VAL C 50 -17.98 -16.77 -5.41
CA VAL C 50 -19.02 -17.37 -6.23
C VAL C 50 -19.90 -18.32 -5.42
N GLN C 51 -21.21 -18.08 -5.50
CA GLN C 51 -22.20 -18.86 -4.74
C GLN C 51 -23.23 -19.55 -5.65
N HIS C 52 -23.57 -18.92 -6.76
CA HIS C 52 -24.52 -19.51 -7.69
C HIS C 52 -23.87 -20.49 -8.67
N GLN C 53 -24.48 -21.65 -8.81
CA GLN C 53 -24.04 -22.65 -9.78
C GLN C 53 -23.99 -22.08 -11.21
N VAL C 54 -24.96 -21.23 -11.55
CA VAL C 54 -25.05 -20.60 -12.87
C VAL C 54 -23.79 -19.79 -13.16
N ILE C 55 -23.43 -18.95 -12.19
CA ILE C 55 -22.25 -18.11 -12.27
C ILE C 55 -20.97 -18.95 -12.40
N LEU C 56 -20.83 -19.99 -11.59
CA LEU C 56 -19.69 -20.89 -11.74
C LEU C 56 -19.62 -21.47 -13.16
N ASP C 57 -20.76 -21.99 -13.64
CA ASP C 57 -20.83 -22.58 -14.97
C ASP C 57 -20.42 -21.58 -16.07
N LEU C 58 -20.91 -20.34 -15.95
CA LEU C 58 -20.56 -19.26 -16.88
C LEU C 58 -19.06 -18.90 -16.89
N ILE C 59 -18.43 -18.87 -15.72
CA ILE C 59 -16.98 -18.63 -15.61
C ILE C 59 -16.18 -19.72 -16.33
N ASN C 60 -16.66 -20.96 -16.20
CA ASN C 60 -16.05 -22.14 -16.79
C ASN C 60 -16.33 -22.33 -18.30
N SER C 61 -17.29 -21.58 -18.85
CA SER C 61 -17.64 -21.75 -20.28
C SER C 61 -16.51 -21.35 -21.23
N ALA C 62 -16.47 -21.99 -22.39
CA ALA C 62 -15.47 -21.70 -23.42
C ALA C 62 -15.33 -20.22 -23.78
N GLU C 63 -16.44 -19.52 -23.92
CA GLU C 63 -16.41 -18.13 -24.41
C GLU C 63 -15.80 -17.21 -23.37
N VAL C 64 -16.04 -17.50 -22.09
CA VAL C 64 -15.45 -16.72 -21.01
C VAL C 64 -13.98 -17.10 -20.78
N GLN C 65 -13.66 -18.41 -20.84
CA GLN C 65 -12.26 -18.86 -20.69
C GLN C 65 -11.33 -18.22 -21.71
N ARG C 66 -11.88 -17.99 -22.90
N ARG C 66 -11.88 -17.96 -22.89
CA ARG C 66 -11.21 -17.30 -24.01
CA ARG C 66 -11.17 -17.33 -24.01
C ARG C 66 -10.59 -15.96 -23.60
C ARG C 66 -10.65 -15.91 -23.68
N LEU C 67 -11.27 -15.26 -22.70
CA LEU C 67 -10.83 -13.91 -22.28
C LEU C 67 -9.52 -13.90 -21.48
N ARG C 68 -9.09 -15.08 -21.00
CA ARG C 68 -7.77 -15.24 -20.41
C ARG C 68 -6.63 -14.93 -21.38
N ARG C 69 -6.89 -15.08 -22.67
CA ARG C 69 -5.86 -14.99 -23.70
C ARG C 69 -5.95 -13.68 -24.47
N ILE C 70 -6.76 -12.75 -23.94
CA ILE C 70 -6.89 -11.40 -24.50
C ILE C 70 -6.53 -10.35 -23.43
N LYS C 71 -5.55 -9.49 -23.71
CA LYS C 71 -5.12 -8.43 -22.79
C LYS C 71 -6.16 -7.33 -22.65
N GLN C 72 -6.42 -6.95 -21.40
CA GLN C 72 -7.32 -5.83 -21.09
C GLN C 72 -6.88 -4.51 -21.74
N LEU C 73 -5.58 -4.24 -21.73
CA LEU C 73 -5.07 -2.93 -22.15
C LEU C 73 -4.28 -2.91 -23.45
N GLY C 74 -4.31 -4.02 -24.20
CA GLY C 74 -3.69 -4.07 -25.53
C GLY C 74 -2.23 -3.64 -25.60
N THR C 75 -1.99 -2.46 -26.16
CA THR C 75 -0.63 -1.99 -26.37
C THR C 75 -0.03 -1.18 -25.19
N SER C 76 -0.80 -0.95 -24.14
CA SER C 76 -0.29 -0.24 -22.95
C SER C 76 0.92 -0.91 -22.28
N SER C 77 1.01 -2.23 -22.39
CA SER C 77 2.13 -2.99 -21.81
C SER C 77 3.50 -2.58 -22.36
N PHE C 78 3.53 -1.98 -23.55
CA PHE C 78 4.79 -1.48 -24.12
C PHE C 78 5.34 -0.25 -23.38
N THR C 79 4.48 0.39 -22.60
CA THR C 79 4.86 1.58 -21.83
C THR C 79 4.87 1.25 -20.34
N PHE C 80 3.85 0.52 -19.91
CA PHE C 80 3.73 0.06 -18.53
C PHE C 80 3.84 -1.47 -18.56
N HIS C 81 5.06 -1.98 -18.38
CA HIS C 81 5.30 -3.40 -18.59
C HIS C 81 4.56 -4.39 -17.65
N GLY C 82 4.00 -3.86 -16.55
CA GLY C 82 3.15 -4.65 -15.64
C GLY C 82 1.74 -4.92 -16.17
N ALA C 83 1.33 -4.17 -17.19
CA ALA C 83 -0.04 -4.19 -17.72
C ALA C 83 -0.42 -5.41 -18.57
N GLU C 84 -0.11 -6.60 -18.06
CA GLU C 84 -0.35 -7.83 -18.81
C GLU C 84 -1.65 -8.53 -18.38
N HIS C 85 -2.46 -7.86 -17.57
CA HIS C 85 -3.72 -8.45 -17.08
C HIS C 85 -4.75 -8.67 -18.21
N SER C 86 -5.56 -9.71 -18.05
CA SER C 86 -6.52 -10.16 -19.07
C SER C 86 -7.92 -9.62 -18.87
N ARG C 87 -8.73 -9.81 -19.90
CA ARG C 87 -10.14 -9.46 -19.87
C ARG C 87 -10.95 -10.39 -18.96
N PHE C 88 -10.52 -11.63 -18.86
CA PHE C 88 -11.07 -12.58 -17.89
C PHE C 88 -11.02 -12.03 -16.46
N SER C 89 -9.86 -11.59 -16.00
CA SER C 89 -9.76 -11.15 -14.62
C SER C 89 -10.48 -9.82 -14.39
N HIS C 90 -10.54 -8.96 -15.40
CA HIS C 90 -11.42 -7.81 -15.33
C HIS C 90 -12.93 -8.17 -15.27
N SER C 91 -13.34 -9.18 -16.04
CA SER C 91 -14.75 -9.64 -16.00
C SER C 91 -15.15 -10.18 -14.61
N LEU C 92 -14.30 -11.05 -14.04
CA LEU C 92 -14.49 -11.50 -12.67
C LEU C 92 -14.51 -10.32 -11.68
N GLY C 93 -13.66 -9.34 -11.94
CA GLY C 93 -13.60 -8.12 -11.13
C GLY C 93 -14.91 -7.35 -11.15
N VAL C 94 -15.48 -7.16 -12.33
CA VAL C 94 -16.76 -6.47 -12.44
C VAL C 94 -17.88 -7.28 -11.79
N TYR C 95 -17.89 -8.59 -12.02
CA TYR C 95 -18.88 -9.44 -11.37
C TYR C 95 -18.82 -9.24 -9.85
N GLU C 96 -17.60 -9.15 -9.31
CA GLU C 96 -17.38 -9.06 -7.85
C GLU C 96 -17.87 -7.75 -7.21
N ILE C 97 -17.61 -6.61 -7.87
CA ILE C 97 -18.13 -5.33 -7.42
C ILE C 97 -19.66 -5.31 -7.46
N THR C 98 -20.20 -5.85 -8.54
CA THR C 98 -21.64 -5.96 -8.72
C THR C 98 -22.24 -6.78 -7.58
N ARG C 99 -21.64 -7.93 -7.31
CA ARG C 99 -22.03 -8.79 -6.19
C ARG C 99 -22.04 -8.01 -4.87
N ARG C 100 -20.96 -7.28 -4.61
CA ARG C 100 -20.88 -6.41 -3.44
C ARG C 100 -21.95 -5.32 -3.40
N ILE C 101 -22.28 -4.73 -4.54
CA ILE C 101 -23.34 -3.72 -4.57
C ILE C 101 -24.71 -4.35 -4.25
N CYS C 102 -25.04 -5.45 -4.92
CA CYS C 102 -26.32 -6.14 -4.69
C CYS C 102 -26.53 -6.50 -3.21
N GLU C 103 -25.46 -6.95 -2.56
CA GLU C 103 -25.50 -7.35 -1.16
C GLU C 103 -25.82 -6.15 -0.24
N ILE C 104 -25.10 -5.06 -0.44
CA ILE C 104 -25.35 -3.80 0.29
C ILE C 104 -26.80 -3.32 0.06
N PHE C 105 -27.19 -3.26 -1.21
CA PHE C 105 -28.56 -2.96 -1.62
C PHE C 105 -29.60 -3.82 -0.92
N GLN C 106 -29.38 -5.13 -0.87
CA GLN C 106 -30.37 -6.02 -0.26
C GLN C 106 -30.44 -5.88 1.25
N ARG C 107 -29.26 -5.79 1.89
CA ARG C 107 -29.19 -5.63 3.32
C ARG C 107 -29.75 -4.30 3.79
N ASN C 108 -29.42 -3.22 3.08
CA ASN C 108 -29.77 -1.88 3.55
C ASN C 108 -30.91 -1.14 2.82
N TYR C 109 -31.10 -1.42 1.53
CA TYR C 109 -32.04 -0.63 0.71
C TYR C 109 -32.99 -1.49 -0.11
N SER C 110 -33.58 -2.49 0.54
CA SER C 110 -34.50 -3.42 -0.11
C SER C 110 -35.87 -2.80 -0.38
N VAL C 111 -36.67 -3.46 -1.21
CA VAL C 111 -38.07 -3.10 -1.40
C VAL C 111 -38.86 -3.35 -0.11
N GLU C 112 -38.40 -4.32 0.69
CA GLU C 112 -38.99 -4.67 2.00
C GLU C 112 -39.05 -3.48 2.96
N ARG C 113 -38.44 -2.36 2.56
CA ARG C 113 -38.44 -1.17 3.39
C ARG C 113 -38.49 0.15 2.63
N LEU C 114 -38.21 0.13 1.33
CA LEU C 114 -38.25 1.38 0.54
C LEU C 114 -39.31 1.42 -0.57
N GLY C 115 -39.86 0.26 -0.92
CA GLY C 115 -40.84 0.18 -2.01
C GLY C 115 -40.25 0.49 -3.38
N GLU C 116 -40.87 1.43 -4.10
CA GLU C 116 -40.45 1.81 -5.47
C GLU C 116 -39.05 2.43 -5.56
N ASN C 117 -38.48 2.81 -4.41
CA ASN C 117 -37.11 3.35 -4.35
C ASN C 117 -36.09 2.31 -3.88
N GLY C 118 -36.58 1.11 -3.58
CA GLY C 118 -35.73 0.05 -3.05
C GLY C 118 -35.20 -0.87 -4.13
N TRP C 119 -34.46 -1.88 -3.70
CA TRP C 119 -33.84 -2.86 -4.57
C TRP C 119 -34.57 -4.19 -4.43
N ASN C 120 -35.05 -4.70 -5.57
CA ASN C 120 -35.64 -6.03 -5.61
C ASN C 120 -34.56 -7.05 -5.92
N ASP C 121 -34.32 -7.94 -4.97
CA ASP C 121 -33.25 -8.92 -5.07
C ASP C 121 -33.64 -10.12 -5.93
N ASP C 122 -34.77 -10.04 -6.63
CA ASP C 122 -35.09 -10.99 -7.70
C ASP C 122 -34.15 -10.77 -8.87
N GLU C 123 -33.56 -9.58 -8.93
CA GLU C 123 -32.78 -9.12 -10.06
C GLU C 123 -31.30 -9.50 -9.96
N ARG C 124 -30.89 -9.95 -8.77
CA ARG C 124 -29.51 -10.32 -8.48
C ARG C 124 -28.86 -11.16 -9.58
N LEU C 125 -29.45 -12.31 -9.89
CA LEU C 125 -28.82 -13.25 -10.83
C LEU C 125 -28.65 -12.66 -12.23
N ILE C 126 -29.68 -11.99 -12.72
CA ILE C 126 -29.59 -11.32 -14.03
C ILE C 126 -28.52 -10.23 -14.03
N THR C 127 -28.42 -9.46 -12.95
CA THR C 127 -27.42 -8.42 -12.84
C THR C 127 -26.02 -9.04 -12.81
N LEU C 128 -25.88 -10.18 -12.13
CA LEU C 128 -24.59 -10.84 -11.98
C LEU C 128 -24.11 -11.45 -13.30
N CYS C 129 -25.02 -12.10 -14.03
CA CYS C 129 -24.72 -12.64 -15.33
C CYS C 129 -24.30 -11.55 -16.31
N ALA C 130 -25.09 -10.48 -16.37
CA ALA C 130 -24.77 -9.34 -17.23
C ALA C 130 -23.38 -8.81 -16.91
N ALA C 131 -23.09 -8.62 -15.62
CA ALA C 131 -21.79 -8.09 -15.20
C ALA C 131 -20.65 -8.98 -15.65
N LEU C 132 -20.81 -10.28 -15.47
CA LEU C 132 -19.79 -11.25 -15.84
C LEU C 132 -19.60 -11.31 -17.37
N LEU C 133 -20.69 -11.15 -18.11
CA LEU C 133 -20.67 -11.35 -19.56
C LEU C 133 -20.52 -10.08 -20.38
N HIS C 134 -20.38 -8.94 -19.73
CA HIS C 134 -20.44 -7.66 -20.41
C HIS C 134 -19.37 -7.46 -21.53
N ASP C 135 -18.19 -8.04 -21.34
CA ASP C 135 -17.06 -7.89 -22.27
C ASP C 135 -16.75 -9.15 -23.08
N VAL C 136 -17.69 -10.09 -23.09
CA VAL C 136 -17.46 -11.40 -23.71
C VAL C 136 -17.24 -11.32 -25.26
N GLY C 137 -17.72 -10.27 -25.89
CA GLY C 137 -17.56 -10.14 -27.33
C GLY C 137 -16.31 -9.39 -27.75
N HIS C 138 -15.45 -9.04 -26.79
CA HIS C 138 -14.19 -8.40 -27.13
C HIS C 138 -13.25 -9.39 -27.79
N GLY C 139 -12.56 -8.95 -28.84
CA GLY C 139 -11.48 -9.75 -29.41
C GLY C 139 -10.12 -9.18 -29.02
N PRO C 140 -9.03 -9.67 -29.64
CA PRO C 140 -7.71 -9.10 -29.41
C PRO C 140 -7.62 -7.66 -29.94
N TYR C 141 -6.94 -6.78 -29.20
CA TYR C 141 -6.76 -5.38 -29.59
C TYR C 141 -7.99 -4.84 -30.28
N SER C 142 -9.13 -4.89 -29.58
CA SER C 142 -10.42 -4.74 -30.22
C SER C 142 -10.60 -3.39 -30.88
N HIS C 143 -10.10 -2.32 -30.26
CA HIS C 143 -10.23 -0.99 -30.86
C HIS C 143 -9.63 -0.93 -32.27
N THR C 144 -8.40 -1.44 -32.40
CA THR C 144 -7.69 -1.53 -33.68
C THR C 144 -8.39 -2.53 -34.59
N PHE C 145 -8.67 -3.71 -34.04
CA PHE C 145 -9.33 -4.78 -34.79
C PHE C 145 -10.64 -4.29 -35.42
N GLU C 146 -11.46 -3.60 -34.63
CA GLU C 146 -12.70 -2.99 -35.11
C GLU C 146 -12.47 -1.93 -36.17
N HIS C 147 -11.38 -1.18 -36.06
CA HIS C 147 -11.05 -0.20 -37.09
C HIS C 147 -10.70 -0.84 -38.44
N ILE C 148 -9.96 -1.94 -38.42
CA ILE C 148 -9.48 -2.54 -39.68
C ILE C 148 -10.52 -3.50 -40.25
N PHE C 149 -11.13 -4.30 -39.39
CA PHE C 149 -12.01 -5.39 -39.81
C PHE C 149 -13.50 -5.08 -39.67
N ASP C 150 -13.82 -3.92 -39.10
N ASP C 150 -13.78 -3.91 -39.09
CA ASP C 150 -15.22 -3.47 -38.96
CA ASP C 150 -15.14 -3.41 -38.86
C ASP C 150 -16.06 -4.42 -38.08
C ASP C 150 -16.03 -4.38 -38.08
N THR C 151 -15.48 -4.88 -36.97
CA THR C 151 -16.24 -5.71 -36.02
C THR C 151 -16.84 -4.84 -34.94
N ASN C 152 -17.80 -5.41 -34.21
CA ASN C 152 -18.54 -4.67 -33.19
C ASN C 152 -18.70 -5.55 -31.93
N HIS C 153 -17.91 -5.28 -30.90
CA HIS C 153 -17.88 -6.14 -29.71
C HIS C 153 -19.20 -6.19 -28.92
N GLU C 154 -19.94 -5.08 -28.90
CA GLU C 154 -21.30 -5.05 -28.33
C GLU C 154 -22.26 -5.97 -29.09
N ALA C 155 -22.26 -5.89 -30.42
CA ALA C 155 -23.08 -6.77 -31.25
C ALA C 155 -22.68 -8.22 -31.01
N ILE C 156 -21.38 -8.47 -30.88
CA ILE C 156 -20.89 -9.84 -30.74
C ILE C 156 -21.15 -10.42 -29.34
N THR C 157 -21.06 -9.58 -28.30
CA THR C 157 -21.47 -9.98 -26.95
C THR C 157 -22.93 -10.47 -26.92
N VAL C 158 -23.82 -9.66 -27.49
CA VAL C 158 -25.23 -10.02 -27.63
C VAL C 158 -25.41 -11.26 -28.51
N GLN C 159 -24.59 -11.40 -29.54
CA GLN C 159 -24.61 -12.59 -30.38
C GLN C 159 -24.16 -13.86 -29.62
N ILE C 160 -23.13 -13.72 -28.79
CA ILE C 160 -22.65 -14.82 -27.94
C ILE C 160 -23.71 -15.25 -26.91
N ILE C 161 -24.44 -14.28 -26.38
CA ILE C 161 -25.43 -14.52 -25.36
C ILE C 161 -26.69 -15.22 -25.90
N THR C 162 -27.00 -14.98 -27.17
CA THR C 162 -28.29 -15.34 -27.73
C THR C 162 -28.23 -16.45 -28.80
N SER C 163 -27.03 -16.89 -29.17
CA SER C 163 -26.86 -17.98 -30.14
C SER C 163 -26.68 -19.35 -29.47
N PRO C 164 -27.51 -20.34 -29.87
CA PRO C 164 -27.51 -21.72 -29.40
C PRO C 164 -26.20 -22.49 -29.52
N GLU C 165 -25.34 -22.11 -30.46
CA GLU C 165 -24.04 -22.76 -30.62
C GLU C 165 -23.08 -22.55 -29.43
N THR C 166 -23.27 -21.47 -28.68
CA THR C 166 -22.37 -21.11 -27.58
C THR C 166 -22.77 -21.76 -26.26
N GLU C 167 -21.75 -22.04 -25.44
CA GLU C 167 -21.93 -22.54 -24.08
C GLU C 167 -22.63 -21.54 -23.17
N VAL C 168 -22.31 -20.26 -23.35
CA VAL C 168 -22.99 -19.18 -22.62
C VAL C 168 -24.50 -19.29 -22.81
N TYR C 169 -24.95 -19.33 -24.06
CA TYR C 169 -26.37 -19.53 -24.35
C TYR C 169 -26.98 -20.76 -23.71
N GLN C 170 -26.30 -21.91 -23.78
CA GLN C 170 -26.84 -23.15 -23.23
C GLN C 170 -27.07 -23.04 -21.71
N ILE C 171 -26.16 -22.37 -21.02
CA ILE C 171 -26.28 -22.12 -19.59
C ILE C 171 -27.45 -21.17 -19.29
N LEU C 172 -27.48 -20.02 -19.97
CA LEU C 172 -28.52 -19.02 -19.76
C LEU C 172 -29.90 -19.55 -20.07
N ASN C 173 -30.01 -20.25 -21.19
CA ASN C 173 -31.26 -20.86 -21.61
C ASN C 173 -31.77 -21.89 -20.59
N ARG C 174 -30.83 -22.51 -19.90
CA ARG C 174 -31.15 -23.52 -18.89
C ARG C 174 -31.78 -22.90 -17.63
N VAL C 175 -31.60 -21.59 -17.46
CA VAL C 175 -32.24 -20.83 -16.38
C VAL C 175 -33.71 -20.57 -16.72
N SER C 176 -33.96 -20.19 -17.97
CA SER C 176 -35.30 -20.13 -18.57
C SER C 176 -35.14 -19.70 -20.03
N ALA C 177 -36.03 -20.18 -20.91
CA ALA C 177 -35.98 -19.84 -22.34
C ALA C 177 -35.79 -18.35 -22.64
N ASP C 178 -36.44 -17.48 -21.84
CA ASP C 178 -36.39 -16.03 -22.06
C ASP C 178 -35.18 -15.33 -21.44
N PHE C 179 -34.37 -16.09 -20.71
CA PHE C 179 -33.26 -15.52 -19.94
C PHE C 179 -32.11 -14.97 -20.82
N PRO C 180 -31.63 -15.75 -21.81
CA PRO C 180 -30.67 -15.19 -22.77
C PRO C 180 -31.04 -13.81 -23.30
N GLU C 181 -32.27 -13.65 -23.81
CA GLU C 181 -32.76 -12.37 -24.32
C GLU C 181 -32.76 -11.27 -23.24
N LYS C 182 -33.13 -11.64 -22.02
CA LYS C 182 -33.14 -10.71 -20.90
C LYS C 182 -31.74 -10.23 -20.49
N VAL C 183 -30.81 -11.16 -20.37
CA VAL C 183 -29.40 -10.81 -20.11
C VAL C 183 -28.86 -9.88 -21.20
N ALA C 184 -29.06 -10.27 -22.46
CA ALA C 184 -28.72 -9.43 -23.60
C ALA C 184 -29.31 -8.01 -23.50
N SER C 185 -30.56 -7.90 -23.02
CA SER C 185 -31.25 -6.61 -22.94
C SER C 185 -30.66 -5.67 -21.87
N VAL C 186 -30.05 -6.23 -20.83
CA VAL C 186 -29.35 -5.45 -19.80
C VAL C 186 -28.15 -4.75 -20.41
N ILE C 187 -27.44 -5.47 -21.28
CA ILE C 187 -26.25 -4.96 -21.92
C ILE C 187 -26.56 -3.95 -23.03
N THR C 188 -27.74 -4.05 -23.63
CA THR C 188 -28.14 -3.10 -24.64
C THR C 188 -28.89 -1.94 -23.99
N LYS C 189 -28.96 -1.97 -22.66
CA LYS C 189 -29.69 -0.98 -21.82
C LYS C 189 -31.21 -0.92 -22.05
N GLN C 190 -31.76 -1.94 -22.71
CA GLN C 190 -33.20 -2.01 -22.98
C GLN C 190 -33.97 -2.69 -21.86
N TYR C 191 -33.28 -3.34 -20.94
CA TYR C 191 -33.92 -3.94 -19.78
C TYR C 191 -34.68 -2.85 -19.02
N PRO C 192 -35.93 -3.13 -18.60
CA PRO C 192 -36.80 -2.11 -18.00
C PRO C 192 -36.46 -1.64 -16.57
N ASN C 193 -35.48 -2.25 -15.92
CA ASN C 193 -35.10 -1.86 -14.56
C ASN C 193 -33.85 -0.96 -14.53
N PRO C 194 -34.03 0.35 -14.27
CA PRO C 194 -32.89 1.28 -14.32
C PRO C 194 -31.76 0.95 -13.33
N GLN C 195 -32.10 0.46 -12.15
CA GLN C 195 -31.10 0.00 -11.17
C GLN C 195 -30.17 -1.10 -11.71
N VAL C 196 -30.75 -2.08 -12.41
CA VAL C 196 -29.99 -3.17 -13.02
C VAL C 196 -29.11 -2.62 -14.15
N VAL C 197 -29.72 -1.88 -15.07
CA VAL C 197 -28.99 -1.26 -16.19
C VAL C 197 -27.81 -0.39 -15.72
N GLN C 198 -28.07 0.57 -14.85
CA GLN C 198 -27.02 1.52 -14.43
C GLN C 198 -25.91 0.89 -13.59
N MET C 199 -26.20 -0.23 -12.94
CA MET C 199 -25.18 -0.92 -12.17
C MET C 199 -24.11 -1.45 -13.10
N ILE C 200 -24.53 -1.79 -14.30
CA ILE C 200 -23.65 -2.37 -15.30
C ILE C 200 -23.14 -1.32 -16.31
N SER C 201 -23.92 -0.28 -16.56
CA SER C 201 -23.54 0.72 -17.54
C SER C 201 -24.07 2.11 -17.19
N SER C 202 -23.21 2.93 -16.58
CA SER C 202 -23.51 4.32 -16.29
C SER C 202 -22.20 5.11 -16.21
N GLN C 203 -22.23 6.31 -15.62
CA GLN C 203 -21.01 7.10 -15.46
C GLN C 203 -20.13 6.66 -14.27
N ILE C 204 -20.64 5.72 -13.47
CA ILE C 204 -19.94 5.20 -12.31
C ILE C 204 -20.44 3.78 -12.03
N ASP C 205 -20.18 2.88 -12.96
CA ASP C 205 -20.70 1.54 -12.89
C ASP C 205 -19.59 0.56 -12.48
N ALA C 206 -19.95 -0.68 -12.16
CA ALA C 206 -19.02 -1.70 -11.69
C ALA C 206 -17.84 -1.90 -12.64
N ASP C 207 -18.12 -1.59 -13.92
CA ASP C 207 -17.18 -1.80 -15.01
C ASP C 207 -16.01 -0.80 -14.95
N ARG C 208 -16.36 0.48 -14.98
CA ARG C 208 -15.38 1.58 -14.89
C ARG C 208 -14.59 1.47 -13.59
N MET C 209 -15.30 1.13 -12.51
CA MET C 209 -14.69 1.07 -11.19
C MET C 209 -13.62 0.00 -11.15
N ASP C 210 -13.92 -1.16 -11.72
CA ASP C 210 -12.93 -2.24 -11.74
C ASP C 210 -11.74 -1.92 -12.61
N TYR C 211 -11.97 -1.47 -13.85
CA TYR C 211 -10.82 -1.33 -14.72
C TYR C 211 -9.89 -0.18 -14.31
N LEU C 212 -10.43 0.84 -13.64
CA LEU C 212 -9.60 1.91 -13.10
C LEU C 212 -8.73 1.36 -11.97
N LEU C 213 -9.32 0.61 -11.05
CA LEU C 213 -8.56 0.05 -9.93
C LEU C 213 -7.52 -0.98 -10.40
N ARG C 214 -7.96 -1.87 -11.29
CA ARG C 214 -7.13 -2.97 -11.77
C ARG C 214 -6.04 -2.49 -12.74
N ASP C 215 -6.41 -1.64 -13.70
CA ASP C 215 -5.40 -1.03 -14.58
C ASP C 215 -4.36 -0.25 -13.78
N ALA C 216 -4.78 0.47 -12.76
CA ALA C 216 -3.82 1.14 -11.86
C ALA C 216 -2.93 0.14 -11.10
N TYR C 217 -3.51 -0.97 -10.64
CA TYR C 217 -2.78 -1.99 -9.86
C TYR C 217 -1.64 -2.66 -10.69
N PHE C 218 -1.93 -2.94 -11.95
CA PHE C 218 -0.97 -3.64 -12.82
C PHE C 218 0.04 -2.74 -13.52
N THR C 219 -0.37 -1.53 -13.91
CA THR C 219 0.58 -0.57 -14.47
C THR C 219 1.58 -0.10 -13.41
N GLY C 220 1.15 -0.07 -12.14
CA GLY C 220 1.99 0.39 -11.03
C GLY C 220 1.82 1.88 -10.74
N THR C 221 0.83 2.49 -11.38
CA THR C 221 0.55 3.91 -11.18
C THR C 221 -0.40 4.12 -10.01
N GLU C 222 -0.32 5.29 -9.38
CA GLU C 222 -1.16 5.66 -8.26
C GLU C 222 -2.60 5.91 -8.70
N TYR C 223 -2.77 6.25 -9.98
CA TYR C 223 -3.92 7.06 -10.44
C TYR C 223 -5.32 6.52 -10.12
N GLY C 224 -5.46 5.22 -9.88
CA GLY C 224 -6.68 4.66 -9.28
C GLY C 224 -6.71 5.04 -7.80
N THR C 225 -6.66 6.35 -7.55
CA THR C 225 -6.51 6.94 -6.21
C THR C 225 -7.79 6.87 -5.38
N PHE C 226 -8.75 6.05 -5.82
CA PHE C 226 -10.08 6.10 -5.20
C PHE C 226 -10.38 4.86 -4.36
N ASP C 227 -11.21 5.08 -3.34
CA ASP C 227 -11.55 4.05 -2.37
C ASP C 227 -12.92 3.46 -2.65
N LEU C 228 -12.91 2.24 -3.16
CA LEU C 228 -14.12 1.51 -3.43
C LEU C 228 -15.04 1.37 -2.20
N THR C 229 -14.44 1.16 -1.02
CA THR C 229 -15.20 1.00 0.22
C THR C 229 -15.93 2.29 0.62
N ARG C 230 -15.29 3.44 0.43
CA ARG C 230 -15.89 4.73 0.75
C ARG C 230 -16.97 5.10 -0.25
N ILE C 231 -17.02 4.37 -1.36
CA ILE C 231 -18.05 4.52 -2.38
C ILE C 231 -19.19 3.52 -2.17
N LEU C 232 -18.82 2.30 -1.77
CA LEU C 232 -19.80 1.27 -1.44
C LEU C 232 -20.56 1.60 -0.15
N ARG C 233 -20.09 2.60 0.59
CA ARG C 233 -20.76 3.03 1.81
C ARG C 233 -21.97 3.91 1.52
N VAL C 234 -21.94 4.62 0.39
CA VAL C 234 -22.91 5.67 0.08
C VAL C 234 -23.80 5.39 -1.15
N ILE C 235 -23.42 4.42 -1.95
CA ILE C 235 -24.23 3.97 -3.07
C ILE C 235 -25.58 3.45 -2.59
N ARG C 236 -26.63 3.85 -3.29
CA ARG C 236 -27.97 3.38 -3.00
C ARG C 236 -28.85 3.40 -4.25
N PRO C 237 -29.88 2.53 -4.30
CA PRO C 237 -30.85 2.58 -5.40
C PRO C 237 -31.89 3.69 -5.20
N TYR C 238 -32.60 4.02 -6.27
CA TYR C 238 -33.83 4.80 -6.19
C TYR C 238 -34.71 4.52 -7.42
N LYS C 239 -35.88 5.16 -7.46
CA LYS C 239 -36.86 5.01 -8.55
C LYS C 239 -36.25 4.98 -9.96
N GLY C 240 -35.29 5.87 -10.21
CA GLY C 240 -34.73 6.06 -11.54
C GLY C 240 -33.35 5.48 -11.73
N GLY C 241 -32.91 4.65 -10.80
CA GLY C 241 -31.66 3.92 -10.98
C GLY C 241 -30.77 3.91 -9.76
N ILE C 242 -29.57 4.43 -9.93
CA ILE C 242 -28.57 4.40 -8.88
C ILE C 242 -28.07 5.79 -8.49
N ALA C 243 -27.97 6.02 -7.19
CA ALA C 243 -27.59 7.31 -6.64
C ALA C 243 -26.61 7.19 -5.49
N PHE C 244 -26.08 8.32 -5.05
CA PHE C 244 -25.02 8.35 -4.04
C PHE C 244 -25.38 9.35 -2.96
N ALA C 245 -25.37 8.89 -1.71
CA ALA C 245 -25.71 9.78 -0.60
C ALA C 245 -24.78 10.98 -0.63
N MET C 246 -25.34 12.14 -0.32
CA MET C 246 -24.63 13.41 -0.33
C MET C 246 -23.43 13.44 0.63
N ASN C 247 -23.51 12.72 1.74
CA ASN C 247 -22.38 12.68 2.69
C ASN C 247 -21.15 11.96 2.15
N GLY C 248 -21.32 11.30 1.00
CA GLY C 248 -20.23 10.60 0.32
C GLY C 248 -19.74 11.31 -0.92
N MET C 249 -20.14 12.56 -1.11
CA MET C 249 -19.77 13.36 -2.29
C MET C 249 -18.28 13.27 -2.61
N HIS C 250 -17.45 13.54 -1.60
CA HIS C 250 -15.99 13.55 -1.76
C HIS C 250 -15.40 12.22 -2.26
N ALA C 251 -16.03 11.10 -1.91
CA ALA C 251 -15.66 9.79 -2.40
C ALA C 251 -15.96 9.64 -3.89
N VAL C 252 -17.03 10.28 -4.34
CA VAL C 252 -17.41 10.26 -5.75
C VAL C 252 -16.45 11.17 -6.53
N GLU C 253 -16.14 12.34 -5.93
CA GLU C 253 -15.11 13.25 -6.44
C GLU C 253 -13.80 12.51 -6.78
N ASP C 254 -13.33 11.64 -5.87
CA ASP C 254 -12.07 10.89 -6.06
C ASP C 254 -12.17 9.90 -7.19
N TYR C 255 -13.35 9.33 -7.39
CA TYR C 255 -13.59 8.45 -8.51
C TYR C 255 -13.32 9.19 -9.85
N ILE C 256 -13.87 10.40 -9.96
CA ILE C 256 -13.74 11.23 -11.15
C ILE C 256 -12.28 11.62 -11.39
N VAL C 257 -11.59 11.99 -10.32
CA VAL C 257 -10.16 12.35 -10.36
C VAL C 257 -9.30 11.18 -10.85
N SER C 258 -9.51 10.00 -10.29
CA SER C 258 -8.87 8.78 -10.76
C SER C 258 -9.12 8.57 -12.24
N ARG C 259 -10.39 8.64 -12.61
CA ARG C 259 -10.80 8.46 -13.99
C ARG C 259 -9.99 9.38 -14.90
N TYR C 260 -10.01 10.69 -14.60
CA TYR C 260 -9.31 11.68 -15.39
C TYR C 260 -7.82 11.39 -15.47
N GLN C 261 -7.19 11.14 -14.33
CA GLN C 261 -5.76 10.84 -14.29
C GLN C 261 -5.34 9.57 -15.03
N MET C 262 -6.11 8.50 -14.91
CA MET C 262 -5.84 7.30 -15.70
C MET C 262 -5.91 7.59 -17.20
N TYR C 263 -6.89 8.36 -17.63
CA TYR C 263 -7.03 8.78 -19.02
C TYR C 263 -5.78 9.50 -19.49
N VAL C 264 -5.44 10.59 -18.82
CA VAL C 264 -4.42 11.50 -19.35
C VAL C 264 -3.01 10.98 -19.11
N GLN C 265 -2.86 9.97 -18.26
CA GLN C 265 -1.52 9.49 -17.95
C GLN C 265 -1.26 8.09 -18.46
N VAL C 266 -2.33 7.32 -18.71
CA VAL C 266 -2.18 5.94 -19.16
C VAL C 266 -2.90 5.70 -20.49
N TYR C 267 -4.21 5.84 -20.51
CA TYR C 267 -4.93 5.50 -21.74
C TYR C 267 -4.46 6.35 -22.91
N PHE C 268 -4.10 7.62 -22.64
CA PHE C 268 -3.71 8.54 -23.72
C PHE C 268 -2.22 8.67 -23.98
N HIS C 269 -1.41 7.78 -23.41
CA HIS C 269 0.04 7.83 -23.56
C HIS C 269 0.48 7.72 -25.03
N PRO C 270 1.27 8.71 -25.51
CA PRO C 270 1.77 8.79 -26.89
C PRO C 270 2.62 7.59 -27.33
N VAL C 271 3.35 6.95 -26.43
CA VAL C 271 4.19 5.81 -26.82
C VAL C 271 3.35 4.53 -27.07
N SER C 272 2.36 4.30 -26.22
CA SER C 272 1.41 3.21 -26.42
C SER C 272 0.69 3.39 -27.73
N ARG C 273 0.26 4.61 -28.01
CA ARG C 273 -0.46 4.90 -29.25
C ARG C 273 0.44 4.79 -30.48
N GLY C 274 1.71 5.12 -30.30
CA GLY C 274 2.73 4.90 -31.33
C GLY C 274 2.83 3.44 -31.74
N MET C 275 2.68 2.54 -30.75
CA MET C 275 2.66 1.10 -30.99
C MET C 275 1.33 0.63 -31.59
N GLU C 276 0.23 1.28 -31.20
CA GLU C 276 -1.09 0.99 -31.78
C GLU C 276 -1.17 1.37 -33.25
N VAL C 277 -0.48 2.43 -33.66
CA VAL C 277 -0.50 2.87 -35.07
C VAL C 277 0.26 1.86 -35.96
N ILE C 278 1.39 1.36 -35.47
CA ILE C 278 2.09 0.25 -36.14
C ILE C 278 1.17 -0.95 -36.33
N LEU C 279 0.51 -1.37 -35.26
CA LEU C 279 -0.44 -2.48 -35.27
C LEU C 279 -1.53 -2.29 -36.33
N ASP C 280 -2.15 -1.11 -36.31
CA ASP C 280 -3.24 -0.78 -37.19
C ASP C 280 -2.78 -0.93 -38.64
N HIS C 281 -1.64 -0.31 -38.99
CA HIS C 281 -1.12 -0.38 -40.35
C HIS C 281 -0.62 -1.75 -40.75
N LEU C 282 -0.10 -2.49 -39.78
CA LEU C 282 0.33 -3.87 -39.98
C LEU C 282 -0.84 -4.73 -40.45
N LEU C 283 -1.95 -4.70 -39.71
CA LEU C 283 -3.13 -5.48 -40.06
C LEU C 283 -3.78 -4.96 -41.34
N HIS C 284 -3.78 -3.65 -41.53
CA HIS C 284 -4.32 -3.07 -42.76
C HIS C 284 -3.55 -3.52 -43.98
N ARG C 285 -2.23 -3.52 -43.89
CA ARG C 285 -1.38 -4.01 -44.97
C ARG C 285 -1.64 -5.49 -45.29
N ALA C 286 -1.72 -6.34 -44.26
CA ALA C 286 -2.03 -7.76 -44.46
C ALA C 286 -3.35 -7.91 -45.21
N LYS C 287 -4.35 -7.16 -44.77
CA LYS C 287 -5.67 -7.20 -45.41
C LYS C 287 -5.58 -6.79 -46.87
N GLU C 288 -4.87 -5.69 -47.15
CA GLU C 288 -4.68 -5.20 -48.52
C GLU C 288 -3.94 -6.18 -49.41
N LEU C 289 -2.92 -6.83 -48.85
CA LEU C 289 -2.17 -7.87 -49.56
C LEU C 289 -3.06 -9.08 -49.91
N PHE C 290 -3.75 -9.63 -48.92
CA PHE C 290 -4.58 -10.80 -49.11
C PHE C 290 -5.64 -10.55 -50.18
N GLU C 291 -6.30 -9.41 -50.09
CA GLU C 291 -7.39 -9.07 -51.01
C GLU C 291 -6.96 -8.50 -52.36
N ASN C 292 -5.68 -8.16 -52.50
CA ASN C 292 -5.11 -7.82 -53.80
C ASN C 292 -4.92 -9.11 -54.61
N PRO C 293 -5.69 -9.26 -55.70
CA PRO C 293 -5.71 -10.52 -56.45
C PRO C 293 -4.39 -10.87 -57.15
N GLU C 294 -3.43 -9.95 -57.15
CA GLU C 294 -2.12 -10.22 -57.74
C GLU C 294 -0.94 -10.22 -56.77
N PHE C 295 -1.24 -10.31 -55.48
CA PHE C 295 -0.23 -10.67 -54.49
C PHE C 295 -0.44 -12.14 -54.15
N ASP C 296 0.58 -12.96 -54.41
CA ASP C 296 0.41 -14.41 -54.37
C ASP C 296 0.98 -15.13 -53.12
N TYR C 297 1.69 -14.40 -52.27
CA TYR C 297 2.43 -15.04 -51.19
C TYR C 297 1.54 -15.49 -50.05
N ASP C 298 1.81 -16.67 -49.53
CA ASP C 298 1.08 -17.23 -48.39
C ASP C 298 1.35 -16.44 -47.11
N LEU C 299 0.30 -15.81 -46.57
CA LEU C 299 0.42 -15.07 -45.31
C LEU C 299 0.37 -16.02 -44.10
N GLN C 300 -0.04 -17.27 -44.35
CA GLN C 300 -0.13 -18.33 -43.32
C GLN C 300 -0.93 -17.91 -42.10
N ALA C 301 -2.04 -17.21 -42.36
CA ALA C 301 -2.83 -16.55 -41.35
C ALA C 301 -4.26 -17.03 -41.48
N SER C 302 -4.44 -18.35 -41.49
CA SER C 302 -5.73 -18.98 -41.76
C SER C 302 -6.89 -18.41 -40.93
N LEU C 303 -6.67 -18.23 -39.63
CA LEU C 303 -7.72 -17.70 -38.74
C LEU C 303 -8.06 -16.24 -39.01
N LEU C 304 -7.22 -15.55 -39.78
CA LEU C 304 -7.52 -14.18 -40.15
C LEU C 304 -8.21 -14.07 -41.50
N VAL C 305 -8.09 -15.13 -42.31
CA VAL C 305 -8.70 -15.17 -43.65
C VAL C 305 -10.18 -14.71 -43.67
N PRO C 306 -11.05 -15.31 -42.84
CA PRO C 306 -12.43 -14.83 -42.85
C PRO C 306 -12.54 -13.31 -42.71
N PHE C 307 -11.62 -12.70 -41.96
CA PHE C 307 -11.64 -11.24 -41.69
C PHE C 307 -11.00 -10.38 -42.77
N PHE C 308 -9.99 -10.91 -43.45
CA PHE C 308 -9.45 -10.29 -44.67
C PHE C 308 -10.56 -10.23 -45.70
N LYS C 309 -11.22 -11.37 -45.91
CA LYS C 309 -12.37 -11.52 -46.83
C LYS C 309 -13.62 -10.74 -46.39
N GLY C 310 -13.62 -10.23 -45.16
CA GLY C 310 -14.77 -9.52 -44.59
C GLY C 310 -16.01 -10.38 -44.55
N ASP C 311 -15.83 -11.68 -44.29
CA ASP C 311 -16.92 -12.66 -44.29
C ASP C 311 -16.67 -13.71 -43.22
N PHE C 312 -17.16 -13.48 -42.01
CA PHE C 312 -16.81 -14.31 -40.87
C PHE C 312 -18.01 -14.81 -40.07
N THR C 313 -17.88 -16.00 -39.48
CA THR C 313 -18.87 -16.52 -38.54
C THR C 313 -18.50 -16.18 -37.10
N LEU C 314 -19.41 -16.48 -36.18
CA LEU C 314 -19.14 -16.36 -34.76
C LEU C 314 -18.00 -17.29 -34.32
N GLN C 315 -18.05 -18.54 -34.76
CA GLN C 315 -17.03 -19.55 -34.45
C GLN C 315 -15.62 -19.10 -34.81
N GLU C 316 -15.46 -18.61 -36.04
CA GLU C 316 -14.19 -18.07 -36.51
C GLU C 316 -13.69 -16.92 -35.63
N TYR C 317 -14.61 -16.03 -35.26
CA TYR C 317 -14.29 -14.95 -34.33
C TYR C 317 -13.82 -15.39 -32.94
N LEU C 318 -14.46 -16.42 -32.38
CA LEU C 318 -14.12 -16.91 -31.03
C LEU C 318 -12.74 -17.58 -30.97
N LYS C 319 -12.20 -17.95 -32.12
CA LYS C 319 -10.86 -18.54 -32.19
C LYS C 319 -9.71 -17.53 -32.12
N LEU C 320 -10.04 -16.24 -32.08
CA LEU C 320 -9.01 -15.20 -32.06
C LEU C 320 -8.58 -14.78 -30.66
N ASP C 321 -7.28 -14.65 -30.49
CA ASP C 321 -6.73 -13.98 -29.32
C ASP C 321 -5.39 -13.30 -29.66
N ASP C 322 -4.83 -12.59 -28.68
CA ASP C 322 -3.56 -11.86 -28.81
C ASP C 322 -2.44 -12.72 -29.37
N GLY C 323 -2.36 -13.98 -28.92
CA GLY C 323 -1.32 -14.90 -29.35
C GLY C 323 -1.45 -15.39 -30.78
N VAL C 324 -2.68 -15.46 -31.29
CA VAL C 324 -2.91 -15.73 -32.72
C VAL C 324 -2.28 -14.62 -33.56
N LEU C 325 -2.58 -13.36 -33.21
CA LEU C 325 -2.02 -12.22 -33.92
C LEU C 325 -0.49 -12.24 -33.89
N SER C 326 0.04 -12.38 -32.69
CA SER C 326 1.46 -12.39 -32.46
C SER C 326 2.21 -13.47 -33.24
N THR C 327 1.63 -14.66 -33.30
CA THR C 327 2.16 -15.77 -34.07
C THR C 327 2.20 -15.48 -35.57
N TYR C 328 1.15 -14.85 -36.07
CA TYR C 328 1.12 -14.50 -37.48
C TYR C 328 2.15 -13.44 -37.80
N PHE C 329 2.30 -12.47 -36.89
CA PHE C 329 3.29 -11.41 -37.07
C PHE C 329 4.70 -11.99 -37.21
N THR C 330 5.00 -12.99 -36.39
CA THR C 330 6.30 -13.66 -36.45
C THR C 330 6.56 -14.23 -37.83
N GLN C 331 5.54 -14.86 -38.41
CA GLN C 331 5.67 -15.41 -39.75
C GLN C 331 5.84 -14.31 -40.80
N TRP C 332 5.18 -13.18 -40.58
CA TRP C 332 5.11 -12.09 -41.56
C TRP C 332 6.40 -11.32 -41.70
N MET C 333 7.25 -11.42 -40.67
CA MET C 333 8.58 -10.82 -40.71
C MET C 333 9.36 -11.36 -41.91
N ASP C 334 9.03 -12.58 -42.31
CA ASP C 334 9.70 -13.26 -43.41
C ASP C 334 8.93 -13.23 -44.73
N VAL C 335 7.80 -12.54 -44.75
CA VAL C 335 6.99 -12.43 -45.97
C VAL C 335 7.63 -11.40 -46.91
N PRO C 336 7.74 -11.73 -48.21
CA PRO C 336 8.37 -10.83 -49.17
C PRO C 336 7.56 -9.58 -49.58
N ASP C 337 6.95 -8.92 -48.60
CA ASP C 337 6.44 -7.57 -48.79
C ASP C 337 7.24 -6.72 -47.81
N SER C 338 7.82 -5.65 -48.33
CA SER C 338 8.76 -4.87 -47.56
C SER C 338 8.09 -4.14 -46.39
N ILE C 339 6.91 -3.60 -46.64
CA ILE C 339 6.17 -2.87 -45.62
C ILE C 339 5.65 -3.82 -44.55
N LEU C 340 5.03 -4.93 -44.98
CA LEU C 340 4.46 -5.87 -44.04
C LEU C 340 5.54 -6.45 -43.13
N GLY C 341 6.61 -6.97 -43.74
CA GLY C 341 7.74 -7.49 -43.00
C GLY C 341 8.29 -6.52 -41.97
N ASP C 342 8.40 -5.25 -42.36
CA ASP C 342 9.00 -4.23 -41.49
C ASP C 342 8.10 -3.85 -40.32
N LEU C 343 6.81 -3.65 -40.58
CA LEU C 343 5.83 -3.32 -39.55
C LEU C 343 5.63 -4.49 -38.55
N ALA C 344 5.69 -5.74 -39.04
CA ALA C 344 5.66 -6.90 -38.13
C ALA C 344 6.87 -6.84 -37.19
N LYS C 345 8.04 -6.55 -37.75
CA LYS C 345 9.28 -6.35 -36.99
C LYS C 345 9.13 -5.26 -35.95
N ARG C 346 8.62 -4.09 -36.36
CA ARG C 346 8.47 -2.96 -35.44
C ARG C 346 7.55 -3.26 -34.26
N PHE C 347 6.46 -4.00 -34.53
CA PHE C 347 5.54 -4.38 -33.47
C PHE C 347 6.16 -5.40 -32.50
N LEU C 348 6.82 -6.42 -33.03
CA LEU C 348 7.40 -7.46 -32.18
C LEU C 348 8.64 -6.99 -31.41
N MET C 349 9.49 -6.19 -32.06
CA MET C 349 10.74 -5.69 -31.45
C MET C 349 10.56 -4.39 -30.66
N ARG C 350 9.34 -3.85 -30.63
CA ARG C 350 9.01 -2.60 -29.93
C ARG C 350 9.78 -1.41 -30.54
N LYS C 351 9.33 -1.00 -31.71
CA LYS C 351 9.90 0.15 -32.40
C LYS C 351 8.75 1.10 -32.71
N PRO C 352 8.30 1.88 -31.70
CA PRO C 352 7.10 2.71 -31.87
C PRO C 352 7.36 3.85 -32.84
N LEU C 353 6.32 4.33 -33.51
CA LEU C 353 6.41 5.58 -34.25
C LEU C 353 6.51 6.72 -33.25
N LYS C 354 7.24 7.77 -33.63
CA LYS C 354 7.30 8.98 -32.85
C LYS C 354 6.14 9.85 -33.28
N SER C 355 5.85 10.88 -32.49
CA SER C 355 4.76 11.78 -32.79
C SER C 355 5.03 13.20 -32.30
N ALA C 356 4.32 14.15 -32.91
CA ALA C 356 4.28 15.54 -32.52
C ALA C 356 2.83 15.98 -32.49
N THR C 357 2.49 16.81 -31.53
CA THR C 357 1.14 17.36 -31.47
C THR C 357 0.95 18.50 -32.48
N PHE C 358 -0.29 18.63 -32.95
CA PHE C 358 -0.72 19.85 -33.63
C PHE C 358 -2.08 20.18 -33.07
N THR C 359 -2.62 21.33 -33.48
CA THR C 359 -3.91 21.80 -32.97
C THR C 359 -4.99 21.69 -34.04
N ASN C 360 -4.89 22.50 -35.09
CA ASN C 360 -5.88 22.53 -36.15
C ASN C 360 -5.43 21.76 -37.38
N GLU C 361 -6.07 20.62 -37.65
CA GLU C 361 -5.81 19.84 -38.86
C GLU C 361 -5.80 20.69 -40.14
N LYS C 362 -6.78 21.59 -40.27
CA LYS C 362 -6.88 22.49 -41.43
C LYS C 362 -5.69 23.46 -41.51
N GLU C 363 -5.29 24.02 -40.37
CA GLU C 363 -4.13 24.90 -40.31
C GLU C 363 -2.83 24.12 -40.52
N SER C 364 -2.78 22.91 -39.96
CA SER C 364 -1.60 22.05 -40.05
C SER C 364 -1.45 21.31 -41.40
N ALA C 365 -2.46 21.37 -42.26
CA ALA C 365 -2.59 20.49 -43.43
C ALA C 365 -1.44 20.55 -44.43
N ALA C 366 -1.03 21.76 -44.81
CA ALA C 366 0.08 21.93 -45.75
C ALA C 366 1.43 21.49 -45.15
N THR C 367 1.57 21.70 -43.85
CA THR C 367 2.78 21.28 -43.12
C THR C 367 2.88 19.76 -43.08
N ILE C 368 1.77 19.11 -42.75
CA ILE C 368 1.68 17.66 -42.73
C ILE C 368 1.94 17.03 -44.10
N ALA C 369 1.35 17.61 -45.15
CA ALA C 369 1.57 17.16 -46.52
C ALA C 369 3.03 17.29 -46.93
N TYR C 370 3.65 18.42 -46.61
CA TYR C 370 5.08 18.61 -46.84
C TYR C 370 5.98 17.61 -46.09
N LEU C 371 5.64 17.30 -44.84
CA LEU C 371 6.42 16.38 -44.04
C LEU C 371 6.28 14.95 -44.55
N ARG C 372 5.08 14.60 -44.99
CA ARG C 372 4.83 13.29 -45.62
C ARG C 372 5.65 13.17 -46.90
N GLU C 373 5.85 14.30 -47.59
CA GLU C 373 6.67 14.35 -48.79
C GLU C 373 8.13 14.02 -48.50
N LEU C 374 8.65 14.54 -47.38
CA LEU C 374 10.04 14.28 -46.99
C LEU C 374 10.22 12.85 -46.50
N ILE C 375 9.23 12.34 -45.75
CA ILE C 375 9.17 10.93 -45.37
C ILE C 375 9.22 10.00 -46.60
N GLU C 376 8.41 10.30 -47.62
CA GLU C 376 8.42 9.50 -48.84
C GLU C 376 9.76 9.63 -49.56
N LYS C 377 10.35 10.81 -49.49
CA LYS C 377 11.64 11.11 -50.12
C LYS C 377 12.78 10.25 -49.57
N VAL C 378 12.64 9.72 -48.35
CA VAL C 378 13.69 8.85 -47.80
C VAL C 378 13.35 7.34 -47.80
N GLY C 379 12.32 6.95 -48.54
CA GLY C 379 12.00 5.53 -48.72
C GLY C 379 10.84 4.99 -47.91
N PHE C 380 10.20 5.85 -47.10
CA PHE C 380 9.03 5.44 -46.30
C PHE C 380 7.73 5.78 -47.02
N ASN C 381 6.89 4.79 -47.24
CA ASN C 381 5.57 5.02 -47.79
C ASN C 381 4.71 5.67 -46.69
N PRO C 382 4.33 6.95 -46.89
CA PRO C 382 3.76 7.73 -45.78
C PRO C 382 2.39 7.23 -45.35
N LYS C 383 1.71 6.52 -46.24
CA LYS C 383 0.44 5.86 -45.94
C LYS C 383 0.58 4.87 -44.77
N TYR C 384 1.73 4.22 -44.65
CA TYR C 384 1.93 3.24 -43.59
C TYR C 384 2.88 3.71 -42.49
N TYR C 385 3.70 4.70 -42.80
CA TYR C 385 4.69 5.19 -41.84
C TYR C 385 4.33 6.53 -41.22
N THR C 386 3.17 7.08 -41.58
CA THR C 386 2.62 8.22 -40.89
C THR C 386 1.18 7.95 -40.47
N ALA C 387 0.69 8.75 -39.52
CA ALA C 387 -0.70 8.68 -39.12
C ALA C 387 -1.09 9.96 -38.43
N ILE C 388 -2.39 10.15 -38.32
CA ILE C 388 -2.96 11.24 -37.53
C ILE C 388 -4.02 10.61 -36.68
N ASN C 389 -3.92 10.75 -35.36
CA ASN C 389 -5.05 10.41 -34.50
C ASN C 389 -5.22 11.28 -33.26
N SER C 390 -6.39 11.14 -32.65
CA SER C 390 -6.79 11.93 -31.50
C SER C 390 -7.03 10.99 -30.32
N SER C 391 -6.93 11.50 -29.11
CA SER C 391 -7.31 10.71 -27.95
C SER C 391 -8.83 10.44 -27.94
N TYR C 392 -9.56 11.28 -28.68
CA TYR C 392 -11.02 11.19 -28.80
C TYR C 392 -11.48 9.96 -29.58
N ASP C 393 -10.63 9.44 -30.45
CA ASP C 393 -10.90 8.23 -31.23
C ASP C 393 -10.93 6.97 -30.34
N LEU C 394 -10.35 7.08 -29.16
CA LEU C 394 -10.21 5.97 -28.22
C LEU C 394 -11.48 5.75 -27.39
N PRO C 395 -11.76 4.50 -26.99
CA PRO C 395 -13.01 4.21 -26.27
C PRO C 395 -12.93 4.66 -24.80
N TYR C 396 -12.58 5.92 -24.59
CA TYR C 396 -12.48 6.48 -23.25
C TYR C 396 -13.17 7.84 -23.23
N ASP C 397 -14.37 7.85 -22.69
CA ASP C 397 -15.24 9.04 -22.66
C ASP C 397 -15.12 9.78 -21.34
N PHE C 398 -14.93 11.09 -21.43
CA PHE C 398 -14.86 11.97 -20.26
C PHE C 398 -16.25 12.21 -19.71
N TYR C 399 -16.32 12.49 -18.41
CA TYR C 399 -17.58 12.82 -17.77
C TYR C 399 -18.04 14.22 -18.17
N ARG C 400 -19.11 14.27 -18.96
CA ARG C 400 -19.74 15.52 -19.36
C ARG C 400 -21.25 15.40 -19.18
N PRO C 401 -21.76 15.82 -18.01
CA PRO C 401 -23.20 15.69 -17.74
C PRO C 401 -24.08 16.66 -18.53
N ASN C 402 -25.36 16.29 -18.68
CA ASN C 402 -26.32 17.06 -19.44
C ASN C 402 -27.67 16.96 -18.74
N LYS C 403 -28.30 18.11 -18.48
CA LYS C 403 -29.61 18.18 -17.83
C LYS C 403 -30.67 17.41 -18.61
N ASP C 404 -30.52 17.37 -19.93
CA ASP C 404 -31.49 16.73 -20.83
C ASP C 404 -31.25 15.22 -20.96
N ARG C 405 -30.09 14.74 -20.52
CA ARG C 405 -29.72 13.34 -20.73
C ARG C 405 -29.39 12.64 -19.41
N HIS C 406 -30.33 11.84 -18.93
CA HIS C 406 -30.29 11.27 -17.58
C HIS C 406 -29.14 10.28 -17.36
N ARG C 407 -28.81 9.50 -18.38
CA ARG C 407 -27.72 8.52 -18.26
C ARG C 407 -26.31 9.13 -18.31
N THR C 408 -26.24 10.43 -18.55
CA THR C 408 -24.96 11.15 -18.60
C THR C 408 -24.55 11.66 -17.21
N GLN C 409 -25.47 11.58 -16.26
CA GLN C 409 -25.33 12.24 -14.96
C GLN C 409 -24.96 11.28 -13.83
N ILE C 410 -24.18 11.78 -12.86
CA ILE C 410 -24.01 11.12 -11.59
C ILE C 410 -24.88 11.88 -10.60
N GLU C 411 -25.85 11.18 -10.01
CA GLU C 411 -26.82 11.80 -9.10
C GLU C 411 -26.43 11.61 -7.64
N LEU C 412 -26.51 12.69 -6.88
CA LEU C 412 -26.33 12.62 -5.44
C LEU C 412 -27.68 12.79 -4.77
N MET C 413 -27.92 12.02 -3.72
CA MET C 413 -29.17 12.12 -2.99
C MET C 413 -28.99 12.81 -1.64
N GLN C 414 -29.62 13.96 -1.51
CA GLN C 414 -29.64 14.70 -0.25
C GLN C 414 -30.46 13.93 0.78
N LYS C 415 -30.21 14.19 2.06
CA LYS C 415 -30.85 13.43 3.14
C LYS C 415 -32.39 13.55 3.18
N ASP C 416 -32.93 14.50 2.41
CA ASP C 416 -34.38 14.62 2.26
C ASP C 416 -34.92 13.75 1.12
N GLY C 417 -34.00 13.08 0.41
CA GLY C 417 -34.36 12.22 -0.71
C GLY C 417 -34.37 12.92 -2.05
N SER C 418 -33.83 14.15 -2.08
CA SER C 418 -33.80 14.97 -3.29
C SER C 418 -32.50 14.79 -4.05
N LEU C 419 -32.58 14.75 -5.38
CA LEU C 419 -31.42 14.45 -6.21
C LEU C 419 -30.83 15.67 -6.91
N VAL C 420 -29.50 15.79 -6.82
CA VAL C 420 -28.75 16.84 -7.50
C VAL C 420 -27.54 16.21 -8.21
N GLU C 421 -27.21 16.73 -9.39
CA GLU C 421 -26.10 16.17 -10.13
C GLU C 421 -24.75 16.72 -9.64
N LEU C 422 -23.72 15.89 -9.76
CA LEU C 422 -22.43 16.08 -9.09
C LEU C 422 -21.69 17.39 -9.37
N ALA C 423 -21.62 17.80 -10.64
CA ALA C 423 -20.81 18.96 -11.01
C ALA C 423 -21.36 20.25 -10.44
N THR C 424 -22.69 20.34 -10.33
CA THR C 424 -23.36 21.51 -9.76
C THR C 424 -22.99 21.77 -8.29
N VAL C 425 -22.59 20.72 -7.57
CA VAL C 425 -22.23 20.86 -6.17
C VAL C 425 -20.74 20.62 -5.89
N SER C 426 -19.99 20.20 -6.91
CA SER C 426 -18.55 20.02 -6.76
C SER C 426 -17.75 20.88 -7.73
N PRO C 427 -17.10 21.95 -7.22
CA PRO C 427 -16.21 22.81 -8.00
C PRO C 427 -15.10 22.03 -8.69
N LEU C 428 -14.61 21.00 -8.01
CA LEU C 428 -13.52 20.15 -8.47
C LEU C 428 -13.89 19.31 -9.67
N VAL C 429 -15.03 18.61 -9.57
CA VAL C 429 -15.58 17.84 -10.70
C VAL C 429 -15.93 18.74 -11.89
N ALA C 430 -16.50 19.91 -11.59
CA ALA C 430 -16.78 20.92 -12.61
C ALA C 430 -15.51 21.35 -13.34
N ALA C 431 -14.41 21.42 -12.59
CA ALA C 431 -13.12 21.84 -13.12
C ALA C 431 -12.45 20.79 -14.02
N LEU C 432 -12.70 19.50 -13.75
CA LEU C 432 -12.11 18.42 -14.54
C LEU C 432 -12.90 18.11 -15.79
N ALA C 433 -14.22 18.14 -15.67
CA ALA C 433 -15.13 18.04 -16.80
C ALA C 433 -14.92 19.24 -17.72
N GLY C 434 -14.57 20.38 -17.13
CA GLY C 434 -14.31 21.61 -17.87
C GLY C 434 -13.01 21.62 -18.67
N GLN C 435 -12.01 20.86 -18.21
CA GLN C 435 -10.73 20.74 -18.91
C GLN C 435 -10.61 19.39 -19.63
N SER C 436 -11.75 18.85 -20.08
CA SER C 436 -11.76 17.61 -20.85
C SER C 436 -11.33 17.93 -22.27
N GLN C 437 -10.41 17.11 -22.80
CA GLN C 437 -9.71 17.48 -24.02
C GLN C 437 -9.17 16.25 -24.75
N GLY C 438 -9.23 16.32 -26.07
CA GLY C 438 -8.62 15.32 -26.94
C GLY C 438 -7.46 15.98 -27.65
N ASP C 439 -6.30 15.33 -27.65
CA ASP C 439 -5.14 15.90 -28.34
C ASP C 439 -5.14 15.50 -29.82
N GLU C 440 -4.16 16.01 -30.57
CA GLU C 440 -4.00 15.68 -31.97
C GLU C 440 -2.54 15.47 -32.28
N ARG C 441 -2.20 14.29 -32.79
CA ARG C 441 -0.81 13.92 -33.02
C ARG C 441 -0.56 13.49 -34.46
N PHE C 442 0.63 13.81 -34.94
CA PHE C 442 1.12 13.35 -36.22
C PHE C 442 2.22 12.31 -35.97
N TYR C 443 2.07 11.13 -36.52
CA TYR C 443 3.05 10.05 -36.31
C TYR C 443 4.01 9.92 -37.47
N PHE C 444 5.23 9.50 -37.17
CA PHE C 444 6.32 9.38 -38.16
C PHE C 444 7.44 8.50 -37.60
N PRO C 445 8.27 7.92 -38.47
CA PRO C 445 9.41 7.12 -38.01
C PRO C 445 10.43 7.92 -37.21
N LYS C 446 10.92 7.31 -36.15
CA LYS C 446 11.97 7.88 -35.31
C LYS C 446 13.23 8.21 -36.12
N GLU C 447 13.58 7.36 -37.09
CA GLU C 447 14.71 7.62 -37.98
C GLU C 447 14.69 8.99 -38.69
N MET C 448 13.51 9.60 -38.79
CA MET C 448 13.41 11.00 -39.27
C MET C 448 14.14 11.99 -38.37
N LEU C 449 14.36 11.61 -37.11
CA LEU C 449 15.15 12.40 -36.16
C LEU C 449 16.46 11.69 -35.78
N ASP C 450 17.57 12.19 -36.32
CA ASP C 450 18.89 11.65 -35.94
C ASP C 450 20.01 12.69 -36.07
N ASN C 453 24.69 12.49 -36.10
CA ASN C 453 25.98 13.04 -36.49
C ASN C 453 26.75 12.17 -37.48
N LYS C 454 26.74 12.59 -38.74
CA LYS C 454 27.47 11.89 -39.80
C LYS C 454 28.53 12.78 -40.44
N LYS C 455 29.62 12.16 -40.91
CA LYS C 455 30.78 12.87 -41.45
C LYS C 455 30.47 13.67 -42.72
N HIS C 456 29.56 13.17 -43.54
CA HIS C 456 29.16 13.85 -44.76
C HIS C 456 27.65 13.95 -44.88
N TYR C 457 27.18 15.06 -45.45
CA TYR C 457 25.76 15.31 -45.59
C TYR C 457 25.30 15.27 -47.04
N ASP C 458 24.72 14.15 -47.42
CA ASP C 458 24.05 13.99 -48.70
C ASP C 458 22.78 14.84 -48.69
N LEU C 459 22.35 15.31 -49.86
CA LEU C 459 21.07 16.03 -49.99
C LEU C 459 19.90 15.13 -49.54
N PHE C 460 20.25 13.89 -49.20
CA PHE C 460 19.37 12.85 -48.66
C PHE C 460 19.49 12.83 -47.13
N ASP C 461 20.67 13.18 -46.64
CA ASP C 461 20.92 13.38 -45.20
C ASP C 461 20.40 14.75 -44.80
N GLU C 462 20.21 15.59 -45.81
CA GLU C 462 19.69 16.95 -45.69
C GLU C 462 18.20 16.92 -45.29
N THR C 463 17.48 15.96 -45.84
CA THR C 463 16.05 15.77 -45.62
C THR C 463 15.70 15.57 -44.13
N TYR C 464 16.50 14.78 -43.41
CA TYR C 464 16.26 14.51 -41.99
C TYR C 464 16.42 15.78 -41.16
N ARG C 465 17.41 16.57 -41.54
CA ARG C 465 17.74 17.84 -40.92
C ARG C 465 16.63 18.85 -41.21
N GLU C 466 16.16 18.83 -42.46
CA GLU C 466 15.00 19.60 -42.88
C GLU C 466 13.75 19.21 -42.06
N PHE C 467 13.48 17.92 -41.96
CA PHE C 467 12.34 17.41 -41.21
C PHE C 467 12.32 17.85 -39.74
N SER C 468 13.46 17.72 -39.06
CA SER C 468 13.62 18.10 -37.65
C SER C 468 13.26 19.55 -37.34
N SER C 469 13.57 20.46 -38.26
CA SER C 469 13.28 21.88 -38.04
C SER C 469 11.76 22.17 -37.97
N TYR C 470 10.95 21.17 -38.29
CA TYR C 470 9.49 21.26 -38.16
C TYR C 470 8.96 20.72 -36.82
N ILE C 471 9.82 20.12 -36.00
CA ILE C 471 9.43 19.66 -34.68
C ILE C 471 10.07 20.55 -33.62
N HIS C 472 9.24 21.10 -32.73
CA HIS C 472 9.72 21.96 -31.67
C HIS C 472 8.84 21.85 -30.43
N ASN C 473 9.46 21.50 -29.30
CA ASN C 473 8.75 21.26 -28.03
C ASN C 473 7.66 20.20 -28.18
N GLY C 474 7.96 19.17 -28.97
CA GLY C 474 7.03 18.05 -29.21
C GLY C 474 5.85 18.38 -30.10
N ALA C 475 5.88 19.55 -30.75
CA ALA C 475 4.78 20.00 -31.57
C ALA C 475 5.28 20.35 -32.95
N LEU C 476 4.40 20.27 -33.95
CA LEU C 476 4.73 20.74 -35.29
C LEU C 476 4.91 22.24 -35.31
N VAL C 477 5.84 22.71 -36.15
CA VAL C 477 5.98 24.11 -36.48
C VAL C 477 5.35 24.27 -37.86
N LEU C 478 4.41 25.19 -37.99
CA LEU C 478 3.68 25.31 -39.25
C LEU C 478 4.50 25.97 -40.34
N LYS C 479 4.44 25.38 -41.53
CA LYS C 479 5.28 25.74 -42.69
C LYS C 479 5.31 27.23 -43.02
N LYS C 480 4.32 27.96 -42.52
CA LYS C 480 4.30 29.43 -42.57
C LYS C 480 5.48 30.02 -43.35
N THR D 26 35.34 11.23 -27.27
CA THR D 26 34.06 10.49 -27.08
C THR D 26 34.27 9.38 -26.06
N ILE D 27 33.17 8.93 -25.46
CA ILE D 27 33.22 8.04 -24.31
C ILE D 27 33.16 6.58 -24.75
N PRO D 28 34.01 5.72 -24.16
CA PRO D 28 33.83 4.27 -24.35
C PRO D 28 32.42 3.83 -23.99
N TYR D 29 31.87 2.94 -24.82
CA TYR D 29 30.55 2.35 -24.61
C TYR D 29 30.34 1.80 -23.20
N LYS D 30 31.37 1.14 -22.67
CA LYS D 30 31.47 0.70 -21.28
C LYS D 30 30.99 1.76 -20.30
N GLU D 31 31.29 3.02 -20.62
CA GLU D 31 31.11 4.12 -19.69
C GLU D 31 29.95 5.05 -20.02
N GLN D 32 29.24 4.80 -21.13
CA GLN D 32 28.19 5.73 -21.57
C GLN D 32 27.00 5.79 -20.63
N ARG D 33 26.91 6.91 -19.93
CA ARG D 33 25.87 7.17 -18.94
C ARG D 33 24.83 8.01 -19.63
N LEU D 34 23.56 7.59 -19.53
CA LEU D 34 22.44 8.38 -20.04
C LEU D 34 22.45 9.74 -19.32
N PRO D 35 22.29 10.83 -20.07
CA PRO D 35 22.40 12.13 -19.40
C PRO D 35 21.27 12.32 -18.37
N ILE D 36 20.10 11.78 -18.72
CA ILE D 36 18.95 11.72 -17.82
C ILE D 36 18.62 10.24 -17.51
N GLU D 37 18.63 9.92 -16.22
CA GLU D 37 18.25 8.61 -15.74
C GLU D 37 16.89 8.24 -16.33
N LYS D 38 16.82 7.03 -16.86
CA LYS D 38 15.59 6.49 -17.43
C LYS D 38 14.86 5.60 -16.41
N VAL D 39 13.58 5.86 -16.22
CA VAL D 39 12.77 5.09 -15.29
C VAL D 39 11.65 4.36 -16.04
N PHE D 40 11.35 3.15 -15.58
CA PHE D 40 10.25 2.36 -16.11
C PHE D 40 9.36 2.04 -14.93
N ARG D 41 8.07 2.37 -15.03
CA ARG D 41 7.14 2.05 -13.94
C ARG D 41 6.99 0.56 -13.75
N ASP D 42 7.10 0.15 -12.50
CA ASP D 42 7.03 -1.25 -12.11
C ASP D 42 6.07 -1.30 -10.93
N PRO D 43 5.02 -2.13 -11.00
CA PRO D 43 4.13 -2.34 -9.86
C PRO D 43 4.83 -2.81 -8.57
N VAL D 44 5.84 -3.67 -8.70
CA VAL D 44 6.54 -4.25 -7.54
C VAL D 44 7.58 -3.30 -6.95
N HIS D 45 8.46 -2.77 -7.82
CA HIS D 45 9.58 -1.93 -7.36
C HIS D 45 9.34 -0.44 -7.54
N ASN D 46 8.17 -0.06 -8.02
CA ASN D 46 7.81 1.34 -8.26
C ASN D 46 8.46 1.83 -9.56
N TYR D 47 9.80 1.89 -9.58
CA TYR D 47 10.54 2.22 -10.78
C TYR D 47 11.72 1.33 -10.95
N ILE D 48 11.95 0.91 -12.20
CA ILE D 48 13.25 0.39 -12.65
C ILE D 48 14.06 1.60 -13.12
N HIS D 49 15.31 1.72 -12.67
CA HIS D 49 16.17 2.86 -13.02
C HIS D 49 17.32 2.40 -13.91
N VAL D 50 17.50 3.07 -15.03
CA VAL D 50 18.57 2.73 -15.97
C VAL D 50 19.50 3.93 -16.19
N GLN D 51 20.77 3.74 -15.82
CA GLN D 51 21.85 4.74 -15.97
C GLN D 51 22.72 4.54 -17.21
N HIS D 52 22.91 3.29 -17.63
CA HIS D 52 23.89 2.93 -18.67
C HIS D 52 23.24 2.76 -20.03
N GLN D 53 23.91 3.23 -21.07
CA GLN D 53 23.48 3.01 -22.44
C GLN D 53 23.42 1.51 -22.76
N VAL D 54 24.47 0.77 -22.37
CA VAL D 54 24.54 -0.68 -22.54
C VAL D 54 23.28 -1.40 -22.07
N ILE D 55 22.85 -1.09 -20.84
CA ILE D 55 21.67 -1.71 -20.23
C ILE D 55 20.40 -1.35 -21.00
N LEU D 56 20.28 -0.09 -21.39
CA LEU D 56 19.15 0.35 -22.19
C LEU D 56 19.11 -0.42 -23.49
N ASP D 57 20.24 -0.46 -24.20
CA ASP D 57 20.35 -1.22 -25.43
C ASP D 57 19.93 -2.68 -25.25
N LEU D 58 20.36 -3.31 -24.16
CA LEU D 58 20.01 -4.72 -23.90
C LEU D 58 18.50 -4.89 -23.66
N ILE D 59 17.92 -3.99 -22.88
CA ILE D 59 16.46 -3.99 -22.67
C ILE D 59 15.69 -3.90 -24.00
N ASN D 60 16.14 -3.01 -24.88
CA ASN D 60 15.56 -2.86 -26.21
C ASN D 60 15.87 -4.00 -27.21
N SER D 61 16.76 -4.93 -26.87
CA SER D 61 17.20 -5.94 -27.85
C SER D 61 16.08 -6.93 -28.19
N ALA D 62 16.18 -7.55 -29.38
CA ALA D 62 15.19 -8.51 -29.86
C ALA D 62 14.92 -9.65 -28.87
N GLU D 63 15.98 -10.24 -28.33
CA GLU D 63 15.81 -11.44 -27.53
C GLU D 63 15.40 -11.21 -26.08
N VAL D 64 15.67 -10.01 -25.55
CA VAL D 64 15.07 -9.59 -24.28
C VAL D 64 13.59 -9.19 -24.45
N GLN D 65 13.26 -8.41 -25.50
CA GLN D 65 11.86 -8.03 -25.80
C GLN D 65 10.89 -9.23 -25.93
N ARG D 66 11.38 -10.34 -26.44
CA ARG D 66 10.53 -11.49 -26.69
C ARG D 66 10.06 -12.12 -25.39
N LEU D 67 10.75 -11.78 -24.31
CA LEU D 67 10.37 -12.27 -23.00
C LEU D 67 9.06 -11.63 -22.48
N ARG D 68 8.60 -10.58 -23.17
CA ARG D 68 7.27 -10.01 -22.90
C ARG D 68 6.17 -11.02 -23.24
N ARG D 69 6.50 -11.94 -24.14
CA ARG D 69 5.51 -12.86 -24.68
C ARG D 69 5.57 -14.24 -24.04
N ILE D 70 6.29 -14.35 -22.92
CA ILE D 70 6.41 -15.58 -22.14
C ILE D 70 6.05 -15.34 -20.66
N LYS D 71 5.05 -16.08 -20.18
CA LYS D 71 4.59 -15.94 -18.80
C LYS D 71 5.66 -16.41 -17.82
N GLN D 72 5.85 -15.66 -16.75
CA GLN D 72 6.75 -16.06 -15.68
C GLN D 72 6.31 -17.39 -15.04
N LEU D 73 5.01 -17.52 -14.75
CA LEU D 73 4.48 -18.65 -13.97
C LEU D 73 3.81 -19.79 -14.73
N GLY D 74 3.76 -19.69 -16.06
CA GLY D 74 3.25 -20.79 -16.88
C GLY D 74 1.78 -21.05 -16.60
N THR D 75 1.48 -22.25 -16.13
CA THR D 75 0.08 -22.67 -15.90
C THR D 75 -0.56 -22.19 -14.59
N SER D 76 0.20 -21.51 -13.72
CA SER D 76 -0.34 -20.98 -12.47
C SER D 76 -1.49 -19.97 -12.64
N SER D 77 -1.52 -19.24 -13.76
CA SER D 77 -2.61 -18.33 -14.05
C SER D 77 -3.97 -19.05 -14.15
N PHE D 78 -3.96 -20.39 -14.16
CA PHE D 78 -5.20 -21.14 -14.18
C PHE D 78 -5.81 -21.28 -12.78
N THR D 79 -4.98 -21.08 -11.77
CA THR D 79 -5.39 -21.10 -10.38
C THR D 79 -5.46 -19.68 -9.83
N PHE D 80 -4.43 -18.89 -10.12
CA PHE D 80 -4.34 -17.51 -9.68
C PHE D 80 -4.41 -16.64 -10.94
N HIS D 81 -5.60 -16.12 -11.25
CA HIS D 81 -5.81 -15.51 -12.57
C HIS D 81 -5.07 -14.18 -12.82
N GLY D 82 -4.60 -13.52 -11.76
CA GLY D 82 -3.76 -12.34 -11.89
C GLY D 82 -2.31 -12.64 -12.27
N ALA D 83 -1.93 -13.92 -12.21
CA ALA D 83 -0.54 -14.34 -12.50
C ALA D 83 -0.23 -14.36 -14.01
N GLU D 84 -0.45 -13.21 -14.64
CA GLU D 84 -0.32 -13.08 -16.08
C GLU D 84 0.99 -12.33 -16.44
N HIS D 85 1.81 -12.01 -15.42
CA HIS D 85 3.12 -11.34 -15.59
C HIS D 85 4.17 -12.11 -16.42
N SER D 86 4.97 -11.35 -17.18
CA SER D 86 5.93 -11.90 -18.11
C SER D 86 7.31 -12.06 -17.50
N ARG D 87 8.13 -12.85 -18.19
CA ARG D 87 9.53 -13.04 -17.86
C ARG D 87 10.33 -11.77 -18.07
N PHE D 88 9.82 -10.91 -18.95
CA PHE D 88 10.46 -9.63 -19.24
C PHE D 88 10.45 -8.74 -18.01
N SER D 89 9.29 -8.58 -17.40
CA SER D 89 9.18 -7.77 -16.17
C SER D 89 9.96 -8.36 -14.98
N HIS D 90 10.11 -9.68 -14.95
CA HIS D 90 10.95 -10.33 -13.94
C HIS D 90 12.41 -10.02 -14.15
N SER D 91 12.86 -10.07 -15.41
CA SER D 91 14.25 -9.76 -15.76
C SER D 91 14.65 -8.33 -15.38
N LEU D 92 13.77 -7.38 -15.63
CA LEU D 92 13.94 -6.01 -15.24
C LEU D 92 13.94 -5.83 -13.72
N GLY D 93 13.11 -6.58 -13.04
CA GLY D 93 13.06 -6.55 -11.59
C GLY D 93 14.31 -7.08 -10.93
N VAL D 94 14.88 -8.16 -11.48
CA VAL D 94 16.14 -8.72 -11.00
C VAL D 94 17.31 -7.74 -11.20
N TYR D 95 17.30 -7.05 -12.34
CA TYR D 95 18.30 -6.03 -12.62
C TYR D 95 18.13 -4.87 -11.62
N GLU D 96 16.88 -4.50 -11.35
CA GLU D 96 16.63 -3.40 -10.44
C GLU D 96 17.10 -3.73 -9.02
N ILE D 97 16.77 -4.92 -8.51
CA ILE D 97 17.25 -5.31 -7.18
C ILE D 97 18.78 -5.39 -7.15
N THR D 98 19.38 -5.94 -8.21
CA THR D 98 20.83 -6.00 -8.32
C THR D 98 21.45 -4.60 -8.24
N ARG D 99 20.95 -3.67 -9.04
CA ARG D 99 21.37 -2.28 -9.02
C ARG D 99 21.33 -1.68 -7.61
N ARG D 100 20.21 -1.86 -6.91
CA ARG D 100 20.08 -1.38 -5.53
C ARG D 100 21.10 -1.97 -4.58
N ILE D 101 21.46 -3.24 -4.81
CA ILE D 101 22.48 -3.89 -3.99
C ILE D 101 23.83 -3.24 -4.24
N CYS D 102 24.18 -3.05 -5.51
CA CYS D 102 25.44 -2.42 -5.92
C CYS D 102 25.62 -0.99 -5.37
N GLU D 103 24.55 -0.18 -5.40
N GLU D 103 24.56 -0.18 -5.41
CA GLU D 103 24.58 1.18 -4.86
CA GLU D 103 24.60 1.19 -4.88
C GLU D 103 24.94 1.15 -3.37
C GLU D 103 24.91 1.18 -3.36
N ILE D 104 24.26 0.27 -2.63
CA ILE D 104 24.42 0.16 -1.18
C ILE D 104 25.81 -0.34 -0.83
N PHE D 105 26.27 -1.37 -1.54
CA PHE D 105 27.65 -1.88 -1.44
C PHE D 105 28.66 -0.78 -1.71
N GLN D 106 28.44 0.02 -2.75
CA GLN D 106 29.35 1.11 -3.05
C GLN D 106 29.31 2.20 -1.95
N ARG D 107 28.12 2.56 -1.49
CA ARG D 107 27.97 3.59 -0.46
C ARG D 107 28.56 3.15 0.87
N ASN D 108 28.34 1.88 1.23
CA ASN D 108 28.66 1.41 2.56
C ASN D 108 29.82 0.43 2.70
N TYR D 109 30.12 -0.36 1.67
CA TYR D 109 31.07 -1.46 1.77
C TYR D 109 32.04 -1.55 0.59
N SER D 110 32.57 -0.41 0.17
CA SER D 110 33.50 -0.39 -0.95
C SER D 110 34.90 -0.90 -0.56
N VAL D 111 35.68 -1.32 -1.54
CA VAL D 111 37.07 -1.72 -1.33
C VAL D 111 37.90 -0.57 -0.74
N GLU D 112 37.59 0.64 -1.17
CA GLU D 112 38.14 1.87 -0.61
C GLU D 112 38.14 1.87 0.92
N ARG D 113 37.03 1.44 1.51
CA ARG D 113 36.89 1.44 2.96
C ARG D 113 37.29 0.11 3.64
N LEU D 114 37.03 -1.00 2.97
CA LEU D 114 37.12 -2.33 3.59
C LEU D 114 38.16 -3.25 2.96
N GLY D 115 38.69 -2.83 1.82
CA GLY D 115 39.71 -3.60 1.11
C GLY D 115 39.17 -4.88 0.52
N GLU D 116 39.80 -5.99 0.91
CA GLU D 116 39.57 -7.32 0.36
C GLU D 116 38.15 -7.81 0.60
N ASN D 117 37.53 -7.34 1.69
CA ASN D 117 36.16 -7.69 2.05
C ASN D 117 35.12 -6.76 1.48
N GLY D 118 35.59 -5.73 0.76
CA GLY D 118 34.71 -4.75 0.18
C GLY D 118 34.31 -5.03 -1.25
N TRP D 119 33.47 -4.15 -1.78
CA TRP D 119 32.90 -4.26 -3.12
C TRP D 119 33.67 -3.37 -4.08
N ASN D 120 34.00 -3.94 -5.24
CA ASN D 120 34.67 -3.19 -6.30
C ASN D 120 33.67 -2.82 -7.38
N ASP D 121 33.35 -1.53 -7.44
CA ASP D 121 32.35 -1.02 -8.36
C ASP D 121 32.71 -1.09 -9.84
N ASP D 122 33.97 -1.39 -10.18
CA ASP D 122 34.29 -1.78 -11.57
C ASP D 122 33.46 -2.99 -12.04
N GLU D 123 33.00 -3.81 -11.10
CA GLU D 123 32.20 -5.02 -11.36
C GLU D 123 30.70 -4.78 -11.67
N ARG D 124 30.24 -3.55 -11.44
N ARG D 124 30.23 -3.55 -11.43
CA ARG D 124 28.84 -3.19 -11.61
CA ARG D 124 28.82 -3.20 -11.60
C ARG D 124 28.29 -3.61 -12.97
C ARG D 124 28.28 -3.61 -12.96
N LEU D 125 28.90 -3.11 -14.04
CA LEU D 125 28.35 -3.31 -15.39
C LEU D 125 28.14 -4.79 -15.71
N ILE D 126 29.17 -5.60 -15.46
CA ILE D 126 29.06 -7.03 -15.72
C ILE D 126 27.97 -7.67 -14.85
N THR D 127 27.88 -7.23 -13.59
CA THR D 127 26.89 -7.78 -12.67
C THR D 127 25.48 -7.44 -13.13
N LEU D 128 25.25 -6.19 -13.56
CA LEU D 128 23.95 -5.76 -14.07
C LEU D 128 23.51 -6.43 -15.39
N CYS D 129 24.44 -6.69 -16.30
CA CYS D 129 24.13 -7.37 -17.55
C CYS D 129 23.75 -8.82 -17.28
N ALA D 130 24.59 -9.53 -16.52
CA ALA D 130 24.28 -10.87 -16.04
C ALA D 130 22.89 -10.96 -15.38
N ALA D 131 22.57 -10.01 -14.50
CA ALA D 131 21.27 -9.98 -13.81
C ALA D 131 20.11 -9.85 -14.81
N LEU D 132 20.23 -8.88 -15.72
CA LEU D 132 19.25 -8.67 -16.75
C LEU D 132 19.11 -9.84 -17.69
N LEU D 133 20.22 -10.49 -18.01
CA LEU D 133 20.23 -11.53 -19.04
C LEU D 133 20.09 -12.94 -18.50
N HIS D 134 19.95 -13.07 -17.17
CA HIS D 134 20.00 -14.38 -16.52
C HIS D 134 18.96 -15.40 -17.04
N ASP D 135 17.82 -14.93 -17.54
CA ASP D 135 16.71 -15.82 -17.96
C ASP D 135 16.41 -15.75 -19.43
N VAL D 136 17.28 -15.13 -20.20
CA VAL D 136 17.00 -14.90 -21.62
C VAL D 136 16.80 -16.21 -22.41
N GLY D 137 17.42 -17.29 -21.94
CA GLY D 137 17.27 -18.60 -22.58
C GLY D 137 15.97 -19.31 -22.28
N HIS D 138 15.14 -18.77 -21.38
CA HIS D 138 13.80 -19.31 -21.13
C HIS D 138 12.85 -19.24 -22.34
N GLY D 139 12.16 -20.34 -22.61
CA GLY D 139 11.13 -20.37 -23.61
C GLY D 139 9.75 -20.54 -23.00
N PRO D 140 8.73 -20.79 -23.83
CA PRO D 140 7.37 -20.85 -23.30
C PRO D 140 7.15 -22.15 -22.50
N TYR D 141 6.49 -22.04 -21.35
CA TYR D 141 6.18 -23.19 -20.49
C TYR D 141 7.39 -24.11 -20.33
N SER D 142 8.48 -23.57 -19.76
CA SER D 142 9.78 -24.22 -19.74
C SER D 142 9.80 -25.66 -19.23
N HIS D 143 9.32 -25.86 -18.00
CA HIS D 143 9.31 -27.17 -17.37
C HIS D 143 8.77 -28.28 -18.27
N THR D 144 7.58 -28.04 -18.82
CA THR D 144 6.92 -28.97 -19.72
C THR D 144 7.69 -29.13 -21.03
N PHE D 145 8.15 -28.02 -21.58
CA PHE D 145 8.79 -27.97 -22.90
C PHE D 145 10.10 -28.76 -22.86
N GLU D 146 10.87 -28.51 -21.81
CA GLU D 146 12.16 -29.15 -21.60
C GLU D 146 12.00 -30.61 -21.28
N HIS D 147 10.86 -30.98 -20.67
CA HIS D 147 10.56 -32.38 -20.42
C HIS D 147 10.33 -33.15 -21.74
N ILE D 148 9.65 -32.51 -22.68
CA ILE D 148 9.23 -33.17 -23.90
C ILE D 148 10.28 -33.05 -25.00
N PHE D 149 10.87 -31.86 -25.12
CA PHE D 149 11.79 -31.57 -26.22
C PHE D 149 13.26 -31.58 -25.81
N ASP D 150 13.50 -31.90 -24.54
CA ASP D 150 14.85 -32.01 -23.99
C ASP D 150 15.71 -30.76 -24.28
N THR D 151 15.14 -29.57 -24.03
CA THR D 151 15.88 -28.32 -24.15
C THR D 151 16.47 -27.96 -22.80
N ASN D 152 17.44 -27.06 -22.79
CA ASN D 152 18.05 -26.61 -21.56
C ASN D 152 18.21 -25.10 -21.61
N HIS D 153 17.43 -24.38 -20.81
CA HIS D 153 17.36 -22.92 -20.89
C HIS D 153 18.62 -22.20 -20.41
N GLU D 154 19.41 -22.85 -19.55
CA GLU D 154 20.68 -22.26 -19.12
C GLU D 154 21.74 -22.29 -20.22
N ALA D 155 21.83 -23.39 -20.96
CA ALA D 155 22.74 -23.49 -22.10
C ALA D 155 22.31 -22.58 -23.24
N ILE D 156 21.01 -22.47 -23.48
CA ILE D 156 20.47 -21.50 -24.44
C ILE D 156 20.71 -20.02 -24.03
N THR D 157 20.64 -19.74 -22.72
CA THR D 157 21.05 -18.43 -22.20
C THR D 157 22.52 -18.10 -22.56
N VAL D 158 23.43 -19.03 -22.28
CA VAL D 158 24.85 -18.89 -22.61
C VAL D 158 25.05 -18.78 -24.14
N GLN D 159 24.33 -19.60 -24.90
CA GLN D 159 24.31 -19.50 -26.34
C GLN D 159 23.84 -18.13 -26.88
N ILE D 160 22.87 -17.51 -26.20
CA ILE D 160 22.34 -16.20 -26.65
C ILE D 160 23.38 -15.11 -26.43
N ILE D 161 24.05 -15.20 -25.28
CA ILE D 161 25.07 -14.25 -24.86
C ILE D 161 26.34 -14.32 -25.73
N THR D 162 26.67 -15.54 -26.17
CA THR D 162 27.96 -15.82 -26.81
C THR D 162 27.91 -16.02 -28.32
N SER D 163 26.72 -15.87 -28.93
CA SER D 163 26.55 -16.15 -30.37
C SER D 163 26.38 -14.90 -31.21
N PRO D 164 27.29 -14.68 -32.20
CA PRO D 164 27.33 -13.46 -33.03
C PRO D 164 26.01 -13.10 -33.75
N GLU D 165 25.11 -14.08 -33.86
CA GLU D 165 23.80 -13.86 -34.52
C GLU D 165 22.78 -13.06 -33.70
N THR D 166 22.94 -13.02 -32.38
CA THR D 166 21.99 -12.30 -31.54
C THR D 166 22.35 -10.83 -31.33
N GLU D 167 21.32 -9.99 -31.19
CA GLU D 167 21.51 -8.58 -30.85
C GLU D 167 22.18 -8.42 -29.49
N VAL D 168 21.81 -9.28 -28.55
CA VAL D 168 22.48 -9.34 -27.23
C VAL D 168 24.00 -9.46 -27.39
N TYR D 169 24.45 -10.47 -28.14
CA TYR D 169 25.89 -10.63 -28.35
C TYR D 169 26.54 -9.39 -28.97
N GLN D 170 25.96 -8.87 -30.05
CA GLN D 170 26.43 -7.62 -30.66
C GLN D 170 26.62 -6.47 -29.65
N ILE D 171 25.66 -6.31 -28.75
CA ILE D 171 25.69 -5.27 -27.71
C ILE D 171 26.82 -5.53 -26.71
N LEU D 172 26.91 -6.77 -26.23
CA LEU D 172 27.96 -7.19 -25.32
C LEU D 172 29.34 -7.10 -25.95
N ASN D 173 29.46 -7.52 -27.20
CA ASN D 173 30.74 -7.44 -27.91
C ASN D 173 31.25 -6.00 -28.11
N ARG D 174 30.33 -5.04 -28.13
N ARG D 174 30.33 -5.05 -28.14
CA ARG D 174 30.65 -3.63 -28.26
CA ARG D 174 30.71 -3.64 -28.27
C ARG D 174 31.36 -3.12 -26.99
C ARG D 174 31.38 -3.12 -26.99
N VAL D 175 31.08 -3.76 -25.86
CA VAL D 175 31.73 -3.40 -24.57
C VAL D 175 33.23 -3.74 -24.62
N SER D 176 33.55 -4.94 -25.10
CA SER D 176 34.91 -5.39 -25.32
C SER D 176 34.83 -6.80 -25.88
N ALA D 177 35.90 -7.23 -26.54
CA ALA D 177 35.93 -8.56 -27.18
C ALA D 177 35.61 -9.69 -26.20
N ASP D 178 36.11 -9.59 -24.97
CA ASP D 178 36.00 -10.69 -24.01
C ASP D 178 34.76 -10.58 -23.13
N PHE D 179 33.93 -9.57 -23.39
CA PHE D 179 32.83 -9.28 -22.52
C PHE D 179 31.67 -10.27 -22.62
N PRO D 180 31.26 -10.66 -23.85
CA PRO D 180 30.21 -11.68 -23.91
C PRO D 180 30.56 -12.93 -23.08
N GLU D 181 31.79 -13.43 -23.22
CA GLU D 181 32.21 -14.61 -22.47
C GLU D 181 32.28 -14.37 -20.97
N LYS D 182 32.73 -13.19 -20.56
CA LYS D 182 32.75 -12.81 -19.16
C LYS D 182 31.36 -12.83 -18.53
N VAL D 183 30.39 -12.22 -19.23
CA VAL D 183 28.97 -12.27 -18.79
C VAL D 183 28.43 -13.72 -18.73
N ALA D 184 28.72 -14.53 -19.74
CA ALA D 184 28.35 -15.94 -19.66
C ALA D 184 28.97 -16.62 -18.43
N SER D 185 30.22 -16.28 -18.11
CA SER D 185 30.92 -16.92 -17.01
C SER D 185 30.35 -16.58 -15.63
N VAL D 186 29.67 -15.44 -15.51
CA VAL D 186 28.93 -15.10 -14.29
C VAL D 186 27.74 -16.05 -14.12
N ILE D 187 26.99 -16.26 -15.21
CA ILE D 187 25.84 -17.14 -15.24
C ILE D 187 26.23 -18.58 -14.96
N THR D 188 27.33 -19.06 -15.57
CA THR D 188 27.82 -20.41 -15.30
C THR D 188 28.55 -20.53 -13.97
N LYS D 189 28.64 -19.42 -13.24
CA LYS D 189 29.29 -19.36 -11.94
C LYS D 189 30.80 -19.61 -12.00
N GLN D 190 31.41 -19.34 -13.14
CA GLN D 190 32.85 -19.50 -13.28
C GLN D 190 33.62 -18.19 -13.13
N TYR D 191 32.91 -17.07 -13.14
CA TYR D 191 33.54 -15.79 -12.95
C TYR D 191 34.34 -15.81 -11.65
N PRO D 192 35.60 -15.32 -11.69
CA PRO D 192 36.49 -15.44 -10.52
C PRO D 192 36.17 -14.52 -9.32
N ASN D 193 35.09 -13.74 -9.40
CA ASN D 193 34.66 -12.91 -8.26
C ASN D 193 33.41 -13.48 -7.59
N PRO D 194 33.53 -13.96 -6.33
CA PRO D 194 32.42 -14.62 -5.63
C PRO D 194 31.29 -13.68 -5.24
N GLN D 195 31.59 -12.39 -5.05
CA GLN D 195 30.56 -11.39 -4.78
C GLN D 195 29.59 -11.23 -5.95
N VAL D 196 30.13 -11.28 -7.17
CA VAL D 196 29.36 -11.11 -8.40
C VAL D 196 28.54 -12.37 -8.67
N VAL D 197 29.20 -13.52 -8.60
CA VAL D 197 28.55 -14.82 -8.79
C VAL D 197 27.35 -15.01 -7.85
N GLN D 198 27.53 -14.65 -6.59
CA GLN D 198 26.50 -14.88 -5.56
C GLN D 198 25.39 -13.83 -5.57
N MET D 199 25.66 -12.66 -6.14
CA MET D 199 24.63 -11.65 -6.26
C MET D 199 23.61 -12.14 -7.25
N ILE D 200 24.12 -12.85 -8.26
CA ILE D 200 23.31 -13.37 -9.35
C ILE D 200 22.66 -14.69 -8.92
N SER D 201 23.41 -15.51 -8.19
CA SER D 201 22.99 -16.87 -7.90
C SER D 201 23.50 -17.38 -6.55
N SER D 202 22.56 -17.52 -5.62
CA SER D 202 22.78 -18.14 -4.32
C SER D 202 21.42 -18.29 -3.65
N GLN D 203 21.40 -18.57 -2.35
CA GLN D 203 20.17 -18.83 -1.62
C GLN D 203 19.23 -17.63 -1.48
N ILE D 204 19.80 -16.47 -1.17
CA ILE D 204 19.05 -15.23 -1.10
C ILE D 204 19.65 -14.28 -2.10
N ASP D 205 19.21 -14.37 -3.35
CA ASP D 205 19.77 -13.55 -4.40
C ASP D 205 18.67 -12.65 -4.99
N ALA D 206 19.05 -11.76 -5.91
CA ALA D 206 18.11 -10.84 -6.55
C ALA D 206 17.07 -11.59 -7.40
N ASP D 207 17.51 -12.66 -8.06
CA ASP D 207 16.61 -13.54 -8.80
C ASP D 207 15.41 -13.99 -7.94
N ARG D 208 15.72 -14.66 -6.84
CA ARG D 208 14.71 -15.22 -5.94
C ARG D 208 13.88 -14.17 -5.25
N MET D 209 14.53 -13.12 -4.76
CA MET D 209 13.82 -12.03 -4.10
C MET D 209 12.85 -11.37 -5.05
N ASP D 210 13.23 -11.19 -6.33
CA ASP D 210 12.28 -10.59 -7.26
C ASP D 210 11.05 -11.46 -7.54
N TYR D 211 11.25 -12.76 -7.77
CA TYR D 211 10.10 -13.55 -8.18
C TYR D 211 9.19 -13.87 -7.01
N LEU D 212 9.75 -14.02 -5.81
CA LEU D 212 8.92 -14.12 -4.61
C LEU D 212 8.02 -12.89 -4.50
N LEU D 213 8.61 -11.70 -4.56
CA LEU D 213 7.84 -10.46 -4.48
C LEU D 213 6.86 -10.32 -5.65
N ARG D 214 7.35 -10.58 -6.87
CA ARG D 214 6.54 -10.41 -8.07
C ARG D 214 5.41 -11.44 -8.19
N ASP D 215 5.72 -12.72 -7.99
CA ASP D 215 4.70 -13.78 -8.00
C ASP D 215 3.63 -13.52 -6.92
N ALA D 216 4.07 -13.08 -5.73
CA ALA D 216 3.14 -12.71 -4.68
C ALA D 216 2.23 -11.52 -5.05
N TYR D 217 2.79 -10.51 -5.71
CA TYR D 217 2.04 -9.31 -6.09
C TYR D 217 0.94 -9.58 -7.12
N PHE D 218 1.24 -10.43 -8.10
CA PHE D 218 0.30 -10.71 -9.18
C PHE D 218 -0.71 -11.81 -8.85
N THR D 219 -0.30 -12.83 -8.08
CA THR D 219 -1.24 -13.87 -7.64
C THR D 219 -2.20 -13.30 -6.61
N GLY D 220 -1.74 -12.33 -5.82
CA GLY D 220 -2.51 -11.81 -4.71
C GLY D 220 -2.25 -12.60 -3.44
N THR D 221 -1.44 -13.65 -3.55
CA THR D 221 -1.04 -14.47 -2.41
C THR D 221 0.28 -13.90 -1.95
N GLU D 222 0.22 -12.78 -1.23
CA GLU D 222 1.46 -12.11 -0.84
C GLU D 222 1.86 -12.49 0.58
N TYR D 223 1.58 -13.74 0.97
CA TYR D 223 2.16 -14.27 2.21
C TYR D 223 3.66 -14.18 1.99
N GLY D 224 4.05 -14.31 0.71
CA GLY D 224 5.37 -13.95 0.23
C GLY D 224 5.70 -12.45 0.25
N THR D 225 5.09 -11.71 1.19
CA THR D 225 5.62 -10.41 1.66
C THR D 225 6.65 -10.62 2.78
N PHE D 226 7.92 -10.65 2.39
CA PHE D 226 9.00 -10.30 3.27
C PHE D 226 9.28 -8.84 2.89
N ASP D 227 10.01 -8.11 3.72
CA ASP D 227 10.35 -6.72 3.42
C ASP D 227 11.72 -6.60 2.73
N LEU D 228 11.70 -6.21 1.46
CA LEU D 228 12.91 -6.16 0.64
C LEU D 228 13.92 -5.13 1.14
N THR D 229 13.43 -3.95 1.51
CA THR D 229 14.31 -2.90 2.04
C THR D 229 15.02 -3.32 3.33
N ARG D 230 14.36 -4.14 4.15
CA ARG D 230 14.97 -4.62 5.40
C ARG D 230 16.17 -5.50 5.07
N ILE D 231 16.02 -6.38 4.08
CA ILE D 231 17.11 -7.20 3.55
C ILE D 231 18.23 -6.39 2.92
N LEU D 232 17.87 -5.34 2.19
CA LEU D 232 18.87 -4.49 1.54
C LEU D 232 19.70 -3.70 2.53
N ARG D 233 19.21 -3.61 3.76
CA ARG D 233 19.94 -2.88 4.79
CA ARG D 233 19.92 -2.87 4.81
C ARG D 233 20.92 -3.78 5.56
N VAL D 234 20.83 -5.10 5.37
CA VAL D 234 21.73 -6.03 6.08
C VAL D 234 22.67 -6.83 5.16
N ILE D 235 22.36 -6.87 3.88
CA ILE D 235 23.21 -7.56 2.92
C ILE D 235 24.59 -6.87 2.85
N ARG D 236 25.65 -7.67 2.79
CA ARG D 236 26.97 -7.09 2.60
C ARG D 236 27.93 -7.98 1.82
N PRO D 237 29.02 -7.40 1.28
CA PRO D 237 30.00 -8.24 0.63
C PRO D 237 31.01 -8.71 1.67
N TYR D 238 31.80 -9.70 1.30
CA TYR D 238 33.00 -10.09 2.02
C TYR D 238 33.89 -10.85 1.03
N LYS D 239 35.13 -11.14 1.39
CA LYS D 239 36.05 -11.76 0.44
C LYS D 239 35.55 -13.08 -0.18
N GLY D 240 34.67 -13.79 0.52
CA GLY D 240 34.13 -15.06 0.02
C GLY D 240 32.77 -14.97 -0.67
N GLY D 241 32.21 -13.78 -0.76
CA GLY D 241 30.93 -13.62 -1.44
C GLY D 241 29.99 -12.63 -0.77
N ILE D 242 28.77 -13.10 -0.52
CA ILE D 242 27.67 -12.27 -0.01
C ILE D 242 27.21 -12.79 1.35
N ALA D 243 27.08 -11.88 2.32
CA ALA D 243 26.65 -12.25 3.65
C ALA D 243 25.59 -11.27 4.17
N PHE D 244 25.10 -11.51 5.37
CA PHE D 244 24.04 -10.69 5.96
C PHE D 244 24.39 -10.37 7.40
N ALA D 245 24.31 -9.09 7.77
CA ALA D 245 24.65 -8.68 9.13
C ALA D 245 23.83 -9.50 10.13
N MET D 246 24.45 -9.83 11.25
CA MET D 246 23.79 -10.65 12.29
C MET D 246 22.54 -9.96 12.85
N ASN D 247 22.55 -8.64 12.93
CA ASN D 247 21.38 -7.87 13.40
C ASN D 247 20.16 -7.99 12.50
N GLY D 248 20.36 -8.39 11.25
CA GLY D 248 19.24 -8.63 10.33
C GLY D 248 18.92 -10.11 10.15
N MET D 249 19.24 -10.91 11.15
CA MET D 249 18.94 -12.32 11.08
C MET D 249 17.44 -12.59 10.90
N HIS D 250 16.62 -11.81 11.61
CA HIS D 250 15.16 -11.96 11.53
C HIS D 250 14.60 -11.57 10.18
N ALA D 251 15.25 -10.63 9.50
CA ALA D 251 14.87 -10.27 8.14
C ALA D 251 15.11 -11.45 7.20
N VAL D 252 16.19 -12.20 7.46
CA VAL D 252 16.54 -13.39 6.70
C VAL D 252 15.53 -14.51 6.96
N GLU D 253 15.15 -14.67 8.23
CA GLU D 253 14.10 -15.62 8.65
C GLU D 253 12.79 -15.36 7.89
N ASP D 254 12.39 -14.08 7.83
CA ASP D 254 11.18 -13.67 7.10
C ASP D 254 11.22 -14.06 5.63
N TYR D 255 12.38 -13.96 5.01
CA TYR D 255 12.53 -14.34 3.62
C TYR D 255 12.33 -15.87 3.46
N ILE D 256 12.97 -16.63 4.36
CA ILE D 256 12.89 -18.09 4.33
C ILE D 256 11.43 -18.52 4.49
N VAL D 257 10.72 -17.81 5.36
CA VAL D 257 9.31 -18.12 5.66
C VAL D 257 8.40 -17.83 4.47
N SER D 258 8.61 -16.66 3.85
CA SER D 258 7.87 -16.25 2.67
C SER D 258 8.06 -17.21 1.52
N ARG D 259 9.29 -17.67 1.34
CA ARG D 259 9.61 -18.60 0.26
C ARG D 259 8.89 -19.92 0.48
N TYR D 260 8.91 -20.38 1.74
CA TYR D 260 8.17 -21.57 2.17
C TYR D 260 6.68 -21.44 1.86
N GLN D 261 6.09 -20.32 2.24
CA GLN D 261 4.68 -20.04 2.00
C GLN D 261 4.34 -20.01 0.50
N MET D 262 5.22 -19.42 -0.30
CA MET D 262 5.03 -19.37 -1.75
C MET D 262 5.10 -20.76 -2.42
N TYR D 263 6.04 -21.59 -2.00
CA TYR D 263 6.13 -22.96 -2.51
C TYR D 263 4.88 -23.77 -2.15
N VAL D 264 4.50 -23.71 -0.88
CA VAL D 264 3.36 -24.47 -0.37
C VAL D 264 2.04 -24.05 -1.04
N GLN D 265 1.80 -22.74 -1.11
CA GLN D 265 0.49 -22.23 -1.50
C GLN D 265 0.31 -21.97 -2.98
N VAL D 266 1.42 -21.68 -3.68
CA VAL D 266 1.36 -21.30 -5.10
C VAL D 266 2.04 -22.31 -5.99
N TYR D 267 3.35 -22.50 -5.82
CA TYR D 267 4.11 -23.30 -6.78
C TYR D 267 3.73 -24.77 -6.78
N PHE D 268 3.33 -25.28 -5.61
CA PHE D 268 2.94 -26.70 -5.48
C PHE D 268 1.44 -26.95 -5.64
N HIS D 269 0.69 -25.90 -6.01
CA HIS D 269 -0.75 -26.04 -6.16
C HIS D 269 -1.17 -27.16 -7.11
N PRO D 270 -2.08 -28.05 -6.65
CA PRO D 270 -2.48 -29.22 -7.44
C PRO D 270 -3.24 -28.87 -8.75
N VAL D 271 -4.01 -27.80 -8.73
CA VAL D 271 -4.81 -27.47 -9.89
C VAL D 271 -3.92 -26.95 -11.02
N SER D 272 -2.97 -26.08 -10.68
CA SER D 272 -1.93 -25.67 -11.61
C SER D 272 -1.23 -26.89 -12.25
N ARG D 273 -0.79 -27.83 -11.42
CA ARG D 273 -0.13 -29.03 -11.92
C ARG D 273 -1.03 -29.95 -12.78
N GLY D 274 -2.30 -30.05 -12.41
CA GLY D 274 -3.31 -30.70 -13.24
C GLY D 274 -3.38 -30.15 -14.66
N MET D 275 -3.25 -28.83 -14.81
CA MET D 275 -3.20 -28.18 -16.13
C MET D 275 -1.87 -28.46 -16.85
N GLU D 276 -0.81 -28.49 -16.07
CA GLU D 276 0.53 -28.78 -16.55
C GLU D 276 0.69 -30.21 -17.08
N VAL D 277 -0.02 -31.16 -16.47
CA VAL D 277 0.01 -32.55 -16.90
C VAL D 277 -0.66 -32.68 -18.26
N ILE D 278 -1.79 -32.00 -18.43
CA ILE D 278 -2.50 -31.91 -19.71
C ILE D 278 -1.60 -31.39 -20.81
N LEU D 279 -0.88 -30.30 -20.52
CA LEU D 279 0.02 -29.67 -21.48
C LEU D 279 1.15 -30.58 -21.89
N ASP D 280 1.68 -31.30 -20.89
CA ASP D 280 2.76 -32.24 -21.07
C ASP D 280 2.33 -33.37 -22.02
N HIS D 281 1.18 -33.98 -21.74
CA HIS D 281 0.63 -35.03 -22.60
C HIS D 281 0.21 -34.51 -23.99
N LEU D 282 -0.20 -33.25 -24.06
CA LEU D 282 -0.64 -32.66 -25.31
C LEU D 282 0.52 -32.49 -26.29
N LEU D 283 1.63 -31.94 -25.80
CA LEU D 283 2.85 -31.78 -26.60
C LEU D 283 3.45 -33.12 -27.00
N HIS D 284 3.38 -34.08 -26.08
CA HIS D 284 3.89 -35.42 -26.30
C HIS D 284 3.11 -36.14 -27.38
N ARG D 285 1.78 -36.08 -27.29
CA ARG D 285 0.89 -36.65 -28.31
C ARG D 285 1.13 -36.03 -29.70
N ALA D 286 1.35 -34.72 -29.73
CA ALA D 286 1.65 -34.02 -30.97
C ALA D 286 2.94 -34.51 -31.63
N LYS D 287 3.97 -34.69 -30.80
CA LYS D 287 5.28 -35.17 -31.24
C LYS D 287 5.19 -36.59 -31.75
N GLU D 288 4.46 -37.43 -31.01
CA GLU D 288 4.23 -38.83 -31.39
C GLU D 288 3.55 -38.90 -32.74
N LEU D 289 2.55 -38.04 -32.93
CA LEU D 289 1.82 -37.97 -34.18
C LEU D 289 2.76 -37.56 -35.32
N PHE D 290 3.59 -36.56 -35.07
CA PHE D 290 4.55 -36.10 -36.07
C PHE D 290 5.56 -37.19 -36.46
N GLU D 291 6.33 -37.68 -35.48
CA GLU D 291 7.38 -38.68 -35.68
C GLU D 291 6.89 -39.90 -36.45
N ASN D 292 5.64 -40.29 -36.19
CA ASN D 292 5.03 -41.42 -36.88
C ASN D 292 4.72 -41.12 -38.35
N PRO D 293 5.26 -41.96 -39.27
CA PRO D 293 5.12 -41.79 -40.72
C PRO D 293 3.77 -42.24 -41.30
N GLU D 294 2.99 -43.02 -40.55
CA GLU D 294 1.67 -43.45 -41.02
C GLU D 294 0.59 -42.40 -40.71
N PHE D 295 0.98 -41.36 -39.97
CA PHE D 295 0.10 -40.23 -39.68
C PHE D 295 0.23 -39.13 -40.74
N ASP D 296 -0.58 -39.23 -41.79
CA ASP D 296 -0.54 -38.28 -42.90
C ASP D 296 -1.53 -37.15 -42.72
N TYR D 297 -1.19 -36.21 -41.84
CA TYR D 297 -2.03 -35.04 -41.61
C TYR D 297 -1.20 -33.83 -41.15
N ASP D 298 -1.52 -32.68 -41.74
CA ASP D 298 -0.82 -31.42 -41.45
C ASP D 298 -1.24 -30.83 -40.09
N LEU D 299 -0.31 -30.84 -39.14
CA LEU D 299 -0.52 -30.27 -37.82
C LEU D 299 -0.49 -28.73 -37.83
N GLN D 300 -0.05 -28.16 -38.96
CA GLN D 300 0.04 -26.70 -39.14
C GLN D 300 0.88 -26.04 -38.02
N ALA D 301 1.85 -26.79 -37.51
CA ALA D 301 2.63 -26.37 -36.34
C ALA D 301 4.08 -26.10 -36.73
N SER D 302 4.23 -25.25 -37.74
CA SER D 302 5.51 -24.96 -38.38
C SER D 302 6.70 -24.72 -37.42
N LEU D 303 6.51 -23.85 -36.44
CA LEU D 303 7.59 -23.50 -35.51
C LEU D 303 7.97 -24.62 -34.56
N LEU D 304 7.09 -25.59 -34.37
CA LEU D 304 7.36 -26.72 -33.47
C LEU D 304 8.08 -27.88 -34.16
N VAL D 305 8.03 -27.89 -35.50
CA VAL D 305 8.61 -28.97 -36.33
C VAL D 305 10.07 -29.33 -35.97
N PRO D 306 10.96 -28.31 -35.86
CA PRO D 306 12.35 -28.61 -35.49
C PRO D 306 12.48 -29.31 -34.15
N PHE D 307 11.47 -29.13 -33.30
CA PHE D 307 11.47 -29.70 -31.96
C PHE D 307 10.80 -31.07 -31.91
N PHE D 308 9.84 -31.30 -32.81
CA PHE D 308 9.30 -32.64 -33.05
C PHE D 308 10.40 -33.57 -33.59
N LYS D 309 11.19 -33.05 -34.54
CA LYS D 309 12.32 -33.78 -35.14
C LYS D 309 13.49 -33.97 -34.17
N GLY D 310 13.51 -33.18 -33.09
CA GLY D 310 14.65 -33.16 -32.17
C GLY D 310 15.91 -32.62 -32.82
N ASP D 311 15.78 -31.54 -33.59
CA ASP D 311 16.91 -30.91 -34.29
C ASP D 311 16.59 -29.46 -34.64
N PHE D 312 17.05 -28.54 -33.79
CA PHE D 312 16.68 -27.14 -33.91
C PHE D 312 17.88 -26.19 -33.88
N THR D 313 17.68 -24.99 -34.41
CA THR D 313 18.67 -23.92 -34.28
C THR D 313 18.23 -22.94 -33.20
N LEU D 314 19.12 -22.03 -32.85
CA LEU D 314 18.82 -20.96 -31.90
C LEU D 314 17.75 -20.03 -32.47
N GLN D 315 17.89 -19.67 -33.75
CA GLN D 315 16.91 -18.81 -34.42
C GLN D 315 15.49 -19.37 -34.29
N GLU D 316 15.37 -20.68 -34.55
CA GLU D 316 14.09 -21.37 -34.41
C GLU D 316 13.60 -21.36 -32.96
N TYR D 317 14.49 -21.56 -32.01
CA TYR D 317 14.10 -21.48 -30.61
C TYR D 317 13.60 -20.08 -30.22
N LEU D 318 14.21 -19.05 -30.80
CA LEU D 318 13.86 -17.68 -30.49
C LEU D 318 12.53 -17.23 -31.07
N LYS D 319 11.99 -17.97 -32.04
CA LYS D 319 10.67 -17.63 -32.58
C LYS D 319 9.51 -18.10 -31.70
N LEU D 320 9.77 -18.99 -30.75
CA LEU D 320 8.71 -19.53 -29.87
C LEU D 320 8.35 -18.64 -28.69
N ASP D 321 7.06 -18.60 -28.39
CA ASP D 321 6.54 -17.93 -27.19
C ASP D 321 5.21 -18.57 -26.83
N ASP D 322 4.57 -18.11 -25.76
CA ASP D 322 3.34 -18.69 -25.24
C ASP D 322 2.20 -18.71 -26.27
N GLY D 323 2.03 -17.61 -26.99
CA GLY D 323 0.98 -17.48 -27.99
C GLY D 323 1.15 -18.41 -29.18
N VAL D 324 2.39 -18.81 -29.46
CA VAL D 324 2.64 -19.75 -30.55
C VAL D 324 1.98 -21.09 -30.20
N LEU D 325 2.19 -21.53 -28.97
CA LEU D 325 1.64 -22.78 -28.53
C LEU D 325 0.11 -22.79 -28.57
N SER D 326 -0.50 -21.75 -28.00
CA SER D 326 -1.95 -21.67 -27.91
C SER D 326 -2.62 -21.53 -29.29
N THR D 327 -1.95 -20.87 -30.24
CA THR D 327 -2.43 -20.83 -31.61
C THR D 327 -2.49 -22.23 -32.22
N TYR D 328 -1.45 -23.00 -31.98
CA TYR D 328 -1.32 -24.33 -32.52
C TYR D 328 -2.36 -25.24 -31.90
N PHE D 329 -2.54 -25.12 -30.58
CA PHE D 329 -3.54 -25.91 -29.85
C PHE D 329 -4.95 -25.63 -30.37
N THR D 330 -5.23 -24.37 -30.70
CA THR D 330 -6.52 -23.99 -31.27
C THR D 330 -6.79 -24.74 -32.57
N GLN D 331 -5.78 -24.79 -33.43
N GLN D 331 -5.77 -24.82 -33.42
CA GLN D 331 -5.86 -25.55 -34.70
CA GLN D 331 -5.87 -25.55 -34.69
C GLN D 331 -6.09 -27.03 -34.43
C GLN D 331 -5.93 -27.06 -34.52
N TRP D 332 -5.51 -27.54 -33.34
CA TRP D 332 -5.53 -28.98 -33.04
C TRP D 332 -6.87 -29.54 -32.55
N MET D 333 -7.75 -28.67 -32.06
CA MET D 333 -9.10 -29.09 -31.67
C MET D 333 -9.89 -29.66 -32.86
N ASP D 334 -9.42 -29.39 -34.08
CA ASP D 334 -10.06 -29.84 -35.30
C ASP D 334 -9.30 -31.01 -35.94
N VAL D 335 -8.27 -31.50 -35.25
CA VAL D 335 -7.46 -32.63 -35.75
C VAL D 335 -8.18 -33.98 -35.59
N PRO D 336 -8.17 -34.82 -36.66
CA PRO D 336 -8.70 -36.19 -36.70
C PRO D 336 -8.27 -37.13 -35.56
N ASP D 337 -7.21 -36.80 -34.82
CA ASP D 337 -6.85 -37.60 -33.65
C ASP D 337 -7.76 -37.23 -32.47
N SER D 338 -8.40 -38.24 -31.91
CA SER D 338 -9.31 -38.07 -30.77
C SER D 338 -8.61 -37.54 -29.51
N ILE D 339 -7.42 -38.06 -29.22
CA ILE D 339 -6.65 -37.70 -28.03
C ILE D 339 -6.08 -36.27 -28.14
N LEU D 340 -5.33 -35.98 -29.20
CA LEU D 340 -4.81 -34.64 -29.46
C LEU D 340 -5.91 -33.57 -29.42
N GLY D 341 -7.02 -33.84 -30.11
CA GLY D 341 -8.13 -32.90 -30.21
C GLY D 341 -8.72 -32.62 -28.85
N ASP D 342 -8.88 -33.69 -28.06
CA ASP D 342 -9.42 -33.61 -26.71
C ASP D 342 -8.48 -32.89 -25.74
N LEU D 343 -7.20 -33.26 -25.79
CA LEU D 343 -6.19 -32.66 -24.92
C LEU D 343 -5.98 -31.16 -25.24
N ALA D 344 -6.04 -30.80 -26.53
CA ALA D 344 -5.94 -29.40 -26.93
C ALA D 344 -7.12 -28.63 -26.32
N LYS D 345 -8.31 -29.23 -26.44
CA LYS D 345 -9.54 -28.64 -25.94
C LYS D 345 -9.49 -28.43 -24.42
N ARG D 346 -9.03 -29.45 -23.70
CA ARG D 346 -8.96 -29.40 -22.23
C ARG D 346 -8.00 -28.31 -21.74
N PHE D 347 -6.92 -28.10 -22.48
CA PHE D 347 -5.99 -27.05 -22.12
C PHE D 347 -6.58 -25.66 -22.32
N LEU D 348 -7.23 -25.45 -23.46
CA LEU D 348 -7.76 -24.13 -23.79
C LEU D 348 -9.01 -23.79 -22.97
N MET D 349 -9.82 -24.80 -22.66
CA MET D 349 -11.09 -24.62 -21.97
C MET D 349 -10.96 -24.73 -20.45
N ARG D 350 -9.72 -24.92 -19.99
CA ARG D 350 -9.41 -25.12 -18.55
C ARG D 350 -10.20 -26.30 -17.95
N LYS D 351 -9.79 -27.51 -18.30
CA LYS D 351 -10.39 -28.71 -17.73
C LYS D 351 -9.28 -29.59 -17.20
N PRO D 352 -8.71 -29.22 -16.03
CA PRO D 352 -7.56 -29.93 -15.47
C PRO D 352 -7.89 -31.35 -15.07
N LEU D 353 -6.87 -32.21 -15.04
CA LEU D 353 -7.02 -33.51 -14.41
C LEU D 353 -7.13 -33.30 -12.90
N LYS D 354 -8.01 -34.07 -12.25
CA LYS D 354 -8.08 -34.11 -10.79
C LYS D 354 -7.01 -35.05 -10.27
N SER D 355 -6.70 -34.95 -8.97
CA SER D 355 -5.66 -35.75 -8.35
C SER D 355 -6.03 -36.23 -6.96
N ALA D 356 -5.40 -37.33 -6.54
CA ALA D 356 -5.48 -37.82 -5.17
C ALA D 356 -4.07 -37.95 -4.60
N THR D 357 -3.92 -37.65 -3.32
CA THR D 357 -2.62 -37.76 -2.66
C THR D 357 -2.33 -39.19 -2.22
N PHE D 358 -1.04 -39.55 -2.24
CA PHE D 358 -0.54 -40.82 -1.69
C PHE D 358 0.93 -40.64 -1.28
N THR D 359 1.36 -41.35 -0.24
CA THR D 359 2.69 -41.12 0.36
C THR D 359 3.76 -42.17 0.03
N ASN D 360 3.35 -43.33 -0.47
CA ASN D 360 4.27 -44.40 -0.81
C ASN D 360 4.00 -44.94 -2.22
N GLU D 361 4.95 -44.71 -3.12
CA GLU D 361 4.84 -45.13 -4.53
C GLU D 361 4.82 -46.66 -4.69
N LYS D 362 5.71 -47.32 -3.96
CA LYS D 362 5.85 -48.77 -4.02
C LYS D 362 4.62 -49.52 -3.49
N GLU D 363 4.02 -48.99 -2.42
CA GLU D 363 2.87 -49.64 -1.78
C GLU D 363 1.55 -49.28 -2.46
N SER D 364 1.53 -48.13 -3.15
CA SER D 364 0.33 -47.69 -3.87
C SER D 364 0.28 -48.20 -5.30
N ALA D 365 1.36 -48.89 -5.72
CA ALA D 365 1.48 -49.42 -7.08
C ALA D 365 0.31 -50.32 -7.52
N ALA D 366 -0.11 -51.22 -6.63
CA ALA D 366 -1.21 -52.12 -6.93
C ALA D 366 -2.54 -51.38 -7.12
N THR D 367 -2.80 -50.42 -6.23
CA THR D 367 -4.03 -49.62 -6.26
C THR D 367 -4.11 -48.70 -7.47
N ILE D 368 -2.98 -48.08 -7.82
CA ILE D 368 -2.88 -47.19 -8.98
C ILE D 368 -3.09 -47.93 -10.31
N ALA D 369 -2.50 -49.11 -10.43
CA ALA D 369 -2.67 -49.95 -11.61
C ALA D 369 -4.13 -50.37 -11.79
N TYR D 370 -4.81 -50.67 -10.68
CA TYR D 370 -6.19 -51.12 -10.70
C TYR D 370 -7.10 -50.07 -11.30
N LEU D 371 -7.08 -48.90 -10.67
CA LEU D 371 -7.77 -47.68 -11.06
C LEU D 371 -7.54 -47.24 -12.49
N ARG D 372 -6.33 -47.45 -12.95
CA ARG D 372 -5.92 -47.20 -14.34
C ARG D 372 -6.64 -48.13 -15.33
N GLU D 373 -6.94 -49.35 -14.87
CA GLU D 373 -7.77 -50.31 -15.62
C GLU D 373 -9.21 -49.84 -15.64
N LEU D 374 -9.66 -49.23 -14.55
CA LEU D 374 -11.02 -48.70 -14.46
C LEU D 374 -11.22 -47.51 -15.40
N ILE D 375 -10.29 -46.56 -15.34
CA ILE D 375 -10.23 -45.40 -16.22
C ILE D 375 -10.25 -45.83 -17.69
N GLU D 376 -9.47 -46.87 -18.02
CA GLU D 376 -9.44 -47.43 -19.37
C GLU D 376 -10.75 -48.10 -19.78
N LYS D 377 -11.37 -48.83 -18.86
CA LYS D 377 -12.64 -49.51 -19.15
C LYS D 377 -13.77 -48.54 -19.51
N VAL D 378 -13.66 -47.30 -19.02
CA VAL D 378 -14.60 -46.22 -19.32
C VAL D 378 -14.17 -45.43 -20.59
N GLY D 379 -13.03 -45.77 -21.16
CA GLY D 379 -12.63 -45.23 -22.45
C GLY D 379 -11.68 -44.02 -22.43
N PHE D 380 -10.97 -43.84 -21.32
CA PHE D 380 -9.83 -42.92 -21.30
C PHE D 380 -8.56 -43.76 -21.40
N ASN D 381 -7.70 -43.45 -22.37
CA ASN D 381 -6.38 -44.07 -22.45
C ASN D 381 -5.49 -43.54 -21.29
N PRO D 382 -5.20 -44.40 -20.31
CA PRO D 382 -4.53 -43.96 -19.07
C PRO D 382 -3.13 -43.35 -19.24
N LYS D 383 -2.49 -43.59 -20.39
CA LYS D 383 -1.18 -43.02 -20.70
C LYS D 383 -1.23 -41.49 -20.79
N TYR D 384 -2.31 -40.96 -21.34
CA TYR D 384 -2.51 -39.52 -21.54
C TYR D 384 -3.53 -38.92 -20.57
N TYR D 385 -4.26 -39.74 -19.84
CA TYR D 385 -5.29 -39.25 -18.92
C TYR D 385 -5.01 -39.55 -17.46
N THR D 386 -3.79 -40.00 -17.20
CA THR D 386 -3.32 -40.28 -15.87
C THR D 386 -1.87 -39.84 -15.77
N ALA D 387 -1.43 -39.53 -14.56
CA ALA D 387 -0.01 -39.24 -14.30
C ALA D 387 0.34 -39.43 -12.85
N ILE D 388 1.63 -39.65 -12.58
CA ILE D 388 2.16 -39.61 -11.23
C ILE D 388 3.02 -38.36 -11.14
N ASN D 389 2.64 -37.44 -10.24
CA ASN D 389 3.27 -36.12 -10.17
C ASN D 389 3.61 -35.69 -8.74
N SER D 390 4.77 -35.03 -8.57
CA SER D 390 5.25 -34.55 -7.27
C SER D 390 5.48 -33.04 -7.18
N SER D 391 5.84 -32.43 -8.31
CA SER D 391 5.97 -30.97 -8.38
C SER D 391 5.60 -30.41 -9.76
N TYR D 392 5.79 -29.10 -9.92
CA TYR D 392 5.81 -28.46 -11.22
C TYR D 392 7.05 -28.97 -11.99
N ASP D 393 8.04 -29.45 -11.23
CA ASP D 393 9.22 -30.09 -11.79
C ASP D 393 8.90 -31.46 -12.39
N THR D 408 25.00 -24.38 -1.10
CA THR D 408 25.31 -23.04 -0.58
C THR D 408 24.63 -22.75 0.77
N GLN D 409 25.37 -22.10 1.65
CA GLN D 409 24.89 -21.74 2.97
C GLN D 409 24.17 -20.38 2.90
N ILE D 410 23.69 -19.89 4.04
CA ILE D 410 23.41 -18.47 4.22
C ILE D 410 24.31 -17.99 5.34
N GLU D 411 25.31 -17.19 4.98
CA GLU D 411 26.28 -16.71 5.96
C GLU D 411 25.78 -15.43 6.63
N LEU D 412 25.73 -15.46 7.94
CA LEU D 412 25.49 -14.28 8.74
C LEU D 412 26.85 -13.79 9.24
N MET D 413 27.04 -12.48 9.21
CA MET D 413 28.31 -11.90 9.62
C MET D 413 28.18 -11.11 10.93
N GLN D 414 29.02 -11.44 11.90
CA GLN D 414 29.00 -10.74 13.17
C GLN D 414 29.81 -9.44 13.06
N LYS D 415 29.64 -8.55 14.04
CA LYS D 415 30.39 -7.28 14.06
C LYS D 415 31.89 -7.56 14.00
N ASP D 416 32.27 -8.65 14.68
CA ASP D 416 33.54 -9.35 14.59
C ASP D 416 34.19 -9.37 13.21
N GLY D 417 33.37 -9.59 12.19
CA GLY D 417 33.83 -9.95 10.85
C GLY D 417 33.67 -11.43 10.55
N SER D 418 33.48 -12.24 11.59
CA SER D 418 33.38 -13.68 11.39
C SER D 418 31.98 -14.13 10.96
N LEU D 419 31.91 -15.33 10.40
CA LEU D 419 30.69 -15.85 9.81
C LEU D 419 30.04 -16.96 10.64
N VAL D 420 28.72 -16.97 10.61
CA VAL D 420 27.93 -18.03 11.23
C VAL D 420 26.81 -18.38 10.26
N GLU D 421 26.60 -19.67 10.02
CA GLU D 421 25.50 -20.12 9.17
C GLU D 421 24.18 -19.94 9.88
N LEU D 422 23.16 -19.58 9.12
CA LEU D 422 21.83 -19.31 9.66
C LEU D 422 21.30 -20.42 10.58
N ALA D 423 21.55 -21.67 10.20
CA ALA D 423 20.98 -22.81 10.89
C ALA D 423 21.49 -22.90 12.31
N THR D 424 22.72 -22.46 12.52
CA THR D 424 23.33 -22.45 13.85
C THR D 424 22.57 -21.56 14.82
N VAL D 425 22.06 -20.43 14.33
CA VAL D 425 21.34 -19.48 15.17
C VAL D 425 19.83 -19.67 15.10
N SER D 426 19.36 -20.31 14.03
CA SER D 426 17.94 -20.41 13.75
C SER D 426 17.58 -21.73 13.06
N PRO D 427 17.79 -22.86 13.77
CA PRO D 427 17.65 -24.19 13.14
C PRO D 427 16.26 -24.61 12.67
N LEU D 428 15.21 -24.24 13.42
CA LEU D 428 13.87 -24.69 13.12
C LEU D 428 13.33 -23.98 11.89
N VAL D 429 13.73 -22.71 11.72
CA VAL D 429 13.43 -21.96 10.50
C VAL D 429 14.31 -22.47 9.34
N ALA D 430 15.58 -22.77 9.60
CA ALA D 430 16.45 -23.37 8.59
C ALA D 430 15.89 -24.70 8.11
N ALA D 431 15.32 -25.47 9.03
CA ALA D 431 14.63 -26.72 8.71
C ALA D 431 13.51 -26.54 7.66
N LEU D 432 12.83 -25.39 7.67
CA LEU D 432 11.74 -25.13 6.72
C LEU D 432 12.26 -25.09 5.29
N ALA D 433 13.38 -24.40 5.10
CA ALA D 433 14.01 -24.27 3.79
C ALA D 433 14.40 -25.62 3.21
N GLY D 434 14.94 -26.51 4.04
CA GLY D 434 15.39 -27.82 3.60
C GLY D 434 14.35 -28.92 3.44
N GLN D 435 13.10 -28.64 3.82
CA GLN D 435 12.03 -29.66 3.80
C GLN D 435 11.71 -30.20 2.41
N SER D 436 11.08 -31.37 2.36
CA SER D 436 10.72 -32.02 1.10
C SER D 436 9.58 -31.27 0.39
N GLN D 437 8.48 -31.07 1.12
CA GLN D 437 7.26 -30.44 0.58
C GLN D 437 6.74 -31.20 -0.64
N GLY D 438 7.27 -32.41 -0.83
CA GLY D 438 6.86 -33.31 -1.89
C GLY D 438 5.39 -33.62 -1.78
N ASP D 439 4.63 -33.11 -2.75
CA ASP D 439 3.18 -33.26 -2.76
C ASP D 439 2.79 -34.34 -3.76
N GLU D 440 3.03 -35.60 -3.35
CA GLU D 440 2.95 -36.77 -4.23
C GLU D 440 1.52 -37.14 -4.62
N ARG D 441 1.26 -37.21 -5.93
CA ARG D 441 -0.11 -37.25 -6.42
C ARG D 441 -0.34 -38.14 -7.63
N PHE D 442 -1.58 -38.60 -7.72
CA PHE D 442 -2.06 -39.40 -8.84
C PHE D 442 -3.16 -38.61 -9.55
N TYR D 443 -3.01 -38.39 -10.85
CA TYR D 443 -3.92 -37.58 -11.66
C TYR D 443 -4.80 -38.41 -12.57
N PHE D 444 -6.06 -38.00 -12.70
CA PHE D 444 -7.07 -38.75 -13.42
C PHE D 444 -8.17 -37.78 -13.84
N PRO D 445 -9.02 -38.17 -14.81
CA PRO D 445 -10.10 -37.26 -15.21
C PRO D 445 -11.18 -37.07 -14.13
N LYS D 446 -11.63 -35.83 -13.97
CA LYS D 446 -12.72 -35.47 -13.06
C LYS D 446 -13.98 -36.33 -13.29
N GLU D 447 -14.17 -36.77 -14.54
CA GLU D 447 -15.29 -37.61 -14.96
C GLU D 447 -15.43 -38.91 -14.15
N MET D 448 -14.29 -39.40 -13.64
CA MET D 448 -14.24 -40.62 -12.85
C MET D 448 -14.90 -40.46 -11.47
N LEU D 449 -15.29 -39.23 -11.14
CA LEU D 449 -15.85 -38.92 -9.82
C LEU D 449 -17.34 -38.62 -9.87
N ASP D 450 -17.94 -38.50 -8.68
CA ASP D 450 -19.37 -38.21 -8.54
C ASP D 450 -19.58 -36.85 -7.87
N ASP D 458 -23.54 -42.21 -20.25
CA ASP D 458 -23.05 -43.57 -20.46
C ASP D 458 -23.76 -44.61 -19.58
N LEU D 459 -23.14 -45.79 -19.40
CA LEU D 459 -23.74 -46.84 -18.59
C LEU D 459 -22.82 -47.49 -17.53
N PHE D 460 -21.64 -46.91 -17.32
CA PHE D 460 -20.74 -47.40 -16.26
C PHE D 460 -20.73 -46.55 -14.99
N ASP D 461 -21.91 -46.36 -14.41
CA ASP D 461 -22.01 -45.61 -13.15
C ASP D 461 -21.51 -46.43 -11.97
N GLU D 462 -21.68 -47.75 -12.02
CA GLU D 462 -21.18 -48.64 -10.96
C GLU D 462 -19.66 -48.61 -10.90
N THR D 463 -19.02 -48.33 -12.04
CA THR D 463 -17.57 -48.16 -12.17
C THR D 463 -17.09 -46.84 -11.53
N TYR D 464 -17.85 -45.77 -11.73
CA TYR D 464 -17.48 -44.48 -11.15
C TYR D 464 -17.57 -44.51 -9.62
N ARG D 465 -18.60 -45.20 -9.11
CA ARG D 465 -18.77 -45.43 -7.66
C ARG D 465 -17.72 -46.39 -7.10
N GLU D 466 -17.26 -47.32 -7.93
CA GLU D 466 -16.14 -48.20 -7.57
C GLU D 466 -14.84 -47.40 -7.52
N PHE D 467 -14.64 -46.54 -8.52
CA PHE D 467 -13.46 -45.69 -8.58
C PHE D 467 -13.38 -44.72 -7.41
N SER D 468 -14.47 -43.99 -7.17
CA SER D 468 -14.48 -42.96 -6.14
C SER D 468 -14.43 -43.52 -4.72
N SER D 469 -14.61 -44.84 -4.58
CA SER D 469 -14.45 -45.52 -3.30
C SER D 469 -12.99 -45.56 -2.84
N TYR D 470 -12.06 -45.43 -3.78
CA TYR D 470 -10.62 -45.40 -3.47
C TYR D 470 -10.11 -43.98 -3.20
N ILE D 471 -11.03 -43.03 -3.09
CA ILE D 471 -10.70 -41.62 -2.82
C ILE D 471 -11.51 -41.15 -1.62
N HIS D 472 -10.82 -40.78 -0.55
CA HIS D 472 -11.49 -40.17 0.60
C HIS D 472 -10.77 -38.89 0.98
N ASN D 473 -11.50 -37.77 0.84
CA ASN D 473 -10.99 -36.42 1.10
C ASN D 473 -9.71 -36.11 0.32
N GLY D 474 -9.75 -36.40 -0.98
CA GLY D 474 -8.63 -36.11 -1.88
C GLY D 474 -7.42 -36.99 -1.64
N ALA D 475 -7.61 -38.04 -0.85
CA ALA D 475 -6.53 -38.97 -0.54
C ALA D 475 -6.86 -40.36 -1.05
N LEU D 476 -5.90 -40.95 -1.74
CA LEU D 476 -6.03 -42.28 -2.31
C LEU D 476 -6.12 -43.34 -1.21
N VAL D 477 -7.16 -44.16 -1.26
CA VAL D 477 -7.37 -45.25 -0.30
C VAL D 477 -6.88 -46.56 -0.92
N LEU D 478 -5.97 -47.23 -0.23
CA LEU D 478 -5.32 -48.44 -0.75
C LEU D 478 -6.11 -49.71 -0.44
N LYS D 479 -6.65 -50.33 -1.49
CA LYS D 479 -7.39 -51.59 -1.37
C LYS D 479 -7.19 -52.51 -2.59
N LYS D 480 -7.93 -53.62 -2.61
CA LYS D 480 -7.78 -54.69 -3.62
C LYS D 480 -8.03 -54.24 -5.07
CA CA E . -5.71 -3.84 23.93
PG DGT F . 24.61 4.88 17.86
O1G DGT F . 24.07 5.66 16.66
O2G DGT F . 24.55 5.66 19.16
O3G DGT F . 25.92 4.17 17.61
O3B DGT F . 23.59 3.66 18.11
PB DGT F . 22.34 3.24 17.19
O1B DGT F . 22.19 1.73 17.26
O2B DGT F . 22.47 3.90 15.85
O3A DGT F . 21.10 3.82 18.04
PA DGT F . 20.39 5.25 17.84
O1A DGT F . 20.01 5.72 19.22
O2A DGT F . 21.22 6.18 16.98
O5' DGT F . 19.06 4.91 17.00
C5' DGT F . 18.72 3.60 16.54
C4' DGT F . 17.49 3.64 15.66
O4' DGT F . 16.53 4.57 16.16
C3' DGT F . 17.85 4.07 14.25
O3' DGT F . 17.46 3.04 13.33
C2' DGT F . 17.03 5.30 13.97
C1' DGT F . 15.97 5.29 15.06
N9 DGT F . 15.60 6.66 15.51
C8 DGT F . 14.34 7.16 15.57
N7 DGT F . 14.35 8.44 16.03
C5 DGT F . 15.63 8.76 16.27
C6 DGT F . 16.34 9.95 16.76
O6 DGT F . 15.66 10.94 17.07
N1 DGT F . 17.69 9.91 16.86
C2 DGT F . 18.39 8.80 16.54
N2 DGT F . 19.74 8.82 16.66
N3 DGT F . 17.81 7.66 16.08
C4 DGT F . 16.46 7.58 15.93
PG DGT G . -23.51 15.65 16.65
O1G DGT G . -24.39 16.33 15.62
O2G DGT G . -24.17 14.46 17.32
O3G DGT G . -22.77 16.58 17.60
O3B DGT G . -22.35 14.93 15.78
PB DGT G . -21.23 15.72 14.94
O1B DGT G . -21.66 17.13 14.64
O2B DGT G . -20.86 14.82 13.79
O3A DGT G . -19.96 15.90 15.92
PA DGT G . -19.14 14.76 16.71
O1A DGT G . -19.94 13.50 16.80
O2A DGT G . -18.68 15.39 18.00
O5' DGT G . -17.82 14.53 15.83
C5' DGT G . -17.76 14.53 14.41
C4' DGT G . -16.89 13.35 13.96
O4' DGT G . -15.70 13.23 14.74
C3' DGT G . -17.60 12.02 14.16
O3' DGT G . -18.45 11.72 13.05
C2' DGT G . -16.47 11.01 14.29
C1' DGT G . -15.28 11.86 14.73
N9 DGT G . -14.77 11.51 16.07
C8 DGT G . -13.46 11.21 16.33
N7 DGT G . -13.28 10.95 17.65
C5 DGT G . -14.48 11.08 18.26
C6 DGT G . -14.98 10.94 19.65
O6 DGT G . -14.21 10.64 20.57
N1 DGT G . -16.28 11.18 19.87
C2 DGT G . -17.15 11.52 18.89
N2 DGT G . -18.45 11.72 19.21
N3 DGT G . -16.76 11.66 17.59
C4 DGT G . -15.46 11.47 17.22
CA CA H . 6.41 22.25 7.62
PG DTP I . -0.53 27.79 7.28
O1G DTP I . -1.98 27.84 6.62
O2G DTP I . 0.18 29.43 7.23
O3G DTP I . 0.53 26.68 6.35
PB DTP I . 0.67 27.06 9.73
O1B DTP I . 0.52 27.78 11.14
O2B DTP I . 2.10 27.69 8.87
O3B DTP I . -0.65 27.28 8.81
PA DTP I . 1.86 24.53 9.29
O1A DTP I . 3.16 25.38 8.96
O2A DTP I . 2.27 23.14 10.33
O3A DTP I . 0.75 25.47 9.98
O5' DTP I . 1.13 24.06 7.93
C5' DTP I . 0.40 22.84 7.89
C4' DTP I . -0.94 22.93 7.17
O4' DTP I . -1.88 22.10 7.85
C3' DTP I . -1.55 24.32 7.10
O3' DTP I . -1.76 24.72 5.75
C2' DTP I . -2.91 24.24 7.76
C1' DTP I . -3.01 22.84 8.32
N9 DTP I . -3.03 22.93 9.80
C8 DTP I . -1.98 23.15 10.60
N7 DTP I . -2.39 23.17 11.89
C5 DTP I . -3.73 22.94 11.89
C6 DTP I . -4.70 22.85 12.89
N6 DTP I . -4.35 22.99 14.18
N1 DTP I . -5.99 22.62 12.54
C2 DTP I . -6.35 22.48 11.26
N3 DTP I . -5.42 22.56 10.28
C4 DTP I . -4.13 22.80 10.57
CA CA J . -15.40 -3.95 -18.95
PG DGT K . 13.14 8.06 -27.09
O1G DGT K . 13.17 9.57 -26.92
O2G DGT K . 14.50 7.42 -27.25
O3G DGT K . 12.10 7.55 -28.06
O3B DGT K . 12.62 7.53 -25.65
PB DGT K . 11.11 7.75 -25.15
O1B DGT K . 10.49 8.89 -25.93
O2B DGT K . 11.11 7.82 -23.65
O3A DGT K . 10.35 6.41 -25.66
PA DGT K . 10.62 4.89 -25.15
O1A DGT K . 11.95 4.86 -24.45
O2A DGT K . 10.38 3.99 -26.33
O5' DGT K . 9.44 4.71 -24.09
C5' DGT K . 9.59 5.29 -22.80
C4' DGT K . 8.60 4.82 -21.76
O4' DGT K . 8.20 3.48 -21.96
C3' DGT K . 9.31 4.85 -20.42
O3' DGT K . 8.41 5.36 -19.43
C2' DGT K . 9.64 3.40 -20.10
C1' DGT K . 8.54 2.65 -20.84
N9 DGT K . 8.95 1.29 -21.27
C8 DGT K . 8.34 0.13 -20.91
N7 DGT K . 8.93 -0.94 -21.50
C5 DGT K . 9.93 -0.46 -22.26
C6 DGT K . 10.97 -1.04 -23.16
O6 DGT K . 11.02 -2.27 -23.33
N1 DGT K . 11.84 -0.20 -23.77
C2 DGT K . 11.79 1.16 -23.59
N2 DGT K . 12.67 1.98 -24.21
N3 DGT K . 10.87 1.74 -22.79
C4 DGT K . 9.94 1.00 -22.11
PG DGT L . -14.14 -28.37 -7.69
O1G DGT L . -14.05 -27.84 -6.26
O2G DGT L . -15.04 -27.51 -8.57
O3G DGT L . -14.44 -29.85 -7.78
O3B DGT L . -12.65 -28.26 -8.33
PB DGT L . -11.38 -27.65 -7.56
O1B DGT L . -10.49 -28.81 -7.18
O2B DGT L . -11.81 -26.66 -6.51
O3A DGT L . -10.54 -26.85 -8.68
PA DGT L . -11.06 -25.63 -9.61
O1A DGT L . -12.38 -25.08 -9.12
O2A DGT L . -10.94 -26.14 -11.03
O5' DGT L . -9.94 -24.50 -9.39
C5' DGT L . -9.23 -24.34 -8.16
C4' DGT L . -9.17 -22.87 -7.80
O4' DGT L . -8.70 -22.12 -8.93
C3' DGT L . -10.55 -22.33 -7.48
O3' DGT L . -10.75 -22.30 -6.06
C2' DGT L . -10.58 -20.92 -8.07
C1' DGT L . -9.37 -20.85 -8.98
N9 DGT L . -9.73 -20.52 -10.38
C8 DGT L . -9.11 -19.59 -11.14
N7 DGT L . -9.66 -19.50 -12.38
C5 DGT L . -10.67 -20.39 -12.43
C6 DGT L . -11.68 -20.83 -13.42
O6 DGT L . -11.68 -20.30 -14.55
N1 DGT L . -12.55 -21.79 -13.08
C2 DGT L . -12.55 -22.38 -11.86
N2 DGT L . -13.45 -23.34 -11.58
N3 DGT L . -11.66 -22.04 -10.89
C4 DGT L . -10.72 -21.08 -11.11
CA CA M . 14.94 -15.47 -12.79
PG DTP N . 13.39 -24.79 -9.98
O1G DTP N . 14.91 -25.23 -9.82
O2G DTP N . 12.51 -26.05 -10.88
O3G DTP N . 12.67 -24.57 -8.36
PB DTP N . 13.83 -23.26 -12.30
O1B DTP N . 15.21 -24.03 -12.52
O2B DTP N . 12.59 -23.89 -13.41
O3B DTP N . 13.31 -23.38 -10.77
PA DTP N . 12.76 -20.70 -12.71
O1A DTP N . 11.57 -21.44 -13.49
O2A DTP N . 13.26 -19.26 -13.63
O3A DTP N . 14.03 -21.68 -12.52
O5' DTP N . 12.32 -20.33 -11.22
C5' DTP N . 11.02 -19.80 -10.95
C4' DTP N . 10.39 -20.35 -9.67
O4' DTP N . 8.98 -20.10 -9.73
C3' DTP N . 10.55 -21.86 -9.48
O3' DTP N . 11.47 -22.17 -8.43
C2' DTP N . 9.18 -22.38 -9.12
C1' DTP N . 8.22 -21.31 -9.61
N9 DTP N . 7.62 -21.73 -10.92
C8 DTP N . 8.16 -21.51 -12.13
N7 DTP N . 7.35 -22.02 -13.08
C5 DTP N . 6.29 -22.54 -12.45
C6 DTP N . 5.15 -23.20 -12.91
N6 DTP N . 4.97 -23.38 -14.24
N1 DTP N . 4.23 -23.64 -12.02
C2 DTP N . 4.40 -23.45 -10.70
N3 DTP N . 5.51 -22.83 -10.24
C4 DTP N . 6.46 -22.37 -11.10
#